data_8C7F
#
_entry.id   8C7F
#
_cell.length_a   98.350
_cell.length_b   100.890
_cell.length_c   179.110
_cell.angle_alpha   90.000
_cell.angle_beta   90.000
_cell.angle_gamma   90.000
#
_symmetry.space_group_name_H-M   'P 21 2 21'
#
loop_
_entity.id
_entity.type
_entity.pdbx_description
1 polymer Xylosidase
2 branched beta-D-xylopyranose-(1-4)-beta-D-xylopyranose-(1-4)-beta-D-xylopyranose
3 branched beta-D-xylopyranose-(1-4)-beta-D-xylopyranose-(1-4)-beta-D-xylopyranose-(1-4)-beta-D-xylopyranose
4 non-polymer (4S)-2-METHYL-2,4-PENTANEDIOL
5 water water
#
_entity_poly.entity_id   1
_entity_poly.type   'polypeptide(L)'
_entity_poly.pdbx_seq_one_letter_code
;MELYRDPSQPIEVRVRDLLSRMTLEEKVAQLGSVWGYELIDERGKFSREKAKELLKNGIGQITRPGGSTNLEPQEAAELV
NEIQRFLVEETRLGIPAMIHEECLTGYMGLGGTNFPQAIAMASTWDPDLIEKMTTAVREDMRKIGAHQGLAPVLDVARDP
RWGRTEETFGESPYLVARMGVSYVKGLQGEDIKKGVVATVKHFAGYSASEGGKNWAPTNIPEREFKEVFLFPFEAAVKEA
NVLSVMNSYSEIDGVPCAANRKLLTDILRKDWGFEGIVVSNYFAVKVLEDYHRIARDKSEAARLALEAGIDVELPKTECY
QYLKDLVEKGIISEALIDEAVTRVLRLKFMLGLFENPYVEVEKAKIESHRDIALEIARKSIILLKNDGILPLQKNKKVAL
IGPNAGEVRNLLGDYMYLAHIRALLDNIDDVFGNPQIPRENYERLKKSIEEHMKSIPSVLDAFKEEGIEFEYAKGCEVTG
EDRSGFEEAIEIAKKSDVAIVVVGDKSGLTLDCTTGQSRDMANLKLPGVQEELVLEVAKTGKPVVLVLITGRPYSLKNVV
DKVNAILQVWLPGEAGGRAIVDIIYGKVNPSGKLPISFPRSAGQIPVFHYVKPSGGRSHWHGDYVDESTKPLFPFGHGLS
YTKFEYSNLRIEPKEVPPAGEVVIKVDVENIGDRDGDEVVQLYIGREFASVTRPVKELKGFKRVSLKAKEKKTVVFRLHM
DVLAYYNRDMKLVVEPGEFKVMVGSSSEDIRLTGSFSVVGEKREVVGMRKFFTEACEEAA
;
_entity_poly.pdbx_strand_id   A,B
#
loop_
_chem_comp.id
_chem_comp.type
_chem_comp.name
_chem_comp.formula
MPD non-polymer (4S)-2-METHYL-2,4-PENTANEDIOL 'C6 H14 O2'
XYP D-saccharide, beta linking beta-D-xylopyranose 'C5 H10 O5'
#
# COMPACT_ATOMS: atom_id res chain seq x y z
N MET A 1 -40.65 -2.39 -44.39
CA MET A 1 -39.20 -2.60 -44.12
C MET A 1 -39.10 -3.43 -42.85
N GLU A 2 -37.95 -4.07 -42.64
CA GLU A 2 -37.70 -4.80 -41.40
C GLU A 2 -37.84 -3.86 -40.23
N LEU A 3 -38.34 -4.37 -39.10
CA LEU A 3 -38.55 -3.51 -37.94
C LEU A 3 -37.24 -2.81 -37.55
N TYR A 4 -36.09 -3.49 -37.63
CA TYR A 4 -34.89 -2.86 -37.11
C TYR A 4 -34.49 -1.64 -37.93
N ARG A 5 -34.96 -1.57 -39.19
CA ARG A 5 -34.63 -0.45 -40.03
C ARG A 5 -35.59 0.71 -39.85
N ASP A 6 -36.66 0.53 -39.06
CA ASP A 6 -37.75 1.50 -39.01
C ASP A 6 -37.57 2.44 -37.80
N PRO A 7 -37.20 3.72 -38.00
CA PRO A 7 -37.00 4.67 -36.92
C PRO A 7 -38.26 5.07 -36.13
N SER A 8 -39.45 4.66 -36.59
CA SER A 8 -40.65 4.93 -35.83
C SER A 8 -40.86 3.89 -34.72
N GLN A 9 -40.07 2.80 -34.76
CA GLN A 9 -40.19 1.78 -33.74
C GLN A 9 -39.31 2.13 -32.53
N PRO A 10 -39.74 1.77 -31.32
CA PRO A 10 -38.90 1.96 -30.13
C PRO A 10 -37.61 1.17 -30.26
N ILE A 11 -36.55 1.69 -29.66
CA ILE A 11 -35.26 1.05 -29.84
C ILE A 11 -35.31 -0.40 -29.39
N GLU A 12 -36.03 -0.71 -28.31
CA GLU A 12 -36.03 -2.08 -27.79
C GLU A 12 -36.59 -3.01 -28.87
N VAL A 13 -37.60 -2.56 -29.62
CA VAL A 13 -38.19 -3.36 -30.69
C VAL A 13 -37.18 -3.59 -31.82
N ARG A 14 -36.44 -2.54 -32.18
CA ARG A 14 -35.44 -2.61 -33.22
C ARG A 14 -34.30 -3.56 -32.85
N VAL A 15 -33.86 -3.46 -31.59
CA VAL A 15 -32.82 -4.34 -31.08
C VAL A 15 -33.27 -5.79 -31.17
N ARG A 16 -34.47 -6.10 -30.67
CA ARG A 16 -34.89 -7.50 -30.61
C ARG A 16 -35.01 -8.04 -32.03
N ASP A 17 -35.54 -7.22 -32.96
CA ASP A 17 -35.71 -7.64 -34.34
C ASP A 17 -34.36 -7.96 -34.96
N LEU A 18 -33.42 -7.01 -34.83
CA LEU A 18 -32.09 -7.22 -35.38
C LEU A 18 -31.44 -8.47 -34.82
N LEU A 19 -31.44 -8.62 -33.51
CA LEU A 19 -30.78 -9.77 -32.89
C LEU A 19 -31.36 -11.07 -33.44
N SER A 20 -32.69 -11.08 -33.65
CA SER A 20 -33.37 -12.27 -34.12
C SER A 20 -32.94 -12.65 -35.53
N ARG A 21 -32.35 -11.72 -36.30
CA ARG A 21 -31.97 -11.94 -37.68
C ARG A 21 -30.51 -12.34 -37.83
N MET A 22 -29.71 -12.23 -36.75
CA MET A 22 -28.27 -12.35 -36.83
C MET A 22 -27.84 -13.82 -36.68
N THR A 23 -26.83 -14.21 -37.44
CA THR A 23 -26.13 -15.46 -37.21
C THR A 23 -25.24 -15.32 -35.97
N LEU A 24 -24.77 -16.46 -35.46
CA LEU A 24 -23.79 -16.46 -34.37
C LEU A 24 -22.54 -15.67 -34.75
N GLU A 25 -22.02 -15.88 -35.96
CA GLU A 25 -20.83 -15.19 -36.42
C GLU A 25 -21.05 -13.68 -36.40
N GLU A 26 -22.21 -13.25 -36.93
CA GLU A 26 -22.50 -11.82 -36.95
C GLU A 26 -22.62 -11.22 -35.55
N LYS A 27 -23.19 -12.01 -34.61
CA LYS A 27 -23.26 -11.57 -33.22
C LYS A 27 -21.87 -11.38 -32.63
N VAL A 28 -21.00 -12.38 -32.77
CA VAL A 28 -19.66 -12.33 -32.19
C VAL A 28 -18.88 -11.15 -32.80
N ALA A 29 -19.14 -10.83 -34.09
CA ALA A 29 -18.45 -9.74 -34.74
C ALA A 29 -18.75 -8.38 -34.08
N GLN A 30 -19.96 -8.22 -33.55
CA GLN A 30 -20.35 -7.00 -32.88
C GLN A 30 -19.61 -6.81 -31.55
N LEU A 31 -18.95 -7.87 -31.05
CA LEU A 31 -18.24 -7.78 -29.78
C LEU A 31 -16.74 -7.55 -29.98
N GLY A 32 -16.32 -7.30 -31.22
CA GLY A 32 -14.94 -7.07 -31.52
C GLY A 32 -14.68 -5.75 -32.23
N SER A 33 -13.42 -5.63 -32.70
CA SER A 33 -12.89 -4.38 -33.19
C SER A 33 -11.78 -4.62 -34.22
N VAL A 34 -11.53 -3.54 -34.97
CA VAL A 34 -10.46 -3.45 -35.96
C VAL A 34 -9.77 -2.10 -35.78
N TRP A 35 -8.44 -2.04 -35.91
CA TRP A 35 -7.72 -0.78 -35.90
C TRP A 35 -8.00 0.03 -37.17
N GLY A 36 -8.10 1.36 -37.02
CA GLY A 36 -8.15 2.24 -38.19
C GLY A 36 -7.03 1.95 -39.20
N TYR A 37 -5.82 1.79 -38.71
CA TYR A 37 -4.66 1.65 -39.61
C TYR A 37 -4.72 0.35 -40.39
N GLU A 38 -5.54 -0.63 -39.99
CA GLU A 38 -5.66 -1.90 -40.71
C GLU A 38 -6.56 -1.75 -41.94
N LEU A 39 -7.24 -0.61 -42.10
CA LEU A 39 -8.24 -0.43 -43.13
C LEU A 39 -7.81 0.63 -44.16
N ILE A 40 -6.54 1.04 -44.13
CA ILE A 40 -6.05 2.04 -45.08
C ILE A 40 -4.94 1.47 -45.93
N ASP A 41 -4.80 2.03 -47.14
CA ASP A 41 -3.65 1.77 -48.01
C ASP A 41 -2.50 2.71 -47.64
N GLU A 42 -1.41 2.62 -48.42
CA GLU A 42 -0.20 3.40 -48.20
C GLU A 42 -0.43 4.90 -48.38
N ARG A 43 -1.56 5.31 -49.00
CA ARG A 43 -1.87 6.72 -49.17
C ARG A 43 -2.90 7.20 -48.16
N GLY A 44 -3.22 6.38 -47.14
CA GLY A 44 -4.12 6.79 -46.07
C GLY A 44 -5.58 6.76 -46.49
N LYS A 45 -5.86 6.03 -47.58
CA LYS A 45 -7.22 5.94 -48.09
C LYS A 45 -7.80 4.59 -47.70
N PHE A 46 -9.11 4.56 -47.50
CA PHE A 46 -9.82 3.31 -47.25
C PHE A 46 -9.45 2.27 -48.30
N SER A 47 -9.15 1.06 -47.81
CA SER A 47 -8.87 -0.11 -48.63
C SER A 47 -10.03 -1.10 -48.58
N ARG A 48 -10.81 -1.17 -49.67
CA ARG A 48 -11.85 -2.17 -49.80
C ARG A 48 -11.30 -3.61 -49.68
N GLU A 49 -10.10 -3.85 -50.20
CA GLU A 49 -9.46 -5.17 -50.12
C GLU A 49 -9.27 -5.59 -48.67
N LYS A 50 -8.79 -4.67 -47.83
CA LYS A 50 -8.58 -4.99 -46.43
C LYS A 50 -9.92 -5.14 -45.72
N ALA A 51 -10.89 -4.27 -46.04
CA ALA A 51 -12.22 -4.33 -45.44
C ALA A 51 -12.93 -5.64 -45.72
N LYS A 52 -12.78 -6.17 -46.94
CA LYS A 52 -13.45 -7.42 -47.30
C LYS A 52 -13.07 -8.54 -46.33
N GLU A 53 -11.84 -8.56 -45.83
CA GLU A 53 -11.42 -9.60 -44.90
C GLU A 53 -11.91 -9.23 -43.49
N LEU A 54 -11.67 -7.98 -43.07
CA LEU A 54 -11.76 -7.63 -41.65
C LEU A 54 -13.20 -7.27 -41.26
N LEU A 55 -14.03 -6.82 -42.21
CA LEU A 55 -15.37 -6.30 -41.91
C LEU A 55 -16.49 -7.13 -42.53
N LYS A 56 -16.15 -8.30 -43.08
CA LYS A 56 -17.09 -8.99 -43.95
C LYS A 56 -18.40 -9.31 -43.23
N ASN A 57 -18.35 -9.60 -41.91
CA ASN A 57 -19.54 -9.93 -41.16
C ASN A 57 -19.90 -8.82 -40.17
N GLY A 58 -19.43 -7.60 -40.45
CA GLY A 58 -19.70 -6.46 -39.57
C GLY A 58 -18.64 -6.39 -38.47
N ILE A 59 -18.78 -5.35 -37.62
CA ILE A 59 -17.82 -5.12 -36.57
C ILE A 59 -18.48 -4.31 -35.47
N GLY A 60 -18.00 -4.53 -34.24
CA GLY A 60 -18.39 -3.70 -33.12
C GLY A 60 -17.83 -2.30 -33.26
N GLN A 61 -16.51 -2.18 -33.14
CA GLN A 61 -15.86 -0.86 -33.17
C GLN A 61 -14.67 -0.78 -34.13
N ILE A 62 -14.42 0.45 -34.58
CA ILE A 62 -13.16 0.82 -35.19
C ILE A 62 -12.34 1.57 -34.16
N THR A 63 -11.12 1.09 -33.88
CA THR A 63 -10.23 1.69 -32.92
C THR A 63 -9.42 2.82 -33.58
N ARG A 64 -9.64 4.06 -33.12
CA ARG A 64 -8.77 5.19 -33.43
C ARG A 64 -8.54 5.34 -34.95
N PRO A 65 -9.60 5.52 -35.74
CA PRO A 65 -9.40 5.84 -37.18
C PRO A 65 -8.62 7.13 -37.40
N GLY A 66 -8.71 8.11 -36.48
CA GLY A 66 -7.85 9.28 -36.52
C GLY A 66 -6.55 9.08 -35.75
N GLY A 67 -6.65 8.58 -34.51
CA GLY A 67 -5.49 8.47 -33.65
C GLY A 67 -4.42 7.47 -34.13
N SER A 68 -4.77 6.47 -34.93
CA SER A 68 -3.82 5.42 -35.28
C SER A 68 -3.31 5.53 -36.72
N THR A 69 -3.78 6.54 -37.45
CA THR A 69 -3.53 6.66 -38.89
C THR A 69 -2.72 7.91 -39.25
N ASN A 70 -2.52 8.84 -38.31
CA ASN A 70 -1.89 10.13 -38.57
C ASN A 70 -2.60 10.87 -39.72
N LEU A 71 -3.90 10.68 -39.86
CA LEU A 71 -4.68 11.44 -40.84
C LEU A 71 -5.13 12.77 -40.26
N GLU A 72 -5.15 13.80 -41.12
CA GLU A 72 -5.74 15.08 -40.76
C GLU A 72 -7.26 14.88 -40.65
N PRO A 73 -7.98 15.79 -39.96
CA PRO A 73 -9.41 15.58 -39.71
C PRO A 73 -10.30 15.29 -40.91
N GLN A 74 -10.13 15.98 -42.03
CA GLN A 74 -10.98 15.74 -43.18
C GLN A 74 -10.69 14.37 -43.80
N GLU A 75 -9.42 13.96 -43.81
CA GLU A 75 -9.03 12.63 -44.27
C GLU A 75 -9.54 11.52 -43.31
N ALA A 76 -9.55 11.79 -42.00
CA ALA A 76 -10.05 10.79 -41.06
C ALA A 76 -11.56 10.64 -41.23
N ALA A 77 -12.27 11.76 -41.46
CA ALA A 77 -13.70 11.73 -41.69
C ALA A 77 -14.03 10.96 -42.96
N GLU A 78 -13.23 11.16 -44.02
CA GLU A 78 -13.42 10.42 -45.25
C GLU A 78 -13.26 8.92 -45.02
N LEU A 79 -12.19 8.55 -44.30
CA LEU A 79 -11.95 7.14 -43.94
C LEU A 79 -13.16 6.55 -43.23
N VAL A 80 -13.63 7.25 -42.19
CA VAL A 80 -14.73 6.75 -41.40
C VAL A 80 -16.00 6.62 -42.25
N ASN A 81 -16.29 7.60 -43.10
CA ASN A 81 -17.43 7.48 -43.99
C ASN A 81 -17.32 6.26 -44.90
N GLU A 82 -16.12 5.98 -45.42
CA GLU A 82 -15.93 4.86 -46.33
C GLU A 82 -16.05 3.52 -45.61
N ILE A 83 -15.59 3.47 -44.34
CA ILE A 83 -15.79 2.29 -43.51
C ILE A 83 -17.28 2.07 -43.28
N GLN A 84 -18.01 3.13 -42.93
CA GLN A 84 -19.42 2.98 -42.64
C GLN A 84 -20.19 2.60 -43.93
N ARG A 85 -19.83 3.18 -45.06
CA ARG A 85 -20.53 2.83 -46.29
C ARG A 85 -20.32 1.34 -46.62
N PHE A 86 -19.11 0.84 -46.40
CA PHE A 86 -18.84 -0.58 -46.61
C PHE A 86 -19.72 -1.43 -45.67
N LEU A 87 -19.79 -1.06 -44.40
CA LEU A 87 -20.64 -1.83 -43.48
C LEU A 87 -22.11 -1.71 -43.86
N VAL A 88 -22.57 -0.51 -44.20
CA VAL A 88 -23.98 -0.28 -44.47
C VAL A 88 -24.40 -0.96 -45.77
N GLU A 89 -23.52 -0.94 -46.78
CA GLU A 89 -23.92 -1.34 -48.12
C GLU A 89 -23.39 -2.71 -48.53
N GLU A 90 -22.31 -3.20 -47.90
CA GLU A 90 -21.67 -4.42 -48.35
C GLU A 90 -21.59 -5.51 -47.28
N THR A 91 -22.35 -5.35 -46.17
CA THR A 91 -22.59 -6.49 -45.29
C THR A 91 -24.08 -6.84 -45.34
N ARG A 92 -24.39 -8.08 -44.99
CA ARG A 92 -25.72 -8.60 -45.07
C ARG A 92 -26.74 -7.76 -44.31
N LEU A 93 -26.44 -7.40 -43.05
CA LEU A 93 -27.40 -6.69 -42.23
C LEU A 93 -27.18 -5.18 -42.17
N GLY A 94 -26.00 -4.70 -42.60
CA GLY A 94 -25.73 -3.27 -42.71
C GLY A 94 -25.65 -2.57 -41.35
N ILE A 95 -25.09 -3.26 -40.34
CA ILE A 95 -24.90 -2.63 -39.04
C ILE A 95 -23.68 -1.72 -39.10
N PRO A 96 -23.82 -0.43 -38.75
CA PRO A 96 -22.67 0.48 -38.73
C PRO A 96 -21.77 0.22 -37.53
N ALA A 97 -20.55 0.75 -37.61
CA ALA A 97 -19.55 0.61 -36.56
C ALA A 97 -19.74 1.74 -35.56
N MET A 98 -19.35 1.53 -34.29
CA MET A 98 -19.01 2.62 -33.41
C MET A 98 -17.52 2.92 -33.58
N ILE A 99 -17.17 4.19 -33.60
CA ILE A 99 -15.78 4.63 -33.65
C ILE A 99 -15.40 5.17 -32.28
N HIS A 100 -14.25 4.73 -31.77
CA HIS A 100 -13.70 5.36 -30.58
C HIS A 100 -12.34 6.02 -30.86
N GLU A 101 -12.05 7.05 -30.06
CA GLU A 101 -10.73 7.68 -30.02
C GLU A 101 -10.32 7.91 -28.56
N GLU A 102 -9.03 8.14 -28.29
CA GLU A 102 -8.65 8.79 -27.04
C GLU A 102 -9.08 10.24 -27.10
N CYS A 103 -9.51 10.79 -25.95
CA CYS A 103 -9.81 12.21 -25.91
C CYS A 103 -9.58 12.86 -24.55
N LEU A 104 -8.83 12.24 -23.64
CA LEU A 104 -8.70 12.76 -22.29
C LEU A 104 -8.39 14.26 -22.28
N THR A 105 -7.33 14.64 -23.02
CA THR A 105 -6.88 16.02 -23.08
C THR A 105 -7.26 16.62 -24.44
N GLY A 106 -8.41 16.23 -24.97
CA GLY A 106 -8.82 16.55 -26.33
C GLY A 106 -8.65 15.35 -27.23
N TYR A 107 -9.42 15.34 -28.32
CA TYR A 107 -9.27 14.37 -29.38
C TYR A 107 -7.79 14.14 -29.68
N MET A 108 -7.34 12.89 -29.53
CA MET A 108 -5.97 12.53 -29.70
C MET A 108 -5.73 12.11 -31.14
N GLY A 109 -5.51 13.15 -31.94
CA GLY A 109 -5.27 12.98 -33.38
C GLY A 109 -4.82 14.32 -33.94
N LEU A 110 -4.29 14.32 -35.16
CA LEU A 110 -3.85 15.57 -35.76
C LEU A 110 -5.03 16.55 -35.86
N GLY A 111 -4.73 17.81 -35.54
CA GLY A 111 -5.68 18.90 -35.70
C GLY A 111 -6.45 19.23 -34.43
N GLY A 112 -6.39 18.37 -33.41
CA GLY A 112 -7.06 18.63 -32.14
C GLY A 112 -6.22 19.43 -31.16
N THR A 113 -6.88 20.37 -30.48
CA THR A 113 -6.25 21.12 -29.40
C THR A 113 -5.74 20.18 -28.30
N ASN A 114 -4.55 20.51 -27.78
CA ASN A 114 -3.93 19.84 -26.64
C ASN A 114 -4.28 20.65 -25.41
N PHE A 115 -5.30 20.20 -24.66
CA PHE A 115 -5.68 20.83 -23.42
C PHE A 115 -4.73 20.42 -22.30
N PRO A 116 -4.64 21.15 -21.17
CA PRO A 116 -3.88 20.68 -20.03
C PRO A 116 -4.32 19.32 -19.53
N GLN A 117 -3.37 18.62 -18.87
CA GLN A 117 -3.67 17.30 -18.34
C GLN A 117 -4.79 17.31 -17.31
N ALA A 118 -5.35 16.11 -17.06
CA ALA A 118 -6.44 15.95 -16.12
C ALA A 118 -6.08 16.48 -14.74
N ILE A 119 -4.82 16.26 -14.28
CA ILE A 119 -4.48 16.71 -12.94
C ILE A 119 -4.49 18.24 -12.88
N ALA A 120 -4.22 18.89 -14.03
CA ALA A 120 -4.39 20.33 -14.19
C ALA A 120 -5.86 20.71 -14.17
N MET A 121 -6.69 19.98 -14.92
CA MET A 121 -8.13 20.19 -14.85
C MET A 121 -8.63 20.22 -13.41
N ALA A 122 -8.24 19.22 -12.61
CA ALA A 122 -8.66 19.14 -11.23
C ALA A 122 -8.20 20.34 -10.41
N SER A 123 -6.97 20.77 -10.68
CA SER A 123 -6.35 21.89 -9.99
C SER A 123 -7.09 23.22 -10.21
N THR A 124 -7.93 23.29 -11.24
CA THR A 124 -8.81 24.45 -11.40
C THR A 124 -9.93 24.46 -10.38
N TRP A 125 -10.37 23.28 -9.89
CA TRP A 125 -11.55 23.22 -9.03
C TRP A 125 -12.73 23.93 -9.70
N ASP A 126 -12.84 23.79 -11.02
CA ASP A 126 -13.84 24.49 -11.82
C ASP A 126 -14.55 23.47 -12.71
N PRO A 127 -15.55 22.77 -12.14
CA PRO A 127 -16.28 21.76 -12.89
C PRO A 127 -16.93 22.28 -14.15
N ASP A 128 -17.56 23.46 -14.09
CA ASP A 128 -18.20 24.00 -15.28
C ASP A 128 -17.22 24.24 -16.43
N LEU A 129 -15.99 24.67 -16.12
CA LEU A 129 -14.98 24.88 -17.13
C LEU A 129 -14.63 23.56 -17.80
N ILE A 130 -14.54 22.49 -17.00
CA ILE A 130 -14.24 21.19 -17.59
C ILE A 130 -15.41 20.72 -18.47
N GLU A 131 -16.66 20.96 -18.06
CA GLU A 131 -17.82 20.62 -18.89
C GLU A 131 -17.78 21.42 -20.20
N LYS A 132 -17.32 22.69 -20.14
CA LYS A 132 -17.18 23.50 -21.36
C LYS A 132 -16.13 22.89 -22.28
N MET A 133 -15.02 22.45 -21.68
CA MET A 133 -13.98 21.78 -22.42
C MET A 133 -14.52 20.55 -23.15
N THR A 134 -15.21 19.63 -22.45
CA THR A 134 -15.59 18.38 -23.09
C THR A 134 -16.78 18.56 -24.05
N THR A 135 -17.53 19.65 -23.90
CA THR A 135 -18.54 20.01 -24.87
C THR A 135 -17.86 20.37 -26.20
N ALA A 136 -16.70 21.05 -26.12
CA ALA A 136 -15.93 21.35 -27.33
C ALA A 136 -15.32 20.08 -27.92
N VAL A 137 -14.78 19.21 -27.04
CA VAL A 137 -14.22 17.96 -27.50
C VAL A 137 -15.29 17.14 -28.22
N ARG A 138 -16.52 17.15 -27.69
CA ARG A 138 -17.66 16.47 -28.28
C ARG A 138 -17.79 16.91 -29.75
N GLU A 139 -17.77 18.22 -29.98
CA GLU A 139 -18.00 18.71 -31.34
C GLU A 139 -16.83 18.32 -32.25
N ASP A 140 -15.58 18.35 -31.75
CA ASP A 140 -14.42 17.93 -32.50
C ASP A 140 -14.56 16.48 -32.95
N MET A 141 -14.96 15.62 -32.01
CA MET A 141 -15.03 14.19 -32.26
C MET A 141 -16.15 13.87 -33.26
N ARG A 142 -17.29 14.50 -33.12
CA ARG A 142 -18.42 14.21 -34.01
C ARG A 142 -18.08 14.64 -35.44
N LYS A 143 -17.22 15.65 -35.59
N LYS A 143 -17.22 15.65 -35.60
CA LYS A 143 -16.85 16.12 -36.92
CA LYS A 143 -16.84 16.13 -36.91
C LYS A 143 -16.17 15.03 -37.74
C LYS A 143 -16.17 15.04 -37.74
N ILE A 144 -15.45 14.13 -37.07
CA ILE A 144 -14.73 13.09 -37.77
C ILE A 144 -15.46 11.76 -37.72
N GLY A 145 -16.69 11.74 -37.15
CA GLY A 145 -17.48 10.52 -37.10
C GLY A 145 -17.09 9.59 -35.94
N ALA A 146 -16.49 10.16 -34.88
CA ALA A 146 -16.17 9.38 -33.67
C ALA A 146 -17.33 9.46 -32.69
N HIS A 147 -17.65 8.32 -32.05
CA HIS A 147 -18.82 8.21 -31.22
C HIS A 147 -18.48 8.05 -29.72
N GLN A 148 -17.24 7.71 -29.40
CA GLN A 148 -16.89 7.34 -28.05
C GLN A 148 -15.48 7.83 -27.78
N GLY A 149 -15.29 8.49 -26.64
CA GLY A 149 -13.98 8.89 -26.19
C GLY A 149 -13.59 8.13 -24.92
N LEU A 150 -12.35 7.64 -24.88
CA LEU A 150 -11.93 6.80 -23.78
C LEU A 150 -11.45 7.66 -22.60
N ALA A 151 -12.37 8.39 -22.02
CA ALA A 151 -12.12 9.29 -20.92
C ALA A 151 -13.43 9.58 -20.19
N PRO A 152 -13.43 10.01 -18.90
CA PRO A 152 -12.23 10.35 -18.13
C PRO A 152 -11.66 9.22 -17.27
N VAL A 153 -10.48 9.47 -16.71
CA VAL A 153 -9.88 8.62 -15.71
C VAL A 153 -10.42 9.03 -14.35
N LEU A 154 -11.09 8.08 -13.66
CA LEU A 154 -11.65 8.32 -12.33
C LEU A 154 -10.88 7.57 -11.26
N ASP A 155 -9.69 7.05 -11.61
CA ASP A 155 -8.80 6.47 -10.64
C ASP A 155 -8.36 7.52 -9.61
N VAL A 156 -8.54 7.22 -8.32
CA VAL A 156 -8.19 8.15 -7.26
C VAL A 156 -6.74 7.90 -6.84
N ALA A 157 -5.88 8.93 -6.97
CA ALA A 157 -4.43 8.79 -6.84
C ALA A 157 -3.90 9.28 -5.52
N ARG A 158 -3.33 8.35 -4.72
CA ARG A 158 -2.62 8.72 -3.49
C ARG A 158 -1.18 8.22 -3.51
N ASP A 159 -0.72 7.76 -4.67
CA ASP A 159 0.63 7.24 -4.81
C ASP A 159 1.30 7.87 -6.03
N PRO A 160 2.04 8.96 -5.80
CA PRO A 160 2.59 9.71 -6.92
C PRO A 160 3.77 9.03 -7.62
N ARG A 161 4.23 7.87 -7.13
CA ARG A 161 5.17 7.04 -7.89
C ARG A 161 4.59 6.68 -9.24
N TRP A 162 3.26 6.47 -9.29
CA TRP A 162 2.60 5.94 -10.45
C TRP A 162 2.67 6.91 -11.62
N GLY A 163 3.11 6.40 -12.76
CA GLY A 163 3.29 7.24 -13.93
C GLY A 163 1.98 7.81 -14.51
N ARG A 164 0.82 7.25 -14.18
CA ARG A 164 -0.45 7.76 -14.69
C ARG A 164 -1.08 8.80 -13.77
N THR A 165 -0.36 9.24 -12.72
CA THR A 165 -0.89 10.28 -11.84
C THR A 165 -1.43 11.48 -12.63
N GLU A 166 -0.72 11.90 -13.69
CA GLU A 166 -1.12 13.09 -14.43
C GLU A 166 -2.49 12.96 -15.09
N GLU A 167 -2.94 11.72 -15.33
CA GLU A 167 -4.21 11.46 -15.99
C GLU A 167 -5.40 11.48 -15.03
N THR A 168 -5.12 11.58 -13.72
CA THR A 168 -6.14 11.50 -12.70
C THR A 168 -6.56 12.90 -12.29
N PHE A 169 -7.62 12.96 -11.51
CA PHE A 169 -8.08 14.20 -10.85
C PHE A 169 -7.61 14.27 -9.41
N GLY A 170 -6.61 13.45 -9.04
CA GLY A 170 -6.00 13.57 -7.73
C GLY A 170 -6.52 12.59 -6.68
N GLU A 171 -6.34 12.97 -5.40
CA GLU A 171 -6.49 12.06 -4.27
C GLU A 171 -7.89 12.01 -3.66
N SER A 172 -8.78 12.97 -3.98
CA SER A 172 -10.02 13.15 -3.23
C SER A 172 -11.16 12.48 -3.97
N PRO A 173 -11.81 11.43 -3.40
CA PRO A 173 -12.96 10.85 -4.08
C PRO A 173 -14.05 11.89 -4.41
N TYR A 174 -14.22 12.90 -3.55
CA TYR A 174 -15.18 13.96 -3.77
C TYR A 174 -14.82 14.76 -5.02
N LEU A 175 -13.61 15.30 -5.08
CA LEU A 175 -13.22 16.13 -6.21
C LEU A 175 -13.15 15.32 -7.48
N VAL A 176 -12.60 14.10 -7.40
CA VAL A 176 -12.55 13.26 -8.59
C VAL A 176 -13.97 13.02 -9.12
N ALA A 177 -14.91 12.67 -8.23
CA ALA A 177 -16.26 12.38 -8.64
C ALA A 177 -16.90 13.63 -9.27
N ARG A 178 -16.71 14.80 -8.65
CA ARG A 178 -17.37 16.00 -9.13
C ARG A 178 -16.80 16.44 -10.48
N MET A 179 -15.47 16.42 -10.62
CA MET A 179 -14.88 16.71 -11.91
C MET A 179 -15.30 15.69 -12.97
N GLY A 180 -15.38 14.40 -12.58
CA GLY A 180 -15.75 13.36 -13.52
C GLY A 180 -17.17 13.55 -14.07
N VAL A 181 -18.10 13.95 -13.22
CA VAL A 181 -19.49 14.11 -13.64
C VAL A 181 -19.57 15.23 -14.67
N SER A 182 -18.89 16.35 -14.42
CA SER A 182 -18.85 17.46 -15.37
C SER A 182 -18.20 17.06 -16.69
N TYR A 183 -17.09 16.29 -16.59
CA TYR A 183 -16.41 15.80 -17.76
C TYR A 183 -17.37 15.00 -18.63
N VAL A 184 -18.00 13.97 -18.01
CA VAL A 184 -18.94 13.12 -18.73
C VAL A 184 -20.09 13.92 -19.36
N LYS A 185 -20.68 14.83 -18.58
CA LYS A 185 -21.86 15.60 -18.98
C LYS A 185 -21.51 16.38 -20.26
N GLY A 186 -20.30 16.96 -20.32
CA GLY A 186 -19.92 17.74 -21.48
C GLY A 186 -19.77 16.89 -22.74
N LEU A 187 -19.17 15.72 -22.59
CA LEU A 187 -18.96 14.85 -23.73
C LEU A 187 -20.32 14.32 -24.23
N GLN A 188 -21.17 13.84 -23.32
CA GLN A 188 -22.37 13.13 -23.74
C GLN A 188 -23.52 14.08 -24.11
N GLY A 189 -23.70 15.14 -23.34
CA GLY A 189 -24.88 15.99 -23.50
C GLY A 189 -26.15 15.25 -23.09
N GLU A 190 -27.31 15.77 -23.50
CA GLU A 190 -28.57 15.21 -23.07
C GLU A 190 -28.96 14.00 -23.92
N ASP A 191 -28.95 14.15 -25.25
CA ASP A 191 -29.30 13.12 -26.20
C ASP A 191 -28.03 12.62 -26.87
N ILE A 192 -27.66 11.36 -26.62
CA ILE A 192 -26.36 10.87 -27.09
C ILE A 192 -26.26 10.83 -28.61
N LYS A 193 -27.38 10.87 -29.35
CA LYS A 193 -27.36 10.95 -30.79
C LYS A 193 -26.63 12.23 -31.24
N LYS A 194 -26.57 13.24 -30.37
CA LYS A 194 -25.89 14.49 -30.65
C LYS A 194 -24.60 14.64 -29.85
N GLY A 195 -24.17 13.57 -29.17
CA GLY A 195 -23.03 13.64 -28.28
C GLY A 195 -22.00 12.56 -28.55
N VAL A 196 -21.14 12.36 -27.54
CA VAL A 196 -20.10 11.37 -27.60
C VAL A 196 -20.16 10.58 -26.30
N VAL A 197 -20.10 9.25 -26.44
CA VAL A 197 -20.07 8.35 -25.31
C VAL A 197 -18.78 8.56 -24.52
N ALA A 198 -18.93 8.81 -23.20
CA ALA A 198 -17.78 8.88 -22.31
C ALA A 198 -17.47 7.47 -21.81
N THR A 199 -16.21 7.26 -21.41
CA THR A 199 -15.76 5.96 -20.95
C THR A 199 -14.96 6.14 -19.68
N VAL A 200 -15.62 5.95 -18.53
CA VAL A 200 -14.92 6.06 -17.26
C VAL A 200 -13.96 4.86 -17.11
N LYS A 201 -12.74 5.13 -16.63
CA LYS A 201 -11.72 4.11 -16.52
C LYS A 201 -10.84 4.45 -15.34
N HIS A 202 -10.15 3.47 -14.74
CA HIS A 202 -10.08 2.07 -15.11
C HIS A 202 -10.69 1.27 -13.96
N PHE A 203 -11.89 0.73 -14.21
CA PHE A 203 -12.75 0.21 -13.16
C PHE A 203 -12.16 -1.09 -12.60
N ALA A 204 -11.80 -1.12 -11.31
CA ALA A 204 -11.63 -0.01 -10.40
C ALA A 204 -10.44 -0.34 -9.51
N GLY A 205 -9.82 0.70 -8.95
CA GLY A 205 -8.71 0.53 -8.01
C GLY A 205 -7.32 0.71 -8.64
N TYR A 206 -7.25 1.10 -9.92
CA TYR A 206 -6.06 0.91 -10.75
C TYR A 206 -4.90 1.79 -10.32
N SER A 207 -5.19 2.89 -9.58
CA SER A 207 -4.23 3.87 -9.09
C SER A 207 -3.60 3.44 -7.77
N ALA A 208 -3.89 2.23 -7.29
CA ALA A 208 -3.39 1.78 -5.99
C ALA A 208 -2.56 0.50 -6.12
N SER A 209 -1.75 0.43 -7.16
CA SER A 209 -0.93 -0.76 -7.38
C SER A 209 0.19 -0.84 -6.35
N GLU A 210 0.52 -2.10 -5.99
CA GLU A 210 1.67 -2.44 -5.17
C GLU A 210 2.89 -1.63 -5.60
N GLY A 211 3.45 -0.86 -4.64
CA GLY A 211 4.66 -0.10 -4.88
C GLY A 211 4.54 1.02 -5.91
N GLY A 212 3.32 1.37 -6.34
CA GLY A 212 3.09 2.33 -7.40
C GLY A 212 3.47 1.83 -8.79
N LYS A 213 3.52 0.51 -8.95
CA LYS A 213 4.01 -0.09 -10.18
C LYS A 213 2.85 -0.41 -11.14
N ASN A 214 3.01 0.02 -12.40
CA ASN A 214 1.99 -0.18 -13.41
C ASN A 214 1.61 -1.67 -13.59
N TRP A 215 0.29 -1.94 -13.53
CA TRP A 215 -0.36 -3.24 -13.69
C TRP A 215 -0.23 -4.13 -12.44
N ALA A 216 0.43 -3.67 -11.38
CA ALA A 216 0.65 -4.54 -10.21
C ALA A 216 -0.62 -4.60 -9.35
N PRO A 217 -0.72 -5.57 -8.42
CA PRO A 217 -1.98 -5.80 -7.71
C PRO A 217 -2.45 -4.58 -6.96
N THR A 218 -3.78 -4.40 -6.97
CA THR A 218 -4.44 -3.33 -6.26
C THR A 218 -5.28 -3.93 -5.14
N ASN A 219 -4.65 -4.12 -3.98
CA ASN A 219 -5.20 -4.94 -2.92
C ASN A 219 -5.89 -4.06 -1.87
N ILE A 220 -7.16 -3.78 -2.13
CA ILE A 220 -7.93 -2.76 -1.43
C ILE A 220 -9.07 -3.48 -0.71
N PRO A 221 -9.24 -3.27 0.62
CA PRO A 221 -10.36 -3.87 1.34
C PRO A 221 -11.65 -3.13 1.04
N GLU A 222 -12.75 -3.78 1.44
CA GLU A 222 -14.08 -3.45 0.89
C GLU A 222 -14.55 -2.03 1.23
N ARG A 223 -14.46 -1.52 2.46
CA ARG A 223 -15.04 -0.20 2.72
C ARG A 223 -14.23 0.88 1.99
N GLU A 224 -12.91 0.76 2.04
CA GLU A 224 -12.04 1.66 1.30
C GLU A 224 -12.36 1.60 -0.19
N PHE A 225 -12.59 0.39 -0.68
CA PHE A 225 -12.89 0.20 -2.09
C PHE A 225 -14.15 0.99 -2.46
N LYS A 226 -15.19 0.82 -1.67
CA LYS A 226 -16.46 1.48 -1.94
C LYS A 226 -16.37 3.00 -1.78
N GLU A 227 -15.74 3.47 -0.70
CA GLU A 227 -15.78 4.89 -0.35
C GLU A 227 -14.80 5.72 -1.16
N VAL A 228 -13.64 5.15 -1.50
CA VAL A 228 -12.60 5.89 -2.20
C VAL A 228 -12.66 5.57 -3.69
N PHE A 229 -12.56 4.30 -4.09
CA PHE A 229 -12.26 3.98 -5.47
C PHE A 229 -13.54 3.85 -6.30
N LEU A 230 -14.58 3.20 -5.76
CA LEU A 230 -15.80 3.02 -6.54
C LEU A 230 -16.61 4.30 -6.64
N PHE A 231 -16.56 5.15 -5.59
CA PHE A 231 -17.46 6.27 -5.45
C PHE A 231 -17.50 7.13 -6.72
N PRO A 232 -16.36 7.57 -7.31
CA PRO A 232 -16.47 8.43 -8.49
C PRO A 232 -17.17 7.75 -9.65
N PHE A 233 -16.97 6.45 -9.81
CA PHE A 233 -17.64 5.71 -10.89
C PHE A 233 -19.15 5.62 -10.59
N GLU A 234 -19.49 5.41 -9.32
CA GLU A 234 -20.89 5.34 -8.90
C GLU A 234 -21.61 6.64 -9.29
N ALA A 235 -20.96 7.77 -9.02
CA ALA A 235 -21.55 9.07 -9.33
C ALA A 235 -21.65 9.24 -10.84
N ALA A 236 -20.63 8.81 -11.58
CA ALA A 236 -20.66 8.92 -13.03
C ALA A 236 -21.83 8.13 -13.63
N VAL A 237 -22.04 6.91 -13.09
CA VAL A 237 -23.11 6.06 -13.56
C VAL A 237 -24.47 6.67 -13.19
N LYS A 238 -24.65 7.02 -11.92
CA LYS A 238 -25.98 7.36 -11.43
C LYS A 238 -26.35 8.82 -11.68
N GLU A 239 -25.42 9.75 -11.54
CA GLU A 239 -25.73 11.15 -11.75
C GLU A 239 -25.47 11.55 -13.20
N ALA A 240 -24.39 11.06 -13.83
CA ALA A 240 -24.01 11.53 -15.15
C ALA A 240 -24.47 10.58 -16.26
N ASN A 241 -25.06 9.42 -15.93
CA ASN A 241 -25.57 8.49 -16.93
C ASN A 241 -24.47 8.09 -17.92
N VAL A 242 -23.24 7.82 -17.43
CA VAL A 242 -22.15 7.51 -18.31
C VAL A 242 -22.48 6.24 -19.10
N LEU A 243 -22.10 6.19 -20.40
CA LEU A 243 -22.53 5.09 -21.25
C LEU A 243 -21.46 4.05 -21.54
N SER A 244 -20.21 4.27 -21.09
CA SER A 244 -19.23 3.19 -21.17
C SER A 244 -18.31 3.20 -19.94
N VAL A 245 -17.81 2.01 -19.66
CA VAL A 245 -16.84 1.78 -18.60
C VAL A 245 -15.73 0.90 -19.21
N MET A 246 -14.49 1.18 -18.85
CA MET A 246 -13.35 0.33 -19.18
C MET A 246 -12.72 -0.20 -17.90
N ASN A 247 -12.34 -1.50 -17.93
CA ASN A 247 -11.80 -2.16 -16.74
C ASN A 247 -10.30 -1.85 -16.51
N SER A 248 -9.93 -2.06 -15.24
CA SER A 248 -8.54 -2.09 -14.77
C SER A 248 -7.78 -3.31 -15.26
N TYR A 249 -6.48 -3.15 -15.52
CA TYR A 249 -5.61 -4.27 -15.87
C TYR A 249 -5.23 -5.09 -14.64
N SER A 250 -5.36 -4.52 -13.45
CA SER A 250 -4.84 -5.18 -12.25
C SER A 250 -5.77 -6.25 -11.72
N GLU A 251 -5.19 -7.12 -10.88
CA GLU A 251 -5.96 -7.96 -9.97
C GLU A 251 -6.27 -7.15 -8.71
N ILE A 252 -7.43 -7.45 -8.14
CA ILE A 252 -7.74 -7.08 -6.77
C ILE A 252 -7.69 -8.37 -5.97
N ASP A 253 -6.66 -8.50 -5.13
CA ASP A 253 -6.62 -9.57 -4.14
C ASP A 253 -6.78 -10.95 -4.77
N GLY A 254 -6.13 -11.19 -5.91
CA GLY A 254 -6.11 -12.50 -6.55
C GLY A 254 -7.03 -12.62 -7.75
N VAL A 255 -7.89 -11.61 -8.00
CA VAL A 255 -8.88 -11.72 -9.07
C VAL A 255 -8.66 -10.61 -10.09
N PRO A 256 -8.19 -10.90 -11.30
CA PRO A 256 -8.09 -9.88 -12.35
C PRO A 256 -9.42 -9.22 -12.61
N CYS A 257 -9.41 -7.90 -12.72
CA CYS A 257 -10.64 -7.15 -12.93
C CYS A 257 -11.34 -7.56 -14.23
N ALA A 258 -10.58 -7.89 -15.29
CA ALA A 258 -11.17 -8.30 -16.55
C ALA A 258 -11.89 -9.65 -16.45
N ALA A 259 -11.66 -10.41 -15.36
CA ALA A 259 -12.33 -11.69 -15.16
C ALA A 259 -13.25 -11.66 -13.93
N ASN A 260 -13.62 -10.47 -13.45
CA ASN A 260 -14.34 -10.39 -12.18
C ASN A 260 -15.80 -9.99 -12.41
N ARG A 261 -16.70 -10.97 -12.46
CA ARG A 261 -18.12 -10.71 -12.65
C ARG A 261 -18.69 -9.95 -11.46
N LYS A 262 -18.15 -10.19 -10.28
CA LYS A 262 -18.59 -9.49 -9.10
C LYS A 262 -18.44 -7.98 -9.26
N LEU A 263 -17.42 -7.54 -10.00
CA LEU A 263 -17.14 -6.15 -10.21
C LEU A 263 -17.88 -5.62 -11.44
N LEU A 264 -17.61 -6.19 -12.62
CA LEU A 264 -18.05 -5.60 -13.89
C LEU A 264 -19.56 -5.84 -14.12
N THR A 265 -20.17 -6.81 -13.43
CA THR A 265 -21.60 -7.07 -13.52
C THR A 265 -22.33 -6.79 -12.20
N ASP A 266 -21.92 -7.44 -11.12
CA ASP A 266 -22.77 -7.37 -9.92
C ASP A 266 -22.80 -5.96 -9.35
N ILE A 267 -21.66 -5.28 -9.25
CA ILE A 267 -21.64 -3.91 -8.77
C ILE A 267 -22.16 -3.00 -9.88
N LEU A 268 -21.51 -3.03 -11.04
CA LEU A 268 -21.75 -2.01 -12.02
C LEU A 268 -23.16 -2.05 -12.61
N ARG A 269 -23.59 -3.24 -13.05
N ARG A 269 -23.59 -3.23 -13.04
CA ARG A 269 -24.89 -3.42 -13.68
CA ARG A 269 -24.91 -3.38 -13.66
C ARG A 269 -26.00 -3.67 -12.66
C ARG A 269 -26.02 -3.66 -12.65
N LYS A 270 -25.84 -4.66 -11.78
CA LYS A 270 -26.93 -5.06 -10.89
C LYS A 270 -27.15 -4.00 -9.81
N ASP A 271 -26.11 -3.66 -9.05
CA ASP A 271 -26.28 -2.75 -7.93
C ASP A 271 -26.56 -1.33 -8.43
N TRP A 272 -25.82 -0.87 -9.44
CA TRP A 272 -25.85 0.55 -9.81
C TRP A 272 -26.73 0.85 -11.02
N GLY A 273 -27.13 -0.19 -11.79
CA GLY A 273 -28.06 0.03 -12.89
C GLY A 273 -27.39 0.56 -14.17
N PHE A 274 -26.07 0.39 -14.33
CA PHE A 274 -25.39 0.80 -15.57
C PHE A 274 -26.03 0.10 -16.77
N GLU A 275 -26.31 0.86 -17.84
CA GLU A 275 -26.99 0.30 -19.00
C GLU A 275 -26.17 0.36 -20.29
N GLY A 276 -24.94 0.87 -20.25
CA GLY A 276 -24.13 1.01 -21.46
C GLY A 276 -23.27 -0.22 -21.73
N ILE A 277 -22.10 0.00 -22.37
CA ILE A 277 -21.21 -1.07 -22.75
C ILE A 277 -19.96 -0.98 -21.89
N VAL A 278 -19.45 -2.16 -21.53
CA VAL A 278 -18.11 -2.27 -20.97
C VAL A 278 -17.18 -2.62 -22.11
N VAL A 279 -16.18 -1.78 -22.32
CA VAL A 279 -15.16 -2.03 -23.32
C VAL A 279 -13.91 -2.47 -22.61
N SER A 280 -13.22 -3.49 -23.17
CA SER A 280 -12.01 -3.97 -22.55
C SER A 280 -10.95 -2.86 -22.58
N ASN A 281 -10.15 -2.79 -21.50
CA ASN A 281 -8.84 -2.16 -21.62
C ASN A 281 -8.11 -2.84 -22.78
N TYR A 282 -7.16 -2.13 -23.44
CA TYR A 282 -6.56 -2.68 -24.63
C TYR A 282 -5.77 -3.95 -24.29
N PHE A 283 -6.15 -5.05 -24.96
CA PHE A 283 -5.52 -6.36 -24.81
C PHE A 283 -5.83 -6.98 -23.45
N ALA A 284 -6.71 -6.38 -22.64
CA ALA A 284 -6.99 -6.93 -21.31
C ALA A 284 -7.53 -8.36 -21.32
N VAL A 285 -8.27 -8.76 -22.34
CA VAL A 285 -8.77 -10.13 -22.42
C VAL A 285 -7.61 -11.12 -22.59
N LYS A 286 -6.77 -10.88 -23.60
CA LYS A 286 -5.64 -11.78 -23.89
C LYS A 286 -4.73 -11.91 -22.66
N VAL A 287 -4.50 -10.82 -21.94
CA VAL A 287 -3.51 -10.89 -20.88
C VAL A 287 -4.03 -11.58 -19.62
N LEU A 288 -5.32 -11.99 -19.59
CA LEU A 288 -5.76 -12.96 -18.62
C LEU A 288 -4.92 -14.25 -18.73
N GLU A 289 -4.53 -14.62 -19.94
CA GLU A 289 -3.62 -15.71 -20.18
C GLU A 289 -2.17 -15.25 -19.93
N ASP A 290 -1.70 -14.30 -20.77
CA ASP A 290 -0.28 -14.03 -20.92
C ASP A 290 0.32 -13.46 -19.65
N TYR A 291 -0.42 -12.63 -18.89
CA TYR A 291 0.16 -11.89 -17.79
C TYR A 291 -0.29 -12.48 -16.45
N HIS A 292 -1.62 -12.59 -16.23
CA HIS A 292 -2.12 -13.07 -14.96
C HIS A 292 -2.05 -14.57 -14.80
N ARG A 293 -1.96 -15.31 -15.92
CA ARG A 293 -1.80 -16.76 -15.93
C ARG A 293 -3.01 -17.45 -15.32
N ILE A 294 -4.25 -16.94 -15.54
CA ILE A 294 -5.44 -17.65 -15.07
C ILE A 294 -6.28 -18.20 -16.21
N ALA A 295 -5.93 -17.93 -17.46
CA ALA A 295 -6.62 -18.54 -18.59
C ALA A 295 -5.59 -19.32 -19.40
N ARG A 296 -5.91 -20.55 -19.78
CA ARG A 296 -4.96 -21.46 -20.38
C ARG A 296 -4.82 -21.22 -21.89
N ASP A 297 -5.79 -20.52 -22.49
CA ASP A 297 -5.75 -20.26 -23.91
C ASP A 297 -6.69 -19.11 -24.19
N LYS A 298 -6.76 -18.70 -25.45
CA LYS A 298 -7.56 -17.54 -25.80
C LYS A 298 -9.06 -17.78 -25.61
N SER A 299 -9.53 -19.01 -25.83
CA SER A 299 -10.92 -19.36 -25.61
C SER A 299 -11.32 -19.15 -24.15
N GLU A 300 -10.48 -19.63 -23.24
CA GLU A 300 -10.79 -19.50 -21.83
C GLU A 300 -10.75 -18.02 -21.43
N ALA A 301 -9.80 -17.26 -21.97
CA ALA A 301 -9.76 -15.81 -21.69
C ALA A 301 -11.06 -15.14 -22.14
N ALA A 302 -11.53 -15.49 -23.35
CA ALA A 302 -12.76 -14.93 -23.88
C ALA A 302 -13.92 -15.25 -22.93
N ARG A 303 -13.99 -16.51 -22.50
CA ARG A 303 -15.11 -16.93 -21.67
C ARG A 303 -15.10 -16.15 -20.35
N LEU A 304 -13.92 -16.04 -19.74
CA LEU A 304 -13.85 -15.34 -18.45
C LEU A 304 -14.28 -13.88 -18.60
N ALA A 305 -13.82 -13.22 -19.68
CA ALA A 305 -14.13 -11.81 -19.87
C ALA A 305 -15.61 -11.61 -20.16
N LEU A 306 -16.20 -12.50 -20.98
CA LEU A 306 -17.61 -12.36 -21.32
C LEU A 306 -18.48 -12.59 -20.08
N GLU A 307 -18.17 -13.65 -19.33
CA GLU A 307 -18.87 -13.89 -18.08
C GLU A 307 -18.73 -12.71 -17.12
N ALA A 308 -17.57 -12.06 -17.12
CA ALA A 308 -17.34 -10.97 -16.19
C ALA A 308 -18.22 -9.78 -16.56
N GLY A 309 -18.48 -9.62 -17.87
CA GLY A 309 -19.30 -8.50 -18.32
C GLY A 309 -18.62 -7.57 -19.32
N ILE A 310 -17.47 -7.98 -19.91
CA ILE A 310 -16.89 -7.18 -21.00
C ILE A 310 -17.71 -7.45 -22.27
N ASP A 311 -18.20 -6.37 -22.87
CA ASP A 311 -19.00 -6.46 -24.08
C ASP A 311 -18.17 -6.38 -25.35
N VAL A 312 -17.13 -5.52 -25.38
CA VAL A 312 -16.36 -5.33 -26.60
C VAL A 312 -14.87 -5.51 -26.29
N GLU A 313 -14.24 -6.41 -27.06
CA GLU A 313 -12.80 -6.61 -26.98
C GLU A 313 -12.10 -5.56 -27.84
N LEU A 314 -11.27 -4.75 -27.18
CA LEU A 314 -10.44 -3.73 -27.83
C LEU A 314 -8.96 -4.08 -27.65
N PRO A 315 -8.03 -3.56 -28.49
CA PRO A 315 -8.32 -2.71 -29.65
C PRO A 315 -8.59 -3.42 -30.96
N LYS A 316 -8.47 -4.74 -30.93
CA LYS A 316 -8.73 -5.60 -32.05
C LYS A 316 -9.19 -6.96 -31.55
N THR A 317 -10.10 -7.58 -32.30
CA THR A 317 -10.53 -8.92 -31.99
C THR A 317 -9.30 -9.81 -31.89
N GLU A 318 -9.25 -10.61 -30.84
CA GLU A 318 -8.10 -11.47 -30.58
C GLU A 318 -8.56 -12.76 -29.89
N CYS A 319 -9.27 -12.64 -28.78
CA CYS A 319 -9.85 -13.78 -28.08
C CYS A 319 -11.33 -13.96 -28.39
N TYR A 320 -12.06 -12.86 -28.63
CA TYR A 320 -13.51 -12.95 -28.71
C TYR A 320 -14.01 -13.66 -29.97
N GLN A 321 -13.16 -13.82 -31.00
CA GLN A 321 -13.57 -14.67 -32.12
C GLN A 321 -13.88 -16.09 -31.66
N TYR A 322 -13.25 -16.56 -30.57
CA TYR A 322 -13.46 -17.92 -30.11
C TYR A 322 -14.78 -18.07 -29.37
N LEU A 323 -15.51 -16.99 -29.11
CA LEU A 323 -16.86 -17.12 -28.55
C LEU A 323 -17.74 -17.92 -29.51
N LYS A 324 -17.52 -17.80 -30.82
CA LYS A 324 -18.26 -18.60 -31.79
C LYS A 324 -18.05 -20.09 -31.51
N ASP A 325 -16.80 -20.49 -31.40
CA ASP A 325 -16.41 -21.87 -31.14
C ASP A 325 -16.99 -22.36 -29.81
N LEU A 326 -16.92 -21.50 -28.79
CA LEU A 326 -17.42 -21.89 -27.48
C LEU A 326 -18.90 -22.21 -27.50
N VAL A 327 -19.69 -21.45 -28.26
CA VAL A 327 -21.11 -21.77 -28.38
C VAL A 327 -21.28 -23.05 -29.19
N GLU A 328 -20.58 -23.13 -30.32
CA GLU A 328 -20.75 -24.27 -31.21
C GLU A 328 -20.38 -25.56 -30.50
N LYS A 329 -19.41 -25.52 -29.58
CA LYS A 329 -18.97 -26.67 -28.83
C LYS A 329 -19.76 -26.86 -27.53
N GLY A 330 -20.80 -26.04 -27.32
CA GLY A 330 -21.67 -26.23 -26.15
C GLY A 330 -21.00 -25.94 -24.81
N ILE A 331 -19.98 -25.06 -24.81
CA ILE A 331 -19.27 -24.70 -23.60
C ILE A 331 -19.93 -23.50 -22.93
N ILE A 332 -20.42 -22.53 -23.73
CA ILE A 332 -21.21 -21.41 -23.24
C ILE A 332 -22.53 -21.35 -23.99
N SER A 333 -23.50 -20.66 -23.40
CA SER A 333 -24.81 -20.49 -24.00
C SER A 333 -24.78 -19.27 -24.91
N GLU A 334 -25.46 -19.39 -26.05
CA GLU A 334 -25.61 -18.26 -26.94
C GLU A 334 -26.38 -17.13 -26.26
N ALA A 335 -27.18 -17.44 -25.23
CA ALA A 335 -27.93 -16.40 -24.53
C ALA A 335 -26.97 -15.35 -23.92
N LEU A 336 -25.79 -15.79 -23.49
CA LEU A 336 -24.83 -14.89 -22.85
C LEU A 336 -24.21 -13.96 -23.90
N ILE A 337 -23.98 -14.47 -25.12
CA ILE A 337 -23.58 -13.63 -26.24
C ILE A 337 -24.69 -12.63 -26.57
N ASP A 338 -25.94 -13.09 -26.58
CA ASP A 338 -27.07 -12.24 -26.91
C ASP A 338 -27.15 -11.07 -25.95
N GLU A 339 -26.84 -11.29 -24.67
CA GLU A 339 -26.93 -10.23 -23.66
C GLU A 339 -25.95 -9.10 -24.01
N ALA A 340 -24.73 -9.46 -24.40
CA ALA A 340 -23.68 -8.49 -24.75
C ALA A 340 -24.05 -7.78 -26.06
N VAL A 341 -24.49 -8.56 -27.05
CA VAL A 341 -24.79 -7.98 -28.35
C VAL A 341 -25.92 -6.97 -28.20
N THR A 342 -26.91 -7.29 -27.37
CA THR A 342 -28.03 -6.42 -27.10
C THR A 342 -27.53 -5.05 -26.62
N ARG A 343 -26.56 -5.05 -25.68
CA ARG A 343 -26.06 -3.80 -25.15
C ARG A 343 -25.42 -2.94 -26.25
N VAL A 344 -24.64 -3.61 -27.11
CA VAL A 344 -23.93 -2.92 -28.19
C VAL A 344 -24.93 -2.39 -29.21
N LEU A 345 -25.87 -3.22 -29.67
CA LEU A 345 -26.85 -2.73 -30.65
C LEU A 345 -27.68 -1.58 -30.10
N ARG A 346 -28.12 -1.67 -28.84
CA ARG A 346 -28.93 -0.62 -28.25
C ARG A 346 -28.21 0.74 -28.35
N LEU A 347 -26.92 0.73 -27.99
CA LEU A 347 -26.15 1.97 -28.01
C LEU A 347 -25.97 2.48 -29.45
N LYS A 348 -25.76 1.58 -30.40
CA LYS A 348 -25.67 1.99 -31.79
C LYS A 348 -26.98 2.62 -32.28
N PHE A 349 -28.13 2.06 -31.89
CA PHE A 349 -29.41 2.72 -32.23
C PHE A 349 -29.50 4.09 -31.56
N MET A 350 -29.14 4.18 -30.29
CA MET A 350 -29.26 5.42 -29.53
C MET A 350 -28.38 6.52 -30.12
N LEU A 351 -27.25 6.16 -30.74
CA LEU A 351 -26.34 7.10 -31.37
C LEU A 351 -26.87 7.56 -32.73
N GLY A 352 -27.98 7.00 -33.19
CA GLY A 352 -28.58 7.40 -34.47
C GLY A 352 -27.91 6.76 -35.67
N LEU A 353 -27.04 5.77 -35.49
CA LEU A 353 -26.22 5.29 -36.59
C LEU A 353 -27.00 4.56 -37.68
N PHE A 354 -28.14 3.98 -37.34
CA PHE A 354 -28.96 3.31 -38.34
C PHE A 354 -29.77 4.32 -39.17
N GLU A 355 -29.90 5.55 -38.69
CA GLU A 355 -30.52 6.61 -39.48
C GLU A 355 -29.46 7.38 -40.27
N ASN A 356 -28.30 7.66 -39.66
CA ASN A 356 -27.27 8.37 -40.37
C ASN A 356 -25.90 8.11 -39.77
N PRO A 357 -25.08 7.29 -40.43
CA PRO A 357 -23.73 6.99 -39.94
C PRO A 357 -22.65 7.85 -40.58
N TYR A 358 -23.04 8.89 -41.36
CA TYR A 358 -22.07 9.64 -42.14
C TYR A 358 -21.91 11.05 -41.60
N VAL A 359 -20.76 11.64 -41.90
CA VAL A 359 -20.51 13.04 -41.58
C VAL A 359 -20.23 13.80 -42.88
N GLU A 360 -20.39 15.12 -42.82
CA GLU A 360 -20.03 15.98 -43.94
C GLU A 360 -18.54 16.29 -43.87
N VAL A 361 -17.79 15.76 -44.83
CA VAL A 361 -16.38 15.96 -44.86
C VAL A 361 -16.03 17.44 -44.96
N GLU A 362 -16.86 18.23 -45.66
CA GLU A 362 -16.55 19.65 -45.83
C GLU A 362 -16.66 20.37 -44.49
N LYS A 363 -17.26 19.75 -43.47
CA LYS A 363 -17.40 20.40 -42.18
C LYS A 363 -16.44 19.80 -41.16
N ALA A 364 -15.58 18.88 -41.58
CA ALA A 364 -14.80 18.10 -40.64
C ALA A 364 -13.54 18.82 -40.14
N LYS A 365 -13.34 20.08 -40.53
CA LYS A 365 -12.24 20.89 -40.05
C LYS A 365 -12.42 21.23 -38.56
N ILE A 366 -11.52 20.66 -37.74
CA ILE A 366 -11.62 20.85 -36.29
C ILE A 366 -11.12 22.24 -35.93
N GLU A 367 -11.90 22.96 -35.12
CA GLU A 367 -11.58 24.29 -34.66
C GLU A 367 -10.63 24.27 -33.45
N SER A 368 -9.76 25.27 -33.40
CA SER A 368 -8.90 25.44 -32.25
C SER A 368 -9.69 25.84 -31.02
N HIS A 369 -9.36 25.22 -29.86
CA HIS A 369 -9.92 25.63 -28.59
C HIS A 369 -8.79 26.11 -27.68
N ARG A 370 -7.83 26.84 -28.28
CA ARG A 370 -6.76 27.42 -27.50
C ARG A 370 -7.34 28.31 -26.39
N ASP A 371 -8.44 29.01 -26.67
CA ASP A 371 -9.05 29.86 -25.65
C ASP A 371 -9.40 29.07 -24.37
N ILE A 372 -10.12 27.95 -24.53
CA ILE A 372 -10.51 27.14 -23.38
C ILE A 372 -9.23 26.59 -22.72
N ALA A 373 -8.27 26.11 -23.52
CA ALA A 373 -7.03 25.56 -23.00
C ALA A 373 -6.32 26.59 -22.14
N LEU A 374 -6.32 27.85 -22.58
N LEU A 374 -6.30 27.86 -22.58
CA LEU A 374 -5.63 28.90 -21.85
CA LEU A 374 -5.62 28.92 -21.85
C LEU A 374 -6.32 29.21 -20.54
C LEU A 374 -6.32 29.20 -20.53
N GLU A 375 -7.66 29.17 -20.51
CA GLU A 375 -8.38 29.41 -19.28
C GLU A 375 -8.03 28.30 -18.28
N ILE A 376 -8.00 27.06 -18.75
CA ILE A 376 -7.62 25.96 -17.87
C ILE A 376 -6.20 26.14 -17.38
N ALA A 377 -5.25 26.40 -18.28
CA ALA A 377 -3.86 26.57 -17.88
C ALA A 377 -3.72 27.69 -16.87
N ARG A 378 -4.38 28.83 -17.13
CA ARG A 378 -4.31 29.96 -16.21
C ARG A 378 -4.92 29.69 -14.83
N LYS A 379 -5.95 28.83 -14.74
CA LYS A 379 -6.58 28.53 -13.48
C LYS A 379 -5.96 27.31 -12.78
N SER A 380 -5.16 26.56 -13.52
CA SER A 380 -4.60 25.31 -13.00
C SER A 380 -3.26 25.47 -12.31
N ILE A 381 -2.46 26.49 -12.67
CA ILE A 381 -1.12 26.59 -12.12
C ILE A 381 -1.24 26.94 -10.65
N ILE A 382 -0.42 26.27 -9.83
CA ILE A 382 -0.50 26.46 -8.39
C ILE A 382 0.74 27.18 -7.89
N LEU A 383 0.53 28.24 -7.12
CA LEU A 383 1.62 28.90 -6.40
C LEU A 383 1.85 28.18 -5.08
N LEU A 384 2.90 27.35 -5.02
CA LEU A 384 3.16 26.55 -3.84
C LEU A 384 3.87 27.35 -2.77
N LYS A 385 4.77 28.24 -3.19
CA LYS A 385 5.55 29.03 -2.26
C LYS A 385 5.81 30.39 -2.92
N ASN A 386 5.78 31.44 -2.11
CA ASN A 386 6.13 32.77 -2.59
C ASN A 386 6.56 33.60 -1.40
N ASP A 387 7.84 33.98 -1.37
CA ASP A 387 8.36 34.82 -0.30
C ASP A 387 8.14 36.28 -0.61
N GLY A 388 7.55 36.62 -1.77
CA GLY A 388 7.32 38.00 -2.15
C GLY A 388 7.96 38.34 -3.49
N ILE A 389 8.85 37.47 -3.97
CA ILE A 389 9.50 37.68 -5.25
C ILE A 389 8.48 37.80 -6.39
N LEU A 390 7.36 37.04 -6.34
CA LEU A 390 6.35 37.08 -7.37
C LEU A 390 5.19 37.98 -6.94
N PRO A 391 4.56 38.73 -7.86
CA PRO A 391 4.94 38.75 -9.28
C PRO A 391 6.23 39.54 -9.51
N LEU A 392 6.98 39.16 -10.53
CA LEU A 392 8.23 39.82 -10.90
C LEU A 392 7.94 41.13 -11.59
N GLN A 393 8.93 42.03 -11.51
CA GLN A 393 8.85 43.27 -12.29
C GLN A 393 9.44 43.00 -13.66
N LYS A 394 8.88 43.65 -14.68
CA LYS A 394 9.24 43.34 -16.06
C LYS A 394 10.62 43.89 -16.41
N ASN A 395 11.15 44.79 -15.59
CA ASN A 395 12.46 45.40 -15.84
C ASN A 395 13.62 44.51 -15.36
N LYS A 396 13.32 43.39 -14.66
CA LYS A 396 14.36 42.55 -14.12
C LYS A 396 14.92 41.65 -15.22
N LYS A 397 16.25 41.55 -15.23
CA LYS A 397 16.95 40.71 -16.20
C LYS A 397 16.83 39.26 -15.75
N VAL A 398 16.36 38.39 -16.65
CA VAL A 398 16.08 37.00 -16.31
C VAL A 398 17.14 36.09 -16.89
N ALA A 399 17.60 35.15 -16.06
CA ALA A 399 18.30 33.97 -16.53
C ALA A 399 17.29 32.83 -16.55
N LEU A 400 16.94 32.40 -17.75
CA LEU A 400 15.94 31.38 -17.94
C LEU A 400 16.69 30.07 -18.14
N ILE A 401 16.54 29.15 -17.18
CA ILE A 401 17.40 28.00 -17.10
C ILE A 401 16.55 26.73 -16.99
N GLY A 402 16.98 25.69 -17.70
CA GLY A 402 16.47 24.36 -17.45
C GLY A 402 15.88 23.74 -18.70
N PRO A 403 15.80 22.38 -18.75
CA PRO A 403 15.34 21.69 -19.95
C PRO A 403 13.90 21.98 -20.32
N ASN A 404 13.06 22.29 -19.32
CA ASN A 404 11.64 22.46 -19.61
C ASN A 404 11.32 23.92 -19.99
N ALA A 405 12.33 24.79 -20.00
CA ALA A 405 12.17 26.15 -20.49
C ALA A 405 12.26 26.15 -22.01
N GLY A 406 13.00 25.20 -22.56
CA GLY A 406 13.41 25.26 -23.95
C GLY A 406 12.81 24.19 -24.84
N GLU A 407 12.05 23.23 -24.28
CA GLU A 407 11.55 22.11 -25.10
C GLU A 407 10.03 22.02 -25.02
N VAL A 408 9.36 22.41 -26.12
CA VAL A 408 7.91 22.33 -26.35
C VAL A 408 7.37 20.92 -26.12
N ARG A 409 8.13 19.90 -26.52
CA ARG A 409 7.70 18.50 -26.36
C ARG A 409 7.38 18.20 -24.90
N ASN A 410 8.14 18.82 -23.97
CA ASN A 410 8.02 18.47 -22.56
C ASN A 410 6.84 19.17 -21.89
N LEU A 411 6.13 20.05 -22.64
CA LEU A 411 4.85 20.57 -22.16
C LEU A 411 3.72 19.54 -22.33
N LEU A 412 3.96 18.44 -23.07
CA LEU A 412 2.87 17.58 -23.51
C LEU A 412 2.70 16.41 -22.55
N GLY A 413 1.45 15.98 -22.39
CA GLY A 413 1.17 14.81 -21.59
C GLY A 413 1.04 13.52 -22.39
N ASP A 414 0.84 12.41 -21.65
CA ASP A 414 0.99 11.09 -22.25
C ASP A 414 -0.14 10.72 -23.23
N TYR A 415 -1.28 11.43 -23.23
CA TYR A 415 -2.36 11.20 -24.20
C TYR A 415 -2.57 12.45 -25.08
N MET A 416 -1.51 13.27 -25.18
CA MET A 416 -1.47 14.29 -26.22
C MET A 416 -0.79 13.68 -27.44
N TYR A 417 -1.44 13.88 -28.60
CA TYR A 417 -1.11 13.14 -29.81
C TYR A 417 0.40 13.17 -30.13
N LEU A 418 1.07 14.31 -30.03
CA LEU A 418 2.46 14.38 -30.48
C LEU A 418 3.45 13.76 -29.49
N ALA A 419 3.04 13.56 -28.24
CA ALA A 419 3.79 12.76 -27.28
C ALA A 419 3.52 11.24 -27.44
N HIS A 420 2.24 10.90 -27.59
CA HIS A 420 1.80 9.51 -27.47
C HIS A 420 2.36 8.76 -28.67
N ILE A 421 2.44 9.47 -29.80
CA ILE A 421 2.77 8.80 -31.05
C ILE A 421 4.23 8.37 -31.11
N ARG A 422 5.09 8.89 -30.20
CA ARG A 422 6.52 8.56 -30.15
C ARG A 422 6.76 7.04 -30.01
N ALA A 423 5.93 6.35 -29.20
CA ALA A 423 5.99 4.90 -29.07
C ALA A 423 5.90 4.18 -30.41
N LEU A 424 4.96 4.57 -31.29
CA LEU A 424 4.88 4.03 -32.66
C LEU A 424 6.19 4.28 -33.42
N LEU A 425 6.71 5.51 -33.36
CA LEU A 425 7.98 5.85 -34.00
C LEU A 425 9.09 4.89 -33.56
N ASP A 426 9.18 4.62 -32.23
CA ASP A 426 10.14 3.65 -31.71
C ASP A 426 9.97 2.28 -32.36
N ASN A 427 8.73 1.77 -32.42
CA ASN A 427 8.45 0.42 -32.90
C ASN A 427 8.86 0.29 -34.38
N ILE A 428 8.57 1.32 -35.21
CA ILE A 428 8.98 1.34 -36.61
C ILE A 428 10.50 1.31 -36.72
N ASP A 429 11.17 2.09 -35.84
CA ASP A 429 12.62 2.26 -35.87
C ASP A 429 13.30 0.95 -35.44
N ASP A 430 12.60 0.11 -34.63
CA ASP A 430 13.11 -1.17 -34.13
C ASP A 430 13.07 -2.29 -35.18
N VAL A 431 12.56 -2.03 -36.39
CA VAL A 431 12.45 -3.02 -37.45
C VAL A 431 13.81 -3.13 -38.16
N PHE A 432 14.52 -4.25 -37.94
CA PHE A 432 15.81 -4.51 -38.57
C PHE A 432 15.70 -5.56 -39.67
N GLY A 433 14.58 -6.25 -39.81
CA GLY A 433 14.45 -7.27 -40.86
C GLY A 433 13.91 -6.66 -42.16
N ASN A 434 12.91 -7.28 -42.77
CA ASN A 434 12.40 -6.84 -44.06
C ASN A 434 11.82 -5.41 -43.98
N GLU A 443 8.88 8.45 -42.35
CA GLU A 443 9.39 9.24 -43.51
C GLU A 443 8.57 10.52 -43.59
N ARG A 444 7.47 10.48 -44.36
CA ARG A 444 6.47 11.54 -44.36
C ARG A 444 5.93 11.73 -42.95
N LEU A 445 5.97 10.65 -42.14
CA LEU A 445 5.37 10.60 -40.80
C LEU A 445 6.22 11.37 -39.80
N LYS A 446 7.54 11.11 -39.80
CA LYS A 446 8.47 11.76 -38.86
C LYS A 446 8.51 13.27 -39.18
N LYS A 447 8.32 13.65 -40.45
CA LYS A 447 8.26 15.05 -40.88
C LYS A 447 6.96 15.73 -40.43
N SER A 448 5.81 15.04 -40.59
CA SER A 448 4.57 15.68 -40.19
C SER A 448 4.56 15.86 -38.66
N ILE A 449 5.17 14.94 -37.91
CA ILE A 449 5.27 15.09 -36.45
C ILE A 449 6.07 16.35 -36.11
N GLU A 450 7.29 16.48 -36.69
CA GLU A 450 8.18 17.58 -36.36
C GLU A 450 7.50 18.90 -36.74
N GLU A 451 6.86 18.98 -37.90
CA GLU A 451 6.24 20.23 -38.37
C GLU A 451 5.06 20.60 -37.46
N HIS A 452 4.30 19.60 -36.97
CA HIS A 452 3.19 19.92 -36.08
C HIS A 452 3.75 20.35 -34.73
N MET A 453 4.81 19.70 -34.28
CA MET A 453 5.45 20.09 -33.02
C MET A 453 5.87 21.57 -33.08
N LYS A 454 6.42 21.99 -34.23
CA LYS A 454 6.97 23.33 -34.41
C LYS A 454 5.87 24.39 -34.25
N SER A 455 4.60 24.00 -34.43
CA SER A 455 3.48 24.92 -34.37
C SER A 455 3.12 25.31 -32.94
N ILE A 456 3.60 24.53 -31.95
CA ILE A 456 3.17 24.74 -30.59
C ILE A 456 4.00 25.88 -29.98
N PRO A 457 3.32 26.90 -29.45
CA PRO A 457 4.03 27.99 -28.75
C PRO A 457 4.86 27.49 -27.60
N SER A 458 6.05 28.09 -27.41
CA SER A 458 7.09 27.67 -26.47
C SER A 458 7.07 28.58 -25.26
N VAL A 459 7.67 28.11 -24.17
CA VAL A 459 7.93 28.94 -23.02
C VAL A 459 8.84 30.12 -23.41
N LEU A 460 9.79 29.84 -24.30
CA LEU A 460 10.74 30.85 -24.76
C LEU A 460 10.01 31.94 -25.47
N ASP A 461 9.11 31.52 -26.37
CA ASP A 461 8.29 32.42 -27.15
C ASP A 461 7.51 33.33 -26.20
N ALA A 462 6.98 32.76 -25.11
CA ALA A 462 6.13 33.53 -24.22
C ALA A 462 6.93 34.64 -23.55
N PHE A 463 8.15 34.34 -23.10
CA PHE A 463 9.00 35.36 -22.50
C PHE A 463 9.34 36.45 -23.51
N LYS A 464 9.61 36.06 -24.76
CA LYS A 464 9.90 37.02 -25.82
C LYS A 464 8.72 37.92 -26.08
N GLU A 465 7.50 37.35 -26.20
CA GLU A 465 6.32 38.12 -26.51
C GLU A 465 6.00 39.11 -25.38
N GLU A 466 6.29 38.72 -24.14
CA GLU A 466 6.02 39.57 -23.00
C GLU A 466 7.02 40.72 -22.92
N GLY A 467 8.12 40.65 -23.69
CA GLY A 467 9.08 41.73 -23.77
C GLY A 467 10.15 41.69 -22.69
N ILE A 468 10.42 40.49 -22.11
CA ILE A 468 11.36 40.35 -21.03
C ILE A 468 12.76 40.27 -21.63
N GLU A 469 13.71 40.91 -20.96
CA GLU A 469 15.09 40.77 -21.34
C GLU A 469 15.61 39.55 -20.59
N PHE A 470 16.07 38.56 -21.34
CA PHE A 470 16.54 37.33 -20.72
C PHE A 470 17.61 36.67 -21.58
N GLU A 471 18.40 35.81 -20.95
CA GLU A 471 19.23 34.83 -21.63
C GLU A 471 18.74 33.44 -21.22
N TYR A 472 18.92 32.46 -22.13
CA TYR A 472 18.51 31.10 -21.87
C TYR A 472 19.72 30.18 -21.80
N ALA A 473 19.74 29.29 -20.79
CA ALA A 473 20.71 28.21 -20.72
C ALA A 473 19.95 26.92 -20.37
N LYS A 474 20.17 25.86 -21.15
CA LYS A 474 19.45 24.62 -20.92
C LYS A 474 19.78 24.05 -19.55
N GLY A 475 21.04 24.10 -19.12
CA GLY A 475 21.44 23.62 -17.82
C GLY A 475 21.73 22.12 -17.77
N CYS A 476 20.72 21.30 -18.08
CA CYS A 476 20.87 19.85 -18.15
C CYS A 476 19.71 19.27 -18.95
N GLU A 477 19.77 17.98 -19.26
CA GLU A 477 18.67 17.27 -19.90
C GLU A 477 17.70 16.86 -18.78
N VAL A 478 16.53 16.37 -19.20
CA VAL A 478 15.60 15.80 -18.23
C VAL A 478 16.16 14.56 -17.58
N THR A 479 16.88 13.70 -18.33
CA THR A 479 17.42 12.49 -17.77
C THR A 479 18.94 12.46 -17.88
N GLY A 480 19.54 11.48 -17.21
CA GLY A 480 20.98 11.29 -17.25
C GLY A 480 21.70 12.10 -16.18
N GLU A 481 23.04 12.04 -16.21
CA GLU A 481 23.86 12.55 -15.13
C GLU A 481 24.83 13.62 -15.62
N ASP A 482 24.65 14.10 -16.86
CA ASP A 482 25.58 15.04 -17.47
C ASP A 482 25.39 16.42 -16.85
N ARG A 483 26.46 16.95 -16.23
CA ARG A 483 26.43 18.27 -15.59
C ARG A 483 27.25 19.29 -16.37
N SER A 484 27.61 19.02 -17.62
CA SER A 484 28.50 19.90 -18.38
C SER A 484 27.79 21.20 -18.80
N GLY A 485 26.46 21.29 -18.67
CA GLY A 485 25.74 22.51 -18.97
C GLY A 485 25.55 23.42 -17.75
N PHE A 486 25.96 22.96 -16.57
CA PHE A 486 25.78 23.72 -15.34
C PHE A 486 26.57 25.03 -15.39
N GLU A 487 27.80 25.01 -15.91
CA GLU A 487 28.64 26.19 -15.82
C GLU A 487 28.00 27.37 -16.57
N GLU A 488 27.47 27.10 -17.76
CA GLU A 488 26.81 28.12 -18.55
C GLU A 488 25.59 28.70 -17.81
N ALA A 489 24.80 27.82 -17.19
CA ALA A 489 23.62 28.27 -16.49
C ALA A 489 24.00 29.17 -15.31
N ILE A 490 24.99 28.74 -14.53
CA ILE A 490 25.50 29.47 -13.39
C ILE A 490 25.99 30.86 -13.84
N GLU A 491 26.67 30.90 -14.98
CA GLU A 491 27.25 32.15 -15.44
C GLU A 491 26.15 33.14 -15.83
N ILE A 492 25.08 32.67 -16.49
CA ILE A 492 24.02 33.60 -16.88
C ILE A 492 23.24 33.98 -15.63
N ALA A 493 23.13 33.08 -14.64
CA ALA A 493 22.47 33.47 -13.40
C ALA A 493 23.21 34.63 -12.72
N LYS A 494 24.54 34.54 -12.67
CA LYS A 494 25.37 35.53 -11.97
C LYS A 494 25.21 36.91 -12.60
N LYS A 495 24.92 36.96 -13.90
CA LYS A 495 24.77 38.19 -14.65
C LYS A 495 23.34 38.69 -14.67
N SER A 496 22.40 38.01 -14.01
CA SER A 496 21.00 38.34 -14.06
C SER A 496 20.54 38.88 -12.72
N ASP A 497 19.28 39.33 -12.69
CA ASP A 497 18.62 39.77 -11.48
C ASP A 497 17.87 38.61 -10.79
N VAL A 498 17.36 37.67 -11.59
CA VAL A 498 16.55 36.57 -11.08
C VAL A 498 16.72 35.38 -12.02
N ALA A 499 16.84 34.20 -11.44
CA ALA A 499 16.94 32.97 -12.22
C ALA A 499 15.59 32.28 -12.15
N ILE A 500 15.05 31.97 -13.33
CA ILE A 500 13.78 31.24 -13.44
C ILE A 500 14.15 29.87 -13.98
N VAL A 501 14.06 28.88 -13.09
CA VAL A 501 14.57 27.53 -13.35
C VAL A 501 13.36 26.64 -13.62
N VAL A 502 13.30 26.11 -14.84
CA VAL A 502 12.12 25.40 -15.35
C VAL A 502 12.53 23.97 -15.57
N VAL A 503 12.05 23.09 -14.66
CA VAL A 503 12.50 21.71 -14.63
C VAL A 503 11.27 20.82 -14.61
N GLY A 504 11.49 19.52 -14.82
CA GLY A 504 10.41 18.56 -14.62
C GLY A 504 10.52 17.38 -15.56
N ASP A 505 9.35 16.98 -16.10
CA ASP A 505 9.22 15.70 -16.76
C ASP A 505 9.29 15.83 -18.27
N LYS A 506 9.56 14.66 -18.89
CA LYS A 506 9.13 14.37 -20.24
C LYS A 506 8.13 13.22 -20.13
N SER A 507 6.87 13.49 -20.48
CA SER A 507 5.81 12.51 -20.29
C SER A 507 5.56 11.74 -21.57
N GLY A 508 5.38 10.41 -21.40
CA GLY A 508 5.00 9.54 -22.49
C GLY A 508 5.16 8.08 -22.12
N LEU A 509 5.26 7.21 -23.12
CA LEU A 509 5.16 5.78 -22.89
C LEU A 509 6.51 5.10 -23.09
N THR A 510 7.55 5.84 -23.47
CA THR A 510 8.82 5.22 -23.86
C THR A 510 9.88 5.43 -22.80
N LEU A 511 11.03 4.73 -22.93
CA LEU A 511 12.02 4.70 -21.86
C LEU A 511 12.62 6.06 -21.57
N ASP A 512 12.68 6.95 -22.56
CA ASP A 512 13.25 8.28 -22.39
C ASP A 512 12.31 9.22 -21.61
N CYS A 513 11.08 8.76 -21.36
CA CYS A 513 10.14 9.52 -20.56
C CYS A 513 10.30 9.20 -19.08
N THR A 514 9.99 10.20 -18.25
CA THR A 514 10.14 10.15 -16.82
C THR A 514 8.81 9.98 -16.08
N THR A 515 7.70 10.27 -16.76
CA THR A 515 6.36 10.07 -16.22
C THR A 515 5.48 9.71 -17.39
N GLY A 516 4.22 9.37 -17.09
CA GLY A 516 3.30 8.84 -18.07
C GLY A 516 3.11 7.34 -17.87
N GLN A 517 2.10 6.83 -18.55
CA GLN A 517 1.82 5.40 -18.55
C GLN A 517 3.09 4.61 -18.79
N SER A 518 3.40 3.72 -17.83
CA SER A 518 4.53 2.77 -17.84
C SER A 518 5.82 3.36 -17.29
N ARG A 519 5.79 4.62 -16.88
CA ARG A 519 6.97 5.29 -16.34
C ARG A 519 6.75 5.67 -14.89
N ASP A 520 7.05 4.73 -14.00
CA ASP A 520 6.80 4.87 -12.57
C ASP A 520 8.09 5.30 -11.91
N MET A 521 8.01 6.19 -10.92
CA MET A 521 9.20 6.79 -10.30
C MET A 521 9.21 6.44 -8.80
N ALA A 522 10.09 5.52 -8.41
CA ALA A 522 10.13 5.02 -7.05
C ALA A 522 10.44 6.09 -6.01
N ASN A 523 11.48 6.91 -6.25
CA ASN A 523 12.06 7.73 -5.20
C ASN A 523 11.67 9.21 -5.29
N LEU A 524 10.85 9.59 -6.28
CA LEU A 524 10.20 10.89 -6.34
C LEU A 524 11.22 12.05 -6.34
N LYS A 525 12.42 11.81 -6.89
CA LYS A 525 13.37 12.90 -7.06
C LYS A 525 13.16 13.46 -8.47
N LEU A 526 13.30 14.78 -8.62
CA LEU A 526 13.22 15.38 -9.94
C LEU A 526 14.14 14.61 -10.87
N PRO A 527 13.76 14.36 -12.12
CA PRO A 527 14.55 13.49 -12.96
C PRO A 527 15.96 14.01 -13.25
N GLY A 528 16.86 13.09 -13.49
CA GLY A 528 18.22 13.42 -13.88
C GLY A 528 18.93 14.21 -12.80
N VAL A 529 19.70 15.23 -13.22
CA VAL A 529 20.42 16.05 -12.26
C VAL A 529 19.74 17.42 -12.14
N GLN A 530 18.42 17.45 -12.35
CA GLN A 530 17.69 18.70 -12.29
C GLN A 530 17.67 19.26 -10.87
N GLU A 531 17.61 18.45 -9.83
CA GLU A 531 17.60 18.97 -8.48
C GLU A 531 18.93 19.67 -8.25
N GLU A 532 20.03 19.01 -8.65
CA GLU A 532 21.37 19.55 -8.49
C GLU A 532 21.50 20.87 -9.28
N LEU A 533 20.89 20.96 -10.46
CA LEU A 533 20.87 22.20 -11.23
C LEU A 533 20.24 23.33 -10.41
N VAL A 534 19.05 23.08 -9.84
CA VAL A 534 18.39 24.08 -9.03
C VAL A 534 19.32 24.53 -7.90
N LEU A 535 19.95 23.58 -7.20
CA LEU A 535 20.74 23.92 -6.03
C LEU A 535 22.00 24.70 -6.44
N GLU A 536 22.57 24.36 -7.60
CA GLU A 536 23.77 25.06 -8.08
C GLU A 536 23.43 26.49 -8.42
N VAL A 537 22.27 26.71 -9.05
CA VAL A 537 21.82 28.05 -9.39
C VAL A 537 21.57 28.81 -8.09
N ALA A 538 20.95 28.16 -7.11
CA ALA A 538 20.63 28.86 -5.88
C ALA A 538 21.90 29.35 -5.16
N LYS A 539 22.98 28.59 -5.31
CA LYS A 539 24.23 28.88 -4.61
C LYS A 539 24.85 30.19 -5.08
N THR A 540 24.40 30.72 -6.22
CA THR A 540 24.87 32.01 -6.69
C THR A 540 24.38 33.15 -5.80
N GLY A 541 23.35 32.89 -4.97
CA GLY A 541 22.77 33.91 -4.14
C GLY A 541 21.71 34.74 -4.85
N LYS A 542 21.48 34.50 -6.15
CA LYS A 542 20.43 35.20 -6.88
C LYS A 542 19.05 34.70 -6.48
N PRO A 543 17.99 35.53 -6.56
CA PRO A 543 16.63 35.06 -6.35
C PRO A 543 16.29 33.98 -7.38
N VAL A 544 15.57 32.93 -6.94
CA VAL A 544 15.23 31.81 -7.79
C VAL A 544 13.73 31.59 -7.74
N VAL A 545 13.11 31.60 -8.93
CA VAL A 545 11.76 31.16 -9.15
C VAL A 545 11.85 29.78 -9.77
N LEU A 546 11.29 28.78 -9.09
CA LEU A 546 11.32 27.40 -9.55
C LEU A 546 9.96 27.09 -10.17
N VAL A 547 10.00 26.65 -11.44
CA VAL A 547 8.82 26.32 -12.20
C VAL A 547 8.91 24.83 -12.50
N LEU A 548 7.93 24.06 -11.98
CA LEU A 548 7.88 22.63 -12.18
C LEU A 548 6.88 22.32 -13.27
N ILE A 549 7.36 21.79 -14.38
CA ILE A 549 6.49 21.35 -15.46
C ILE A 549 6.53 19.83 -15.43
N THR A 550 5.58 19.25 -14.70
CA THR A 550 5.62 17.84 -14.33
C THR A 550 4.22 17.23 -14.38
N GLY A 551 4.22 15.90 -14.35
CA GLY A 551 2.98 15.12 -14.36
C GLY A 551 2.64 14.55 -12.98
N ARG A 552 3.59 14.57 -12.06
CA ARG A 552 3.41 14.03 -10.72
C ARG A 552 4.00 14.96 -9.68
N PRO A 553 3.56 14.87 -8.40
CA PRO A 553 4.31 15.43 -7.29
C PRO A 553 5.73 14.87 -7.28
N TYR A 554 6.71 15.75 -7.05
CA TYR A 554 8.07 15.37 -6.71
C TYR A 554 8.37 15.84 -5.30
N SER A 555 9.30 15.15 -4.65
CA SER A 555 9.89 15.59 -3.39
C SER A 555 10.65 16.90 -3.58
N LEU A 556 10.23 17.94 -2.87
CA LEU A 556 10.86 19.25 -2.96
C LEU A 556 11.55 19.62 -1.66
N LYS A 557 11.73 18.65 -0.76
CA LYS A 557 12.26 18.91 0.57
C LYS A 557 13.66 19.52 0.49
N ASN A 558 14.46 19.11 -0.48
CA ASN A 558 15.84 19.56 -0.58
C ASN A 558 15.98 20.91 -1.28
N VAL A 559 14.91 21.43 -1.91
CA VAL A 559 15.01 22.70 -2.63
C VAL A 559 14.12 23.78 -2.03
N VAL A 560 13.05 23.42 -1.32
CA VAL A 560 12.03 24.38 -0.96
C VAL A 560 12.62 25.59 -0.22
N ASP A 561 13.56 25.36 0.69
CA ASP A 561 14.06 26.46 1.51
C ASP A 561 15.17 27.20 0.77
N LYS A 562 15.52 26.75 -0.44
CA LYS A 562 16.67 27.29 -1.14
C LYS A 562 16.19 28.18 -2.30
N VAL A 563 14.88 28.21 -2.54
CA VAL A 563 14.32 28.97 -3.63
C VAL A 563 13.27 29.93 -3.09
N ASN A 564 12.98 30.98 -3.85
CA ASN A 564 12.16 32.08 -3.36
C ASN A 564 10.66 31.91 -3.66
N ALA A 565 10.37 31.26 -4.80
CA ALA A 565 8.99 30.95 -5.17
C ALA A 565 9.00 29.64 -5.94
N ILE A 566 7.89 28.91 -5.85
CA ILE A 566 7.69 27.67 -6.59
C ILE A 566 6.30 27.70 -7.22
N LEU A 567 6.27 27.49 -8.55
CA LEU A 567 5.07 27.26 -9.33
C LEU A 567 4.97 25.83 -9.80
N GLN A 568 3.83 25.19 -9.52
CA GLN A 568 3.54 23.87 -10.06
C GLN A 568 2.70 24.09 -11.31
N VAL A 569 3.23 23.62 -12.45
CA VAL A 569 2.58 23.66 -13.73
C VAL A 569 2.38 22.22 -14.18
N TRP A 570 1.23 21.64 -13.84
CA TRP A 570 0.92 20.33 -14.38
C TRP A 570 0.92 20.40 -15.88
N LEU A 571 1.51 19.40 -16.55
CA LEU A 571 1.70 19.37 -18.00
C LEU A 571 0.59 20.10 -18.74
N PRO A 572 0.91 21.32 -19.23
CA PRO A 572 -0.15 22.24 -19.66
C PRO A 572 -0.58 22.20 -21.12
N GLY A 573 0.13 21.43 -21.93
CA GLY A 573 -0.21 21.39 -23.34
C GLY A 573 0.10 22.73 -24.00
N GLU A 574 -0.60 23.06 -25.08
CA GLU A 574 -0.16 24.19 -25.91
C GLU A 574 -0.31 25.56 -25.23
N ALA A 575 -1.19 25.73 -24.25
CA ALA A 575 -1.39 26.99 -23.54
C ALA A 575 -0.37 27.30 -22.43
N GLY A 576 0.55 26.37 -22.19
CA GLY A 576 1.46 26.41 -21.08
C GLY A 576 2.33 27.65 -21.04
N GLY A 577 3.01 27.96 -22.13
CA GLY A 577 3.99 29.03 -22.05
C GLY A 577 3.34 30.36 -21.65
N ARG A 578 2.24 30.71 -22.31
CA ARG A 578 1.57 31.99 -22.07
C ARG A 578 1.11 32.06 -20.63
N ALA A 579 0.49 30.98 -20.12
CA ALA A 579 -0.07 31.02 -18.77
C ALA A 579 1.02 31.23 -17.72
N ILE A 580 2.16 30.52 -17.89
CA ILE A 580 3.27 30.63 -16.97
C ILE A 580 3.74 32.09 -16.88
N VAL A 581 3.95 32.71 -18.06
CA VAL A 581 4.53 34.04 -18.07
C VAL A 581 3.49 35.04 -17.54
N ASP A 582 2.21 34.85 -17.91
CA ASP A 582 1.11 35.67 -17.38
C ASP A 582 1.17 35.65 -15.86
N ILE A 583 1.28 34.45 -15.27
CA ILE A 583 1.32 34.35 -13.81
C ILE A 583 2.60 34.97 -13.21
N ILE A 584 3.77 34.68 -13.78
CA ILE A 584 5.01 35.19 -13.23
C ILE A 584 4.96 36.71 -13.11
N TYR A 585 4.37 37.37 -14.10
CA TYR A 585 4.35 38.83 -14.13
C TYR A 585 3.07 39.42 -13.60
N GLY A 586 2.17 38.58 -13.06
CA GLY A 586 0.99 39.11 -12.41
C GLY A 586 -0.14 39.56 -13.34
N LYS A 587 -0.05 39.27 -14.64
N LYS A 587 -0.05 39.26 -14.64
CA LYS A 587 -1.15 39.56 -15.54
CA LYS A 587 -1.13 39.54 -15.56
C LYS A 587 -2.32 38.63 -15.22
C LYS A 587 -2.31 38.63 -15.23
N VAL A 588 -1.99 37.46 -14.70
CA VAL A 588 -2.97 36.55 -14.12
C VAL A 588 -2.56 36.28 -12.67
N ASN A 589 -3.56 36.33 -11.77
CA ASN A 589 -3.33 36.03 -10.37
C ASN A 589 -3.50 34.52 -10.21
N PRO A 590 -2.47 33.78 -9.78
CA PRO A 590 -2.58 32.33 -9.65
C PRO A 590 -3.72 32.00 -8.70
N SER A 591 -4.44 30.92 -9.05
CA SER A 591 -5.61 30.51 -8.32
C SER A 591 -5.77 28.98 -8.24
N GLY A 592 -4.81 28.21 -8.76
CA GLY A 592 -4.93 26.76 -8.68
C GLY A 592 -4.74 26.29 -7.24
N LYS A 593 -5.33 25.12 -6.92
CA LYS A 593 -5.16 24.51 -5.61
C LYS A 593 -4.78 23.03 -5.81
N LEU A 594 -3.88 22.49 -4.97
CA LEU A 594 -3.45 21.11 -5.13
C LEU A 594 -4.63 20.15 -5.03
N PRO A 595 -4.76 19.24 -6.01
CA PRO A 595 -5.75 18.15 -5.92
C PRO A 595 -5.12 16.87 -5.39
N ILE A 596 -3.84 16.93 -5.02
CA ILE A 596 -3.07 15.79 -4.53
C ILE A 596 -1.98 16.33 -3.62
N SER A 597 -1.76 15.67 -2.49
CA SER A 597 -0.73 15.99 -1.54
C SER A 597 0.66 15.81 -2.14
N PHE A 598 1.58 16.72 -1.79
CA PHE A 598 3.00 16.62 -2.14
C PHE A 598 3.78 16.00 -0.98
N PRO A 599 4.26 14.75 -1.12
CA PRO A 599 5.05 14.12 -0.05
C PRO A 599 6.38 14.84 0.14
N ARG A 600 6.89 14.76 1.37
CA ARG A 600 8.26 15.19 1.64
C ARG A 600 9.27 14.29 0.96
N SER A 601 8.96 12.99 0.86
CA SER A 601 9.87 11.97 0.37
C SER A 601 9.05 10.74 0.01
N ALA A 602 9.63 9.83 -0.80
CA ALA A 602 8.91 8.63 -1.20
C ALA A 602 8.58 7.73 -0.01
N GLY A 603 9.44 7.72 0.99
CA GLY A 603 9.22 6.85 2.14
C GLY A 603 8.03 7.27 3.00
N GLN A 604 7.54 8.49 2.79
CA GLN A 604 6.36 8.99 3.48
C GLN A 604 5.06 8.50 2.81
N ILE A 605 5.14 7.88 1.63
CA ILE A 605 3.93 7.55 0.90
C ILE A 605 3.16 6.48 1.65
N PRO A 606 1.82 6.57 1.81
CA PRO A 606 0.98 7.66 1.31
C PRO A 606 0.73 8.76 2.32
N VAL A 607 0.48 9.97 1.77
CA VAL A 607 0.00 11.11 2.52
C VAL A 607 -1.24 11.62 1.80
N PHE A 608 -2.30 11.88 2.58
CA PHE A 608 -3.57 12.34 2.04
C PHE A 608 -4.39 12.99 3.14
N HIS A 609 -5.29 13.91 2.77
CA HIS A 609 -5.87 14.78 3.77
C HIS A 609 -6.91 14.07 4.65
N TYR A 610 -7.53 12.99 4.15
CA TYR A 610 -8.68 12.39 4.79
C TYR A 610 -8.31 11.12 5.58
N VAL A 611 -7.12 11.14 6.15
CA VAL A 611 -6.71 10.08 7.07
C VAL A 611 -7.71 9.93 8.21
N LYS A 612 -7.81 8.70 8.70
N LYS A 612 -7.81 8.70 8.70
CA LYS A 612 -8.48 8.39 9.96
CA LYS A 612 -8.49 8.39 9.95
C LYS A 612 -7.67 8.94 11.12
C LYS A 612 -7.67 8.94 11.12
N PRO A 613 -8.18 8.92 12.37
CA PRO A 613 -7.41 9.46 13.49
C PRO A 613 -6.03 8.85 13.69
N SER A 614 -5.92 7.56 13.35
CA SER A 614 -4.66 6.83 13.44
C SER A 614 -3.82 6.97 12.18
N GLY A 615 -4.38 7.53 11.09
CA GLY A 615 -3.60 7.75 9.89
C GLY A 615 -2.83 9.08 9.97
N GLY A 616 -1.84 9.20 9.10
CA GLY A 616 -1.10 10.43 8.95
C GLY A 616 -0.17 10.74 10.11
N ARG A 617 0.12 9.75 10.95
CA ARG A 617 1.04 9.92 12.06
C ARG A 617 1.55 8.53 12.44
N SER A 618 2.71 8.53 13.15
CA SER A 618 3.28 7.37 13.81
C SER A 618 3.07 7.54 15.31
N HIS A 619 2.43 6.58 15.98
CA HIS A 619 2.20 6.70 17.40
C HIS A 619 3.36 6.06 18.15
N TRP A 620 3.91 6.69 19.20
CA TRP A 620 3.41 7.86 19.88
C TRP A 620 4.34 9.07 19.76
N HIS A 621 5.35 9.03 18.88
CA HIS A 621 6.21 10.20 18.67
C HIS A 621 5.74 11.13 17.55
N GLY A 622 4.69 10.73 16.81
CA GLY A 622 4.09 11.56 15.81
C GLY A 622 4.77 11.43 14.45
N ASP A 623 6.10 11.66 14.43
CA ASP A 623 6.85 11.62 13.20
C ASP A 623 7.61 10.30 13.06
N TYR A 624 8.09 10.05 11.84
CA TYR A 624 9.13 9.05 11.66
C TYR A 624 10.43 9.53 12.32
N VAL A 625 11.36 8.58 12.52
CA VAL A 625 12.70 8.92 13.01
C VAL A 625 13.37 10.03 12.18
N ASP A 626 13.16 9.95 10.85
CA ASP A 626 13.94 10.65 9.84
C ASP A 626 13.11 11.64 9.05
N GLU A 627 11.82 11.80 9.35
CA GLU A 627 10.91 12.49 8.44
C GLU A 627 9.63 12.87 9.18
N SER A 628 9.14 14.07 8.93
CA SER A 628 7.78 14.43 9.34
C SER A 628 6.77 13.48 8.69
N THR A 629 5.63 13.29 9.35
CA THR A 629 4.50 12.58 8.76
C THR A 629 3.56 13.52 8.00
N LYS A 630 3.81 14.83 8.07
CA LYS A 630 2.99 15.79 7.32
C LYS A 630 3.50 15.89 5.90
N PRO A 631 2.63 16.03 4.87
CA PRO A 631 3.11 16.29 3.52
C PRO A 631 3.78 17.66 3.48
N LEU A 632 4.64 17.85 2.49
CA LEU A 632 5.28 19.15 2.33
C LEU A 632 4.26 20.21 1.94
N PHE A 633 3.38 19.90 1.00
CA PHE A 633 2.26 20.76 0.68
C PHE A 633 0.99 19.92 0.74
N PRO A 634 -0.03 20.39 1.47
CA PRO A 634 -1.24 19.61 1.67
C PRO A 634 -2.26 19.77 0.53
N PHE A 635 -3.23 18.85 0.52
CA PHE A 635 -4.35 18.92 -0.37
C PHE A 635 -5.03 20.28 -0.25
N GLY A 636 -5.36 20.85 -1.40
CA GLY A 636 -6.10 22.11 -1.40
C GLY A 636 -5.19 23.35 -1.31
N HIS A 637 -3.89 23.15 -1.18
CA HIS A 637 -2.92 24.25 -1.06
C HIS A 637 -2.78 25.03 -2.35
N GLY A 638 -2.77 26.36 -2.24
CA GLY A 638 -2.48 27.19 -3.39
C GLY A 638 -2.54 28.66 -2.99
N LEU A 639 -1.46 29.41 -3.22
CA LEU A 639 -1.38 30.79 -2.76
C LEU A 639 -1.88 31.69 -3.87
N SER A 640 -1.97 32.99 -3.53
CA SER A 640 -2.48 34.03 -4.38
C SER A 640 -1.57 35.27 -4.23
N TYR A 641 -1.66 36.18 -5.20
CA TYR A 641 -1.03 37.48 -5.09
C TYR A 641 -1.91 38.45 -4.30
N THR A 642 -3.08 37.99 -3.85
CA THR A 642 -3.90 38.78 -2.94
C THR A 642 -4.19 37.91 -1.72
N LYS A 643 -4.92 38.49 -0.76
CA LYS A 643 -5.29 37.83 0.48
C LYS A 643 -6.80 37.81 0.60
N PHE A 644 -7.32 36.66 1.08
CA PHE A 644 -8.75 36.47 1.27
C PHE A 644 -9.06 36.32 2.74
N GLU A 645 -10.08 37.04 3.20
CA GLU A 645 -10.46 37.01 4.60
C GLU A 645 -11.86 36.41 4.72
N TYR A 646 -11.96 35.38 5.56
CA TYR A 646 -13.17 34.60 5.74
C TYR A 646 -13.83 35.07 7.05
N SER A 647 -15.14 35.25 7.04
CA SER A 647 -15.84 35.67 8.25
C SER A 647 -17.25 35.13 8.26
N ASN A 648 -17.94 35.31 9.41
CA ASN A 648 -19.38 35.14 9.44
C ASN A 648 -19.84 33.75 8.99
N LEU A 649 -19.32 32.72 9.65
CA LEU A 649 -19.78 31.37 9.44
C LEU A 649 -21.20 31.22 10.00
N ARG A 650 -22.11 30.72 9.17
CA ARG A 650 -23.46 30.40 9.60
C ARG A 650 -23.73 28.95 9.20
N ILE A 651 -24.37 28.21 10.11
CA ILE A 651 -24.72 26.81 9.89
C ILE A 651 -26.17 26.63 10.39
N GLU A 652 -27.08 26.36 9.48
CA GLU A 652 -28.49 26.30 9.81
C GLU A 652 -29.16 25.15 9.07
N PRO A 653 -30.02 24.37 9.76
CA PRO A 653 -30.15 24.41 11.21
C PRO A 653 -29.04 23.67 11.94
N LYS A 654 -28.98 23.84 13.27
CA LYS A 654 -27.94 23.21 14.09
C LYS A 654 -28.22 21.74 14.38
N GLU A 655 -29.49 21.32 14.26
CA GLU A 655 -29.87 19.92 14.43
C GLU A 655 -30.67 19.54 13.19
N VAL A 656 -30.28 18.45 12.56
CA VAL A 656 -30.97 18.00 11.37
C VAL A 656 -31.22 16.50 11.47
N PRO A 657 -32.34 16.02 10.92
CA PRO A 657 -32.60 14.60 10.91
C PRO A 657 -31.75 13.92 9.85
N PRO A 658 -31.70 12.58 9.87
CA PRO A 658 -30.75 11.83 9.06
C PRO A 658 -30.88 11.88 7.55
N ALA A 659 -32.00 12.41 7.04
CA ALA A 659 -32.10 12.70 5.62
C ALA A 659 -32.42 14.18 5.40
N GLY A 660 -31.97 15.03 6.31
CA GLY A 660 -32.23 16.45 6.19
C GLY A 660 -31.10 17.15 5.44
N GLU A 661 -31.08 18.46 5.57
CA GLU A 661 -30.12 19.28 4.86
C GLU A 661 -29.70 20.44 5.76
N VAL A 662 -28.40 20.75 5.72
N VAL A 662 -28.40 20.75 5.72
CA VAL A 662 -27.87 21.92 6.40
CA VAL A 662 -27.84 21.91 6.39
C VAL A 662 -27.36 22.89 5.35
C VAL A 662 -27.34 22.89 5.34
N VAL A 663 -27.43 24.19 5.67
CA VAL A 663 -26.96 25.25 4.82
C VAL A 663 -25.84 25.96 5.56
N ILE A 664 -24.66 25.96 4.91
CA ILE A 664 -23.46 26.53 5.46
C ILE A 664 -23.12 27.76 4.64
N LYS A 665 -23.00 28.93 5.30
CA LYS A 665 -22.60 30.13 4.60
C LYS A 665 -21.36 30.73 5.23
N VAL A 666 -20.49 31.28 4.37
CA VAL A 666 -19.35 32.05 4.80
C VAL A 666 -19.23 33.28 3.91
N ASP A 667 -18.68 34.36 4.48
CA ASP A 667 -18.31 35.54 3.71
C ASP A 667 -16.81 35.53 3.46
N VAL A 668 -16.46 35.86 2.22
CA VAL A 668 -15.08 35.91 1.79
C VAL A 668 -14.86 37.27 1.14
N GLU A 669 -13.81 37.95 1.62
CA GLU A 669 -13.46 39.28 1.13
C GLU A 669 -12.03 39.25 0.62
N ASN A 670 -11.85 39.84 -0.56
CA ASN A 670 -10.52 40.07 -1.09
C ASN A 670 -10.00 41.35 -0.42
N ILE A 671 -9.12 41.20 0.57
CA ILE A 671 -8.65 42.35 1.35
C ILE A 671 -7.32 42.90 0.82
N GLY A 672 -6.79 42.30 -0.25
CA GLY A 672 -5.56 42.73 -0.88
C GLY A 672 -5.83 43.76 -1.97
N ASP A 673 -4.83 43.91 -2.86
CA ASP A 673 -4.80 44.98 -3.82
C ASP A 673 -4.89 44.47 -5.24
N ARG A 674 -5.11 43.16 -5.46
CA ARG A 674 -5.24 42.63 -6.82
C ARG A 674 -6.50 41.75 -6.85
N ASP A 675 -7.24 41.83 -7.94
CA ASP A 675 -8.36 40.95 -8.22
C ASP A 675 -7.81 39.51 -8.19
N GLY A 676 -8.66 38.54 -7.81
CA GLY A 676 -8.21 37.17 -7.83
C GLY A 676 -9.34 36.21 -7.54
N ASP A 677 -9.16 34.97 -7.94
CA ASP A 677 -10.10 33.91 -7.59
C ASP A 677 -9.58 33.17 -6.36
N GLU A 678 -10.50 32.82 -5.46
CA GLU A 678 -10.22 31.95 -4.33
C GLU A 678 -11.02 30.66 -4.54
N VAL A 679 -10.47 29.51 -4.13
CA VAL A 679 -11.28 28.30 -4.11
C VAL A 679 -11.58 28.01 -2.65
N VAL A 680 -12.83 28.28 -2.27
CA VAL A 680 -13.30 28.08 -0.91
C VAL A 680 -13.62 26.59 -0.74
N GLN A 681 -13.06 25.97 0.31
CA GLN A 681 -13.17 24.54 0.52
C GLN A 681 -13.92 24.23 1.80
N LEU A 682 -14.81 23.23 1.72
CA LEU A 682 -15.60 22.73 2.85
C LEU A 682 -15.11 21.34 3.19
N TYR A 683 -14.69 21.18 4.44
CA TYR A 683 -14.26 19.90 4.98
C TYR A 683 -15.24 19.54 6.07
N ILE A 684 -15.53 18.25 6.18
CA ILE A 684 -16.37 17.72 7.24
C ILE A 684 -15.60 16.68 7.99
N GLY A 685 -15.73 16.72 9.31
CA GLY A 685 -15.15 15.68 10.13
C GLY A 685 -16.20 15.03 11.03
N ARG A 686 -15.91 13.82 11.51
CA ARG A 686 -16.86 13.06 12.31
C ARG A 686 -16.06 12.17 13.22
N GLU A 687 -16.45 12.14 14.50
CA GLU A 687 -16.00 11.06 15.35
C GLU A 687 -17.18 10.46 16.08
N PHE A 688 -16.93 9.38 16.83
CA PHE A 688 -17.97 8.64 17.51
C PHE A 688 -19.07 8.18 16.56
N ALA A 689 -18.66 7.74 15.36
CA ALA A 689 -19.46 6.87 14.53
C ALA A 689 -19.17 5.45 14.98
N SER A 690 -19.84 4.49 14.35
CA SER A 690 -19.65 3.09 14.70
C SER A 690 -18.41 2.48 14.04
N VAL A 691 -17.85 3.22 13.07
CA VAL A 691 -16.59 2.92 12.43
C VAL A 691 -15.72 4.17 12.51
N THR A 692 -14.40 4.04 12.27
CA THR A 692 -13.57 5.24 12.25
C THR A 692 -13.88 6.05 11.01
N ARG A 693 -13.74 7.38 11.15
CA ARG A 693 -14.01 8.28 10.04
C ARG A 693 -12.87 9.27 9.86
N PRO A 694 -12.71 9.87 8.67
CA PRO A 694 -11.71 10.91 8.48
C PRO A 694 -11.89 12.03 9.48
N VAL A 695 -10.77 12.54 10.00
CA VAL A 695 -10.77 13.72 10.84
C VAL A 695 -11.28 14.92 10.03
N LYS A 696 -10.93 14.97 8.74
CA LYS A 696 -11.48 15.95 7.83
C LYS A 696 -11.45 15.35 6.45
N GLU A 697 -12.50 15.62 5.69
CA GLU A 697 -12.58 15.18 4.32
C GLU A 697 -13.34 16.21 3.48
N LEU A 698 -12.86 16.41 2.25
CA LEU A 698 -13.52 17.40 1.40
C LEU A 698 -14.96 16.94 1.08
N LYS A 699 -15.91 17.87 1.20
CA LYS A 699 -17.32 17.62 0.90
C LYS A 699 -17.95 18.75 0.08
N GLY A 700 -17.19 19.79 -0.27
CA GLY A 700 -17.74 20.86 -1.10
C GLY A 700 -16.68 21.90 -1.39
N PHE A 701 -16.92 22.69 -2.44
CA PHE A 701 -15.99 23.74 -2.80
C PHE A 701 -16.66 24.69 -3.78
N LYS A 702 -16.09 25.91 -3.84
CA LYS A 702 -16.53 26.87 -4.84
C LYS A 702 -15.39 27.81 -5.22
N ARG A 703 -15.11 27.85 -6.51
CA ARG A 703 -14.24 28.88 -7.06
C ARG A 703 -15.04 30.18 -7.11
N VAL A 704 -14.49 31.23 -6.50
CA VAL A 704 -15.20 32.51 -6.38
C VAL A 704 -14.27 33.62 -6.87
N SER A 705 -14.75 34.44 -7.83
CA SER A 705 -13.98 35.60 -8.30
C SER A 705 -14.25 36.78 -7.38
N LEU A 706 -13.19 37.46 -6.95
CA LEU A 706 -13.33 38.64 -6.10
C LEU A 706 -12.40 39.74 -6.58
N LYS A 707 -12.99 40.86 -6.97
CA LYS A 707 -12.21 42.07 -7.18
C LYS A 707 -11.56 42.51 -5.88
N ALA A 708 -10.49 43.30 -5.98
CA ALA A 708 -9.92 43.90 -4.80
C ALA A 708 -11.03 44.58 -4.00
N LYS A 709 -11.05 44.29 -2.71
CA LYS A 709 -11.99 44.82 -1.72
C LYS A 709 -13.43 44.36 -1.91
N GLU A 710 -13.70 43.40 -2.79
CA GLU A 710 -15.03 42.84 -2.96
C GLU A 710 -15.25 41.72 -1.94
N LYS A 711 -16.47 41.66 -1.39
CA LYS A 711 -16.89 40.61 -0.47
C LYS A 711 -18.14 39.92 -1.04
N LYS A 712 -18.15 38.59 -0.97
CA LYS A 712 -19.29 37.79 -1.39
C LYS A 712 -19.57 36.74 -0.30
N THR A 713 -20.80 36.23 -0.36
CA THR A 713 -21.21 35.13 0.50
C THR A 713 -21.18 33.85 -0.34
N VAL A 714 -20.49 32.82 0.19
CA VAL A 714 -20.49 31.51 -0.44
C VAL A 714 -21.41 30.62 0.38
N VAL A 715 -22.27 29.86 -0.31
CA VAL A 715 -23.32 29.05 0.30
C VAL A 715 -23.14 27.60 -0.13
N PHE A 716 -23.06 26.71 0.85
CA PHE A 716 -23.04 25.27 0.61
C PHE A 716 -24.34 24.64 1.15
N ARG A 717 -25.03 23.93 0.28
CA ARG A 717 -26.22 23.19 0.67
C ARG A 717 -25.78 21.73 0.76
N LEU A 718 -25.82 21.19 1.97
CA LEU A 718 -25.26 19.88 2.30
C LEU A 718 -26.40 18.96 2.78
N HIS A 719 -26.84 18.06 1.88
CA HIS A 719 -27.80 17.04 2.23
C HIS A 719 -27.10 15.93 3.00
N MET A 720 -27.74 15.34 3.99
CA MET A 720 -27.09 14.30 4.82
C MET A 720 -26.74 13.08 3.97
N ASP A 721 -27.44 12.88 2.84
CA ASP A 721 -27.06 11.81 1.91
C ASP A 721 -25.57 11.86 1.56
N VAL A 722 -25.05 13.08 1.44
CA VAL A 722 -23.68 13.30 0.97
C VAL A 722 -22.66 12.78 1.99
N LEU A 723 -23.07 12.72 3.27
CA LEU A 723 -22.23 12.27 4.37
C LEU A 723 -22.25 10.77 4.63
N ALA A 724 -23.06 10.02 3.87
CA ALA A 724 -23.23 8.60 4.16
C ALA A 724 -21.89 7.85 4.05
N TYR A 725 -21.73 6.84 4.93
CA TYR A 725 -20.55 5.97 4.95
C TYR A 725 -20.98 4.56 5.31
N TYR A 726 -20.07 3.59 5.11
CA TYR A 726 -20.39 2.20 5.34
C TYR A 726 -20.07 1.82 6.78
N ASN A 727 -21.02 1.11 7.41
CA ASN A 727 -20.88 0.72 8.81
C ASN A 727 -20.22 -0.66 8.90
N ARG A 728 -20.25 -1.23 10.11
CA ARG A 728 -19.57 -2.50 10.36
C ARG A 728 -20.12 -3.64 9.52
N ASP A 729 -21.39 -3.53 9.14
CA ASP A 729 -22.09 -4.56 8.39
C ASP A 729 -22.14 -4.22 6.92
N MET A 730 -21.36 -3.23 6.46
CA MET A 730 -21.29 -2.83 5.07
C MET A 730 -22.60 -2.25 4.58
N LYS A 731 -23.34 -1.64 5.50
CA LYS A 731 -24.51 -0.87 5.11
C LYS A 731 -24.13 0.61 5.02
N LEU A 732 -24.67 1.32 4.02
CA LEU A 732 -24.50 2.74 3.88
C LEU A 732 -25.45 3.44 4.85
N VAL A 733 -24.90 4.27 5.75
CA VAL A 733 -25.70 4.84 6.83
C VAL A 733 -25.39 6.31 7.05
N VAL A 734 -26.33 6.98 7.74
CA VAL A 734 -26.07 8.22 8.43
C VAL A 734 -26.44 7.97 9.88
N GLU A 735 -25.49 8.19 10.80
CA GLU A 735 -25.71 7.94 12.21
C GLU A 735 -25.87 9.26 12.93
N PRO A 736 -26.75 9.34 13.94
CA PRO A 736 -26.82 10.52 14.78
C PRO A 736 -25.47 10.82 15.44
N GLY A 737 -25.22 12.11 15.66
CA GLY A 737 -23.98 12.58 16.27
C GLY A 737 -23.60 13.95 15.70
N GLU A 738 -22.38 14.38 16.00
CA GLU A 738 -21.95 15.72 15.68
C GLU A 738 -21.00 15.66 14.48
N PHE A 739 -21.23 16.53 13.50
CA PHE A 739 -20.31 16.70 12.39
C PHE A 739 -19.62 18.06 12.52
N LYS A 740 -18.30 18.05 12.36
CA LYS A 740 -17.51 19.27 12.43
C LYS A 740 -17.42 19.86 11.02
N VAL A 741 -17.62 21.18 10.93
CA VAL A 741 -17.57 21.95 9.71
C VAL A 741 -16.28 22.78 9.72
N MET A 742 -15.46 22.64 8.67
CA MET A 742 -14.19 23.35 8.54
C MET A 742 -14.14 23.97 7.15
N VAL A 743 -14.09 25.31 7.07
CA VAL A 743 -14.11 26.03 5.80
C VAL A 743 -12.79 26.80 5.73
N GLY A 744 -12.12 26.69 4.60
CA GLY A 744 -10.84 27.39 4.47
C GLY A 744 -10.26 27.36 3.06
N SER A 745 -8.99 27.81 2.98
CA SER A 745 -8.28 28.10 1.74
C SER A 745 -7.41 26.91 1.30
N SER A 746 -7.26 25.93 2.22
CA SER A 746 -6.68 24.61 1.93
C SER A 746 -7.16 23.63 3.00
N SER A 747 -6.78 22.35 2.89
CA SER A 747 -7.15 21.38 3.91
C SER A 747 -6.46 21.68 5.24
N GLU A 748 -5.35 22.43 5.22
CA GLU A 748 -4.65 22.83 6.43
C GLU A 748 -5.02 24.25 6.84
N ASP A 749 -5.24 25.15 5.88
CA ASP A 749 -5.50 26.55 6.15
C ASP A 749 -7.00 26.76 6.37
N ILE A 750 -7.50 26.17 7.45
CA ILE A 750 -8.89 26.27 7.85
C ILE A 750 -9.10 27.62 8.53
N ARG A 751 -10.10 28.36 8.06
CA ARG A 751 -10.32 29.72 8.54
C ARG A 751 -11.48 29.81 9.54
N LEU A 752 -12.51 28.98 9.38
CA LEU A 752 -13.72 29.06 10.20
C LEU A 752 -14.15 27.63 10.51
N THR A 753 -14.56 27.42 11.76
N THR A 753 -14.52 27.37 11.77
CA THR A 753 -15.02 26.12 12.20
CA THR A 753 -14.93 26.04 12.21
C THR A 753 -16.34 26.28 12.95
C THR A 753 -16.20 26.16 13.07
N GLY A 754 -17.14 25.22 12.85
CA GLY A 754 -18.35 25.10 13.64
C GLY A 754 -18.83 23.65 13.58
N SER A 755 -20.08 23.40 13.94
CA SER A 755 -20.60 22.04 13.94
C SER A 755 -22.13 22.06 13.85
N PHE A 756 -22.68 20.91 13.45
CA PHE A 756 -24.10 20.66 13.54
C PHE A 756 -24.25 19.21 13.97
N SER A 757 -25.47 18.85 14.41
CA SER A 757 -25.76 17.50 14.87
C SER A 757 -26.85 16.87 13.98
N VAL A 758 -26.65 15.58 13.72
CA VAL A 758 -27.73 14.74 13.22
C VAL A 758 -28.44 14.14 14.44
N VAL A 759 -29.76 14.30 14.47
N VAL A 759 -29.75 14.29 14.45
CA VAL A 759 -30.61 13.86 15.56
CA VAL A 759 -30.59 13.84 15.56
C VAL A 759 -31.67 12.91 15.00
C VAL A 759 -31.67 12.91 15.00
N GLY A 760 -31.80 11.76 15.68
CA GLY A 760 -32.83 10.77 15.38
C GLY A 760 -32.19 9.39 15.24
N GLU A 761 -32.93 8.46 14.69
CA GLU A 761 -32.52 7.08 14.65
C GLU A 761 -31.50 6.91 13.52
N LYS A 762 -30.52 6.01 13.70
CA LYS A 762 -29.66 5.60 12.60
C LYS A 762 -30.45 5.30 11.35
N ARG A 763 -29.96 5.78 10.21
CA ARG A 763 -30.61 5.62 8.92
C ARG A 763 -29.78 4.76 7.98
N GLU A 764 -30.41 3.73 7.43
CA GLU A 764 -29.84 3.06 6.27
C GLU A 764 -30.24 3.85 5.03
N VAL A 765 -29.25 4.26 4.28
CA VAL A 765 -29.42 4.99 3.05
C VAL A 765 -29.67 3.97 1.94
N VAL A 766 -30.90 3.89 1.46
CA VAL A 766 -31.20 2.94 0.41
C VAL A 766 -31.62 3.66 -0.86
N GLY A 767 -31.34 2.99 -1.97
CA GLY A 767 -31.70 3.47 -3.29
C GLY A 767 -30.93 4.72 -3.66
N MET A 768 -31.53 5.53 -4.53
CA MET A 768 -30.87 6.74 -4.97
C MET A 768 -30.71 7.70 -3.80
N ARG A 769 -29.57 8.40 -3.81
N ARG A 769 -29.61 8.43 -3.87
CA ARG A 769 -29.23 9.37 -2.78
CA ARG A 769 -29.24 9.41 -2.86
C ARG A 769 -28.31 10.43 -3.40
C ARG A 769 -28.43 10.53 -3.54
N LYS A 770 -28.33 11.64 -2.85
CA LYS A 770 -27.46 12.72 -3.33
C LYS A 770 -26.00 12.40 -3.08
N PHE A 771 -25.16 12.84 -4.03
CA PHE A 771 -23.70 12.64 -3.96
C PHE A 771 -22.95 13.91 -3.61
N PHE A 772 -23.48 15.08 -3.99
CA PHE A 772 -22.72 16.31 -3.96
C PHE A 772 -23.42 17.41 -3.17
N THR A 773 -22.61 18.27 -2.58
N THR A 773 -22.61 18.27 -2.55
CA THR A 773 -23.05 19.51 -2.00
CA THR A 773 -23.09 19.53 -2.01
C THR A 773 -23.32 20.45 -3.17
C THR A 773 -23.34 20.45 -3.19
N GLU A 774 -24.30 21.36 -3.04
CA GLU A 774 -24.50 22.42 -4.03
C GLU A 774 -23.85 23.68 -3.48
N ALA A 775 -23.18 24.43 -4.35
CA ALA A 775 -22.45 25.59 -3.90
C ALA A 775 -22.88 26.75 -4.78
N CYS A 776 -23.12 27.90 -4.15
CA CYS A 776 -23.43 29.07 -4.96
C CYS A 776 -22.91 30.31 -4.23
N GLU A 777 -23.08 31.46 -4.88
CA GLU A 777 -22.74 32.74 -4.28
C GLU A 777 -23.98 33.61 -4.14
N GLU A 778 -24.02 34.41 -3.06
CA GLU A 778 -25.06 35.38 -2.75
C GLU A 778 -24.37 36.72 -2.51
N ALA A 779 -25.15 37.81 -2.53
CA ALA A 779 -24.61 39.11 -2.09
C ALA A 779 -24.38 39.08 -0.59
N ALA A 780 -23.21 39.55 -0.16
CA ALA A 780 -23.03 39.75 1.27
C ALA A 780 -23.75 41.04 1.67
N MET B 1 -15.30 -30.45 50.86
CA MET B 1 -14.87 -29.14 50.32
C MET B 1 -15.78 -28.80 49.14
N GLU B 2 -15.83 -27.49 48.80
CA GLU B 2 -16.56 -27.04 47.63
C GLU B 2 -16.01 -27.73 46.39
N LEU B 3 -16.86 -27.97 45.39
CA LEU B 3 -16.40 -28.68 44.20
C LEU B 3 -15.21 -27.95 43.55
N TYR B 4 -15.21 -26.61 43.55
CA TYR B 4 -14.15 -25.92 42.81
C TYR B 4 -12.79 -26.16 43.45
N ARG B 5 -12.78 -26.49 44.75
CA ARG B 5 -11.53 -26.70 45.44
C ARG B 5 -11.03 -28.11 45.30
N ASP B 6 -11.84 -29.00 44.71
CA ASP B 6 -11.53 -30.42 44.74
C ASP B 6 -10.82 -30.84 43.43
N PRO B 7 -9.51 -31.17 43.50
CA PRO B 7 -8.75 -31.56 42.32
C PRO B 7 -9.16 -32.91 41.70
N SER B 8 -10.03 -33.68 42.36
CA SER B 8 -10.53 -34.91 41.77
C SER B 8 -11.66 -34.65 40.79
N GLN B 9 -12.20 -33.43 40.78
CA GLN B 9 -13.27 -33.09 39.86
C GLN B 9 -12.70 -32.62 38.54
N PRO B 10 -13.39 -32.90 37.41
CA PRO B 10 -12.97 -32.34 36.12
C PRO B 10 -12.98 -30.82 36.17
N ILE B 11 -12.07 -30.20 35.41
CA ILE B 11 -11.97 -28.75 35.41
C ILE B 11 -13.33 -28.12 35.07
N GLU B 12 -14.09 -28.70 34.13
CA GLU B 12 -15.34 -28.07 33.74
C GLU B 12 -16.27 -27.96 34.94
N VAL B 13 -16.29 -29.00 35.80
CA VAL B 13 -17.14 -29.01 36.99
C VAL B 13 -16.65 -27.93 37.97
N ARG B 14 -15.33 -27.82 38.12
CA ARG B 14 -14.76 -26.84 39.06
C ARG B 14 -15.07 -25.40 38.60
N VAL B 15 -14.91 -25.17 37.30
CA VAL B 15 -15.23 -23.86 36.71
C VAL B 15 -16.70 -23.51 36.96
N ARG B 16 -17.61 -24.43 36.65
CA ARG B 16 -19.04 -24.14 36.80
C ARG B 16 -19.38 -23.84 38.25
N ASP B 17 -18.78 -24.60 39.17
CA ASP B 17 -19.04 -24.43 40.60
C ASP B 17 -18.57 -23.06 41.06
N LEU B 18 -17.31 -22.73 40.74
CA LEU B 18 -16.75 -21.45 41.12
C LEU B 18 -17.59 -20.30 40.56
N LEU B 19 -17.90 -20.32 39.27
CA LEU B 19 -18.67 -19.24 38.66
C LEU B 19 -19.98 -19.05 39.37
N SER B 20 -20.62 -20.15 39.78
CA SER B 20 -21.92 -20.09 40.44
C SER B 20 -21.83 -19.43 41.81
N ARG B 21 -20.63 -19.35 42.39
CA ARG B 21 -20.43 -18.81 43.72
C ARG B 21 -20.03 -17.34 43.71
N MET B 22 -19.74 -16.77 42.52
CA MET B 22 -19.12 -15.47 42.42
C MET B 22 -20.16 -14.37 42.32
N THR B 23 -19.88 -13.23 42.95
CA THR B 23 -20.62 -12.01 42.74
C THR B 23 -20.25 -11.40 41.40
N LEU B 24 -21.09 -10.51 40.88
CA LEU B 24 -20.73 -9.73 39.69
C LEU B 24 -19.38 -9.01 39.86
N GLU B 25 -19.16 -8.35 41.00
CA GLU B 25 -17.90 -7.66 41.24
C GLU B 25 -16.70 -8.62 41.16
N GLU B 26 -16.82 -9.80 41.76
CA GLU B 26 -15.76 -10.80 41.70
C GLU B 26 -15.53 -11.29 40.26
N LYS B 27 -16.62 -11.44 39.49
CA LYS B 27 -16.49 -11.82 38.08
C LYS B 27 -15.69 -10.78 37.31
N VAL B 28 -16.11 -9.53 37.40
CA VAL B 28 -15.47 -8.45 36.68
C VAL B 28 -13.99 -8.32 37.07
N ALA B 29 -13.66 -8.61 38.35
CA ALA B 29 -12.30 -8.52 38.82
C ALA B 29 -11.37 -9.50 38.10
N GLN B 30 -11.90 -10.65 37.69
CA GLN B 30 -11.12 -11.66 37.00
C GLN B 30 -10.79 -11.22 35.56
N LEU B 31 -11.42 -10.13 35.08
CA LEU B 31 -11.20 -9.67 33.73
C LEU B 31 -10.23 -8.48 33.68
N GLY B 32 -9.66 -8.14 34.84
CA GLY B 32 -8.72 -7.05 34.93
C GLY B 32 -7.37 -7.45 35.47
N SER B 33 -6.58 -6.40 35.79
CA SER B 33 -5.16 -6.56 36.07
C SER B 33 -4.66 -5.42 36.94
N VAL B 34 -3.52 -5.69 37.58
N VAL B 34 -3.47 -5.67 37.50
CA VAL B 34 -2.78 -4.70 38.36
CA VAL B 34 -2.77 -4.78 38.40
C VAL B 34 -1.30 -4.86 38.04
C VAL B 34 -1.27 -4.88 38.08
N TRP B 35 -0.59 -3.73 37.98
CA TRP B 35 0.86 -3.77 37.79
C TRP B 35 1.58 -4.31 39.01
N GLY B 36 2.66 -5.08 38.79
CA GLY B 36 3.53 -5.51 39.88
C GLY B 36 3.97 -4.33 40.76
N TYR B 37 4.36 -3.22 40.13
CA TYR B 37 4.93 -2.10 40.87
C TYR B 37 3.89 -1.44 41.78
N GLU B 38 2.60 -1.68 41.55
CA GLU B 38 1.56 -1.09 42.39
C GLU B 38 1.42 -1.83 43.71
N LEU B 39 2.09 -2.97 43.87
CA LEU B 39 1.89 -3.86 45.01
C LEU B 39 3.13 -3.95 45.88
N ILE B 40 4.07 -3.03 45.69
CA ILE B 40 5.30 -3.04 46.46
C ILE B 40 5.51 -1.72 47.21
N ASP B 41 6.29 -1.82 48.30
CA ASP B 41 6.80 -0.64 49.01
C ASP B 41 8.09 -0.17 48.34
N GLU B 42 8.72 0.86 48.94
CA GLU B 42 9.89 1.49 48.38
C GLU B 42 11.12 0.56 48.42
N ARG B 43 11.06 -0.59 49.13
CA ARG B 43 12.17 -1.53 49.10
C ARG B 43 11.86 -2.74 48.22
N GLY B 44 10.77 -2.69 47.43
CA GLY B 44 10.41 -3.81 46.56
C GLY B 44 9.78 -4.99 47.28
N LYS B 45 9.29 -4.77 48.50
CA LYS B 45 8.59 -5.82 49.21
C LYS B 45 7.07 -5.66 49.04
N PHE B 46 6.38 -6.81 48.99
CA PHE B 46 4.93 -6.82 48.92
C PHE B 46 4.33 -5.91 49.99
N SER B 47 3.37 -5.08 49.58
CA SER B 47 2.65 -4.17 50.45
C SER B 47 1.21 -4.65 50.64
N ARG B 48 0.93 -5.19 51.82
CA ARG B 48 -0.41 -5.62 52.15
C ARG B 48 -1.38 -4.45 52.10
N GLU B 49 -0.90 -3.25 52.50
CA GLU B 49 -1.72 -2.05 52.50
C GLU B 49 -2.24 -1.77 51.09
N LYS B 50 -1.35 -1.86 50.10
CA LYS B 50 -1.73 -1.58 48.73
C LYS B 50 -2.61 -2.70 48.18
N ALA B 51 -2.30 -3.95 48.52
CA ALA B 51 -3.07 -5.10 48.09
C ALA B 51 -4.52 -5.06 48.60
N LYS B 52 -4.71 -4.58 49.84
CA LYS B 52 -6.05 -4.50 50.37
C LYS B 52 -6.97 -3.68 49.46
N GLU B 53 -6.46 -2.63 48.81
CA GLU B 53 -7.28 -1.82 47.92
C GLU B 53 -7.42 -2.53 46.57
N LEU B 54 -6.29 -2.96 45.98
CA LEU B 54 -6.24 -3.33 44.57
C LEU B 54 -6.67 -4.79 44.33
N LEU B 55 -6.55 -5.66 45.34
CA LEU B 55 -6.83 -7.10 45.16
C LEU B 55 -8.03 -7.58 45.98
N LYS B 56 -8.76 -6.65 46.60
CA LYS B 56 -9.78 -6.94 47.59
C LYS B 56 -10.75 -8.03 47.12
N ASN B 57 -11.15 -7.93 45.85
CA ASN B 57 -12.13 -8.86 45.28
C ASN B 57 -11.49 -9.82 44.28
N GLY B 58 -10.19 -10.06 44.41
CA GLY B 58 -9.44 -10.89 43.48
C GLY B 58 -8.98 -10.09 42.26
N ILE B 59 -8.33 -10.79 41.31
CA ILE B 59 -7.79 -10.14 40.13
C ILE B 59 -7.56 -11.22 39.07
N GLY B 60 -7.68 -10.79 37.81
CA GLY B 60 -7.32 -11.65 36.69
C GLY B 60 -5.81 -11.88 36.64
N GLN B 61 -5.08 -10.81 36.30
CA GLN B 61 -3.63 -10.92 36.16
C GLN B 61 -2.86 -9.87 36.96
N ILE B 62 -1.60 -10.26 37.27
CA ILE B 62 -0.57 -9.31 37.66
C ILE B 62 0.34 -9.07 36.48
N THR B 63 0.48 -7.79 36.09
CA THR B 63 1.31 -7.39 34.97
C THR B 63 2.77 -7.22 35.40
N ARG B 64 3.66 -8.09 34.89
CA ARG B 64 5.10 -7.88 34.97
C ARG B 64 5.56 -7.68 36.42
N PRO B 65 5.29 -8.61 37.34
CA PRO B 65 5.83 -8.50 38.69
C PRO B 65 7.36 -8.45 38.72
N GLY B 66 8.02 -9.08 37.75
CA GLY B 66 9.46 -8.95 37.58
C GLY B 66 9.84 -7.78 36.68
N GLY B 67 9.20 -7.69 35.51
CA GLY B 67 9.58 -6.71 34.52
C GLY B 67 9.29 -5.26 34.93
N SER B 68 8.34 -5.02 35.86
CA SER B 68 7.94 -3.66 36.18
C SER B 68 8.44 -3.17 37.54
N THR B 69 9.17 -4.02 38.25
CA THR B 69 9.64 -3.74 39.59
C THR B 69 11.18 -3.67 39.65
N ASN B 70 11.89 -4.15 38.62
CA ASN B 70 13.35 -4.18 38.60
C ASN B 70 13.87 -5.03 39.77
N LEU B 71 13.11 -6.04 40.21
CA LEU B 71 13.55 -6.97 41.23
C LEU B 71 14.39 -8.09 40.64
N GLU B 72 15.40 -8.55 41.37
N GLU B 72 15.29 -8.59 41.48
CA GLU B 72 16.13 -9.74 40.97
CA GLU B 72 16.08 -9.79 41.25
C GLU B 72 15.18 -10.94 41.10
C GLU B 72 15.15 -10.99 41.18
N PRO B 73 15.51 -12.08 40.45
CA PRO B 73 14.62 -13.24 40.41
C PRO B 73 14.09 -13.74 41.73
N GLN B 74 14.93 -13.88 42.77
CA GLN B 74 14.44 -14.43 44.02
C GLN B 74 13.46 -13.44 44.68
N GLU B 75 13.73 -12.15 44.57
CA GLU B 75 12.86 -11.12 45.09
C GLU B 75 11.53 -11.04 44.31
N ALA B 76 11.58 -11.26 42.99
CA ALA B 76 10.35 -11.29 42.21
C ALA B 76 9.50 -12.49 42.62
N ALA B 77 10.14 -13.65 42.82
CA ALA B 77 9.47 -14.85 43.26
C ALA B 77 8.79 -14.63 44.62
N GLU B 78 9.51 -13.97 45.54
N GLU B 78 9.50 -13.97 45.53
CA GLU B 78 8.93 -13.71 46.84
CA GLU B 78 8.94 -13.70 46.84
C GLU B 78 7.71 -12.80 46.72
C GLU B 78 7.72 -12.79 46.73
N LEU B 79 7.82 -11.75 45.88
CA LEU B 79 6.70 -10.84 45.65
C LEU B 79 5.48 -11.61 45.15
N VAL B 80 5.72 -12.43 44.11
CA VAL B 80 4.64 -13.21 43.52
C VAL B 80 4.01 -14.18 44.51
N ASN B 81 4.82 -14.84 45.33
CA ASN B 81 4.27 -15.71 46.37
C ASN B 81 3.39 -14.93 47.34
N GLU B 82 3.83 -13.72 47.73
CA GLU B 82 3.09 -12.91 48.69
C GLU B 82 1.77 -12.40 48.09
N ILE B 83 1.80 -12.05 46.79
CA ILE B 83 0.57 -11.69 46.10
C ILE B 83 -0.39 -12.87 46.10
N GLN B 84 0.10 -14.07 45.73
CA GLN B 84 -0.74 -15.23 45.68
C GLN B 84 -1.27 -15.59 47.07
N ARG B 85 -0.44 -15.49 48.11
N ARG B 85 -0.43 -15.46 48.10
CA ARG B 85 -0.93 -15.82 49.43
CA ARG B 85 -0.91 -15.82 49.42
C ARG B 85 -2.05 -14.87 49.84
C ARG B 85 -2.02 -14.87 49.85
N PHE B 86 -1.91 -13.58 49.51
CA PHE B 86 -2.95 -12.62 49.81
C PHE B 86 -4.24 -13.03 49.10
N LEU B 87 -4.14 -13.36 47.81
CA LEU B 87 -5.34 -13.80 47.09
C LEU B 87 -5.93 -15.08 47.64
N VAL B 88 -5.09 -16.06 47.94
CA VAL B 88 -5.56 -17.36 48.38
C VAL B 88 -6.18 -17.25 49.78
N GLU B 89 -5.57 -16.44 50.66
CA GLU B 89 -5.92 -16.45 52.07
C GLU B 89 -6.78 -15.28 52.50
N GLU B 90 -6.74 -14.15 51.79
N GLU B 90 -6.75 -14.16 51.78
CA GLU B 90 -7.41 -12.94 52.26
CA GLU B 90 -7.38 -12.94 52.27
C GLU B 90 -8.41 -12.38 51.24
C GLU B 90 -8.54 -12.49 51.38
N THR B 91 -8.86 -13.22 50.29
CA THR B 91 -10.04 -12.90 49.51
C THR B 91 -11.10 -13.97 49.81
N ARG B 92 -12.37 -13.64 49.56
CA ARG B 92 -13.46 -14.52 49.91
C ARG B 92 -13.34 -15.89 49.24
N LEU B 93 -13.04 -15.95 47.92
CA LEU B 93 -13.04 -17.19 47.17
C LEU B 93 -11.66 -17.78 46.96
N GLY B 94 -10.60 -16.99 47.24
CA GLY B 94 -9.22 -17.47 47.14
C GLY B 94 -8.74 -17.85 45.73
N ILE B 95 -9.22 -17.14 44.71
CA ILE B 95 -8.76 -17.37 43.35
C ILE B 95 -7.38 -16.75 43.19
N PRO B 96 -6.37 -17.53 42.75
CA PRO B 96 -5.03 -17.01 42.51
C PRO B 96 -4.99 -16.16 41.24
N ALA B 97 -3.89 -15.40 41.10
CA ALA B 97 -3.66 -14.60 39.91
C ALA B 97 -2.95 -15.40 38.85
N MET B 98 -3.12 -15.02 37.57
CA MET B 98 -2.14 -15.36 36.55
C MET B 98 -1.14 -14.23 36.48
N ILE B 99 0.14 -14.58 36.34
CA ILE B 99 1.20 -13.60 36.16
C ILE B 99 1.65 -13.65 34.70
N HIS B 100 1.81 -12.46 34.11
CA HIS B 100 2.45 -12.41 32.79
C HIS B 100 3.70 -11.53 32.83
N GLU B 101 4.64 -11.84 31.91
CA GLU B 101 5.84 -11.05 31.66
C GLU B 101 6.01 -10.93 30.16
N GLU B 102 6.82 -9.96 29.70
CA GLU B 102 7.35 -10.05 28.35
C GLU B 102 8.43 -11.13 28.32
N CYS B 103 8.55 -11.86 27.20
CA CYS B 103 9.59 -12.85 27.10
C CYS B 103 10.11 -13.08 25.68
N LEU B 104 9.85 -12.15 24.75
CA LEU B 104 10.14 -12.40 23.35
C LEU B 104 11.57 -12.91 23.16
N THR B 105 12.52 -12.18 23.75
CA THR B 105 13.95 -12.48 23.65
C THR B 105 14.45 -13.00 25.00
N GLY B 106 13.61 -13.77 25.68
CA GLY B 106 13.84 -14.20 27.05
C GLY B 106 13.01 -13.36 28.02
N TYR B 107 12.77 -13.92 29.19
CA TYR B 107 12.16 -13.20 30.30
C TYR B 107 12.74 -11.80 30.38
N MET B 108 11.85 -10.82 30.31
CA MET B 108 12.25 -9.42 30.30
C MET B 108 12.17 -8.91 31.74
N GLY B 109 13.26 -9.22 32.45
CA GLY B 109 13.46 -8.80 33.82
C GLY B 109 14.91 -9.07 34.22
N LEU B 110 15.33 -8.51 35.36
N LEU B 110 15.32 -8.51 35.36
CA LEU B 110 16.71 -8.67 35.78
CA LEU B 110 16.67 -8.65 35.84
C LEU B 110 17.04 -10.15 35.93
C LEU B 110 17.06 -10.13 35.97
N GLY B 111 18.24 -10.49 35.46
CA GLY B 111 18.84 -11.78 35.69
C GLY B 111 18.61 -12.77 34.58
N GLY B 112 17.76 -12.42 33.60
CA GLY B 112 17.46 -13.32 32.51
C GLY B 112 18.36 -13.09 31.29
N THR B 113 18.70 -14.16 30.57
CA THR B 113 19.50 -14.05 29.35
C THR B 113 18.79 -13.20 28.29
N ASN B 114 19.57 -12.34 27.62
CA ASN B 114 19.08 -11.51 26.52
C ASN B 114 19.44 -12.24 25.23
N PHE B 115 18.50 -13.04 24.68
CA PHE B 115 18.72 -13.81 23.46
C PHE B 115 18.69 -12.89 22.24
N PRO B 116 19.18 -13.32 21.06
CA PRO B 116 19.07 -12.49 19.86
C PRO B 116 17.61 -12.17 19.52
N GLN B 117 17.41 -11.07 18.79
CA GLN B 117 16.06 -10.68 18.42
C GLN B 117 15.37 -11.71 17.53
N ALA B 118 14.02 -11.60 17.48
CA ALA B 118 13.21 -12.51 16.73
C ALA B 118 13.61 -12.60 15.27
N ILE B 119 13.97 -11.47 14.64
CA ILE B 119 14.32 -11.53 13.24
C ILE B 119 15.63 -12.31 13.06
N ALA B 120 16.47 -12.30 14.10
CA ALA B 120 17.66 -13.17 14.13
C ALA B 120 17.26 -14.63 14.29
N MET B 121 16.33 -14.91 15.21
CA MET B 121 15.81 -16.27 15.36
C MET B 121 15.35 -16.82 14.00
N ALA B 122 14.58 -16.03 13.26
CA ALA B 122 14.10 -16.48 11.97
C ALA B 122 15.24 -16.76 10.97
N SER B 123 16.26 -15.92 11.03
CA SER B 123 17.40 -16.02 10.13
C SER B 123 18.17 -17.33 10.34
N THR B 124 18.00 -17.98 11.50
CA THR B 124 18.59 -19.30 11.67
C THR B 124 17.95 -20.36 10.80
N TRP B 125 16.65 -20.18 10.46
CA TRP B 125 15.89 -21.23 9.79
C TRP B 125 15.97 -22.55 10.55
N ASP B 126 16.00 -22.47 11.89
CA ASP B 126 16.23 -23.62 12.74
C ASP B 126 15.14 -23.70 13.82
N PRO B 127 13.97 -24.23 13.44
CA PRO B 127 12.83 -24.26 14.36
C PRO B 127 13.12 -25.01 15.66
N ASP B 128 13.84 -26.12 15.57
CA ASP B 128 14.14 -26.87 16.79
C ASP B 128 14.98 -26.04 17.76
N LEU B 129 15.91 -25.21 17.24
CA LEU B 129 16.72 -24.37 18.09
C LEU B 129 15.87 -23.35 18.81
N ILE B 130 14.88 -22.78 18.09
CA ILE B 130 14.00 -21.82 18.75
C ILE B 130 13.14 -22.52 19.83
N GLU B 131 12.72 -23.75 19.59
CA GLU B 131 11.97 -24.53 20.58
C GLU B 131 12.84 -24.81 21.81
N LYS B 132 14.14 -25.04 21.57
CA LYS B 132 15.07 -25.23 22.69
C LYS B 132 15.20 -23.95 23.50
N MET B 133 15.30 -22.83 22.79
CA MET B 133 15.33 -21.54 23.44
C MET B 133 14.11 -21.34 24.34
N THR B 134 12.89 -21.51 23.80
CA THR B 134 11.72 -21.16 24.60
C THR B 134 11.41 -22.21 25.69
N THR B 135 11.93 -23.42 25.54
CA THR B 135 11.91 -24.39 26.64
C THR B 135 12.74 -23.88 27.82
N ALA B 136 13.88 -23.24 27.52
CA ALA B 136 14.68 -22.60 28.55
C ALA B 136 13.96 -21.41 29.17
N VAL B 137 13.35 -20.59 28.32
CA VAL B 137 12.61 -19.42 28.79
C VAL B 137 11.47 -19.88 29.72
N ARG B 138 10.82 -20.99 29.36
CA ARG B 138 9.76 -21.57 30.16
C ARG B 138 10.26 -21.81 31.59
N GLU B 139 11.42 -22.43 31.73
N GLU B 139 11.41 -22.50 31.74
CA GLU B 139 11.89 -22.78 33.06
CA GLU B 139 12.00 -22.78 33.06
C GLU B 139 12.28 -21.50 33.82
C GLU B 139 12.26 -21.48 33.83
N ASP B 140 12.85 -20.49 33.15
CA ASP B 140 13.18 -19.21 33.76
C ASP B 140 11.95 -18.55 34.35
N MET B 141 10.88 -18.53 33.54
CA MET B 141 9.64 -17.85 33.93
C MET B 141 8.97 -18.58 35.10
N ARG B 142 8.90 -19.90 35.05
CA ARG B 142 8.25 -20.67 36.10
C ARG B 142 8.99 -20.47 37.43
N LYS B 143 10.32 -20.23 37.37
CA LYS B 143 11.07 -20.05 38.61
C LYS B 143 10.56 -18.86 39.42
N ILE B 144 10.03 -17.84 38.75
CA ILE B 144 9.58 -16.63 39.44
C ILE B 144 8.06 -16.62 39.58
N GLY B 145 7.38 -17.71 39.19
CA GLY B 145 5.94 -17.83 39.35
C GLY B 145 5.15 -17.13 38.23
N ALA B 146 5.79 -16.94 37.06
CA ALA B 146 5.13 -16.33 35.92
C ALA B 146 4.49 -17.41 35.05
N HIS B 147 3.26 -17.16 34.57
CA HIS B 147 2.48 -18.20 33.89
C HIS B 147 2.34 -17.96 32.39
N GLN B 148 2.59 -16.73 31.93
CA GLN B 148 2.24 -16.32 30.59
C GLN B 148 3.33 -15.38 30.09
N GLY B 149 3.80 -15.65 28.88
CA GLY B 149 4.73 -14.79 28.18
C GLY B 149 4.06 -14.10 26.99
N LEU B 150 4.28 -12.82 26.81
CA LEU B 150 3.64 -12.08 25.71
C LEU B 150 4.43 -12.21 24.43
N ALA B 151 4.53 -13.43 23.94
CA ALA B 151 5.29 -13.72 22.74
C ALA B 151 4.79 -15.04 22.19
N PRO B 152 4.98 -15.38 20.87
CA PRO B 152 5.75 -14.59 19.90
C PRO B 152 4.93 -13.59 19.08
N VAL B 153 5.65 -12.73 18.36
CA VAL B 153 5.06 -11.86 17.35
C VAL B 153 4.96 -12.66 16.05
N LEU B 154 3.73 -12.82 15.53
CA LEU B 154 3.48 -13.53 14.27
C LEU B 154 3.04 -12.56 13.17
N ASP B 155 3.22 -11.26 13.41
CA ASP B 155 3.05 -10.25 12.37
C ASP B 155 4.04 -10.52 11.21
N VAL B 156 3.51 -10.59 9.99
CA VAL B 156 4.30 -10.84 8.80
C VAL B 156 4.73 -9.49 8.24
N ALA B 157 6.05 -9.25 8.16
CA ALA B 157 6.62 -7.94 7.84
C ALA B 157 7.11 -7.87 6.41
N ARG B 158 6.49 -7.00 5.61
CA ARG B 158 6.97 -6.68 4.28
C ARG B 158 7.25 -5.19 4.13
N ASP B 159 7.24 -4.45 5.25
CA ASP B 159 7.48 -3.01 5.22
C ASP B 159 8.56 -2.67 6.25
N PRO B 160 9.83 -2.64 5.86
CA PRO B 160 10.91 -2.43 6.82
C PRO B 160 11.01 -1.02 7.39
N ARG B 161 10.17 -0.06 6.92
CA ARG B 161 10.04 1.22 7.62
C ARG B 161 9.63 1.00 9.07
N TRP B 162 8.79 -0.02 9.30
CA TRP B 162 8.17 -0.22 10.59
C TRP B 162 9.20 -0.58 11.65
N GLY B 163 9.15 0.18 12.75
CA GLY B 163 10.10 0.01 13.85
C GLY B 163 10.06 -1.36 14.52
N ARG B 164 8.95 -2.10 14.42
CA ARG B 164 8.85 -3.40 15.08
C ARG B 164 9.27 -4.55 14.15
N THR B 165 9.88 -4.25 13.01
CA THR B 165 10.35 -5.31 12.13
C THR B 165 11.22 -6.31 12.87
N GLU B 166 12.10 -5.83 13.73
CA GLU B 166 13.03 -6.69 14.46
C GLU B 166 12.34 -7.74 15.30
N GLU B 167 11.09 -7.47 15.73
CA GLU B 167 10.37 -8.39 16.59
C GLU B 167 9.64 -9.49 15.80
N THR B 168 9.68 -9.41 14.46
CA THR B 168 8.98 -10.36 13.62
C THR B 168 9.93 -11.45 13.15
N PHE B 169 9.34 -12.47 12.55
CA PHE B 169 10.07 -13.52 11.85
C PHE B 169 10.14 -13.26 10.34
N GLY B 170 9.87 -12.03 9.91
CA GLY B 170 10.08 -11.66 8.52
C GLY B 170 8.82 -11.70 7.64
N GLU B 171 9.05 -11.84 6.34
CA GLU B 171 8.04 -11.61 5.31
C GLU B 171 7.22 -12.84 4.93
N SER B 172 7.69 -14.05 5.26
CA SER B 172 7.12 -15.28 4.72
C SER B 172 6.05 -15.83 5.66
N PRO B 173 4.78 -15.95 5.24
CA PRO B 173 3.79 -16.58 6.12
C PRO B 173 4.21 -18.00 6.53
N TYR B 174 4.87 -18.73 5.62
CA TYR B 174 5.30 -20.08 5.91
C TYR B 174 6.36 -20.08 7.01
N LEU B 175 7.43 -19.29 6.83
CA LEU B 175 8.51 -19.31 7.81
C LEU B 175 8.03 -18.72 9.14
N VAL B 176 7.25 -17.65 9.09
CA VAL B 176 6.71 -17.08 10.32
C VAL B 176 5.88 -18.12 11.07
N ALA B 177 5.02 -18.84 10.35
CA ALA B 177 4.14 -19.82 10.96
C ALA B 177 4.98 -20.95 11.56
N ARG B 178 6.00 -21.41 10.84
CA ARG B 178 6.77 -22.57 11.29
C ARG B 178 7.61 -22.21 12.50
N MET B 179 8.28 -21.03 12.49
CA MET B 179 9.04 -20.60 13.65
C MET B 179 8.11 -20.35 14.83
N GLY B 180 6.92 -19.78 14.55
CA GLY B 180 5.94 -19.53 15.59
C GLY B 180 5.48 -20.79 16.33
N VAL B 181 5.26 -21.88 15.61
CA VAL B 181 4.78 -23.11 16.20
C VAL B 181 5.85 -23.68 17.13
N SER B 182 7.12 -23.64 16.66
CA SER B 182 8.22 -24.10 17.50
C SER B 182 8.36 -23.25 18.76
N TYR B 183 8.23 -21.93 18.59
CA TYR B 183 8.33 -21.00 19.69
C TYR B 183 7.28 -21.34 20.75
N VAL B 184 6.02 -21.40 20.31
CA VAL B 184 4.91 -21.74 21.20
C VAL B 184 5.10 -23.08 21.91
N LYS B 185 5.48 -24.10 21.15
CA LYS B 185 5.65 -25.46 21.67
C LYS B 185 6.69 -25.46 22.79
N GLY B 186 7.79 -24.72 22.63
CA GLY B 186 8.79 -24.70 23.67
C GLY B 186 8.29 -24.03 24.95
N LEU B 187 7.58 -22.92 24.81
CA LEU B 187 7.09 -22.23 25.98
C LEU B 187 6.04 -23.09 26.71
N GLN B 188 5.09 -23.66 25.97
CA GLN B 188 3.93 -24.27 26.63
C GLN B 188 4.19 -25.72 27.08
N GLY B 189 4.92 -26.48 26.27
CA GLY B 189 5.07 -27.91 26.46
C GLY B 189 3.73 -28.62 26.29
N GLU B 190 3.66 -29.86 26.76
CA GLU B 190 2.47 -30.70 26.57
C GLU B 190 1.41 -30.41 27.61
N ASP B 191 1.78 -30.29 28.89
CA ASP B 191 0.83 -30.05 29.97
C ASP B 191 1.10 -28.65 30.51
N ILE B 192 0.17 -27.70 30.32
CA ILE B 192 0.45 -26.32 30.65
C ILE B 192 0.69 -26.10 32.14
N LYS B 193 0.27 -27.04 33.01
CA LYS B 193 0.57 -26.94 34.42
C LYS B 193 2.07 -26.95 34.68
N LYS B 194 2.86 -27.43 33.70
CA LYS B 194 4.31 -27.50 33.78
C LYS B 194 4.96 -26.51 32.81
N GLY B 195 4.15 -25.62 32.19
CA GLY B 195 4.68 -24.76 31.15
C GLY B 195 4.27 -23.32 31.34
N VAL B 196 4.37 -22.57 30.24
CA VAL B 196 4.08 -21.15 30.23
C VAL B 196 3.18 -20.90 29.04
N VAL B 197 2.07 -20.20 29.27
CA VAL B 197 1.17 -19.77 28.21
C VAL B 197 1.88 -18.83 27.25
N ALA B 198 1.84 -19.17 25.95
CA ALA B 198 2.33 -18.29 24.91
C ALA B 198 1.21 -17.35 24.50
N THR B 199 1.58 -16.18 23.98
CA THR B 199 0.64 -15.19 23.54
C THR B 199 1.05 -14.73 22.15
N VAL B 200 0.35 -15.25 21.13
CA VAL B 200 0.62 -14.80 19.77
C VAL B 200 0.03 -13.41 19.58
N LYS B 201 0.80 -12.51 18.94
CA LYS B 201 0.43 -11.11 18.82
C LYS B 201 0.97 -10.62 17.49
N HIS B 202 0.38 -9.61 16.85
CA HIS B 202 -0.73 -8.80 17.32
C HIS B 202 -1.88 -9.00 16.34
N PHE B 203 -2.88 -9.73 16.81
CA PHE B 203 -3.90 -10.31 15.97
C PHE B 203 -4.80 -9.19 15.42
N ALA B 204 -4.85 -8.96 14.10
CA ALA B 204 -3.93 -9.45 13.07
C ALA B 204 -3.79 -8.35 12.03
N GLY B 205 -2.64 -8.36 11.31
CA GLY B 205 -2.40 -7.38 10.25
C GLY B 205 -1.48 -6.22 10.67
N TYR B 206 -0.94 -6.26 11.91
CA TYR B 206 -0.41 -5.08 12.56
C TYR B 206 0.87 -4.54 11.90
N SER B 207 1.56 -5.42 11.14
CA SER B 207 2.79 -5.11 10.44
C SER B 207 2.55 -4.49 9.07
N ALA B 208 1.30 -4.15 8.73
CA ALA B 208 1.00 -3.58 7.42
C ALA B 208 0.34 -2.20 7.53
N SER B 209 0.78 -1.40 8.48
CA SER B 209 0.24 -0.06 8.65
C SER B 209 0.57 0.85 7.47
N GLU B 210 -0.40 1.72 7.18
CA GLU B 210 -0.25 2.81 6.22
C GLU B 210 1.11 3.49 6.40
N GLY B 211 1.91 3.47 5.34
CA GLY B 211 3.21 4.14 5.32
C GLY B 211 4.24 3.60 6.31
N GLY B 212 4.01 2.39 6.85
CA GLY B 212 4.90 1.81 7.84
C GLY B 212 4.83 2.48 9.19
N LYS B 213 3.75 3.23 9.47
CA LYS B 213 3.66 4.05 10.67
C LYS B 213 2.94 3.31 11.79
N ASN B 214 3.58 3.31 12.96
CA ASN B 214 3.04 2.59 14.11
C ASN B 214 1.62 3.06 14.47
N TRP B 215 0.73 2.05 14.60
CA TRP B 215 -0.68 2.14 14.98
C TRP B 215 -1.56 2.61 13.82
N ALA B 216 -0.99 2.86 12.63
CA ALA B 216 -1.79 3.41 11.52
C ALA B 216 -2.59 2.29 10.84
N PRO B 217 -3.60 2.64 10.02
CA PRO B 217 -4.54 1.61 9.51
C PRO B 217 -3.85 0.51 8.72
N THR B 218 -4.33 -0.70 8.91
CA THR B 218 -3.83 -1.90 8.23
C THR B 218 -4.91 -2.40 7.31
N ASN B 219 -4.95 -1.85 6.10
CA ASN B 219 -6.08 -2.01 5.22
C ASN B 219 -5.84 -3.12 4.20
N ILE B 220 -6.16 -4.34 4.63
CA ILE B 220 -5.79 -5.55 3.95
C ILE B 220 -7.06 -6.23 3.47
N PRO B 221 -7.17 -6.58 2.17
CA PRO B 221 -8.33 -7.32 1.70
C PRO B 221 -8.32 -8.78 2.10
N GLU B 222 -9.47 -9.45 1.87
CA GLU B 222 -9.79 -10.70 2.56
C GLU B 222 -8.86 -11.86 2.21
N ARG B 223 -8.54 -12.11 0.94
CA ARG B 223 -7.73 -13.27 0.64
C ARG B 223 -6.31 -13.09 1.17
N GLU B 224 -5.74 -11.90 0.93
CA GLU B 224 -4.43 -11.57 1.45
C GLU B 224 -4.46 -11.70 2.97
N PHE B 225 -5.54 -11.23 3.59
CA PHE B 225 -5.60 -11.28 5.05
C PHE B 225 -5.51 -12.72 5.53
N LYS B 226 -6.31 -13.60 4.91
CA LYS B 226 -6.32 -15.00 5.30
C LYS B 226 -5.00 -15.72 5.00
N GLU B 227 -4.42 -15.49 3.80
CA GLU B 227 -3.28 -16.25 3.35
C GLU B 227 -1.93 -15.76 3.91
N VAL B 228 -1.81 -14.44 4.11
CA VAL B 228 -0.57 -13.85 4.62
C VAL B 228 -0.62 -13.63 6.12
N PHE B 229 -1.62 -12.87 6.60
CA PHE B 229 -1.58 -12.36 7.96
C PHE B 229 -2.17 -13.34 8.97
N LEU B 230 -3.32 -13.97 8.65
CA LEU B 230 -3.95 -14.86 9.60
C LEU B 230 -3.26 -16.20 9.71
N PHE B 231 -2.68 -16.68 8.62
CA PHE B 231 -2.20 -18.04 8.51
C PHE B 231 -1.26 -18.40 9.67
N PRO B 232 -0.25 -17.60 10.06
CA PRO B 232 0.63 -18.03 11.14
C PRO B 232 -0.13 -18.21 12.45
N PHE B 233 -1.11 -17.33 12.71
CA PHE B 233 -1.93 -17.45 13.93
C PHE B 233 -2.80 -18.70 13.86
N GLU B 234 -3.36 -19.00 12.67
CA GLU B 234 -4.14 -20.20 12.48
C GLU B 234 -3.31 -21.45 12.83
N ALA B 235 -2.06 -21.49 12.36
CA ALA B 235 -1.19 -22.62 12.66
C ALA B 235 -0.88 -22.68 14.15
N ALA B 236 -0.66 -21.53 14.79
CA ALA B 236 -0.36 -21.53 16.21
C ALA B 236 -1.53 -22.09 17.01
N VAL B 237 -2.73 -21.68 16.60
CA VAL B 237 -3.94 -22.11 17.26
C VAL B 237 -4.16 -23.61 17.06
N LYS B 238 -4.12 -24.07 15.82
CA LYS B 238 -4.56 -25.42 15.51
C LYS B 238 -3.44 -26.43 15.67
N GLU B 239 -2.21 -26.09 15.32
CA GLU B 239 -1.13 -27.06 15.44
C GLU B 239 -0.42 -26.97 16.79
N ALA B 240 -0.21 -25.76 17.31
CA ALA B 240 0.55 -25.58 18.53
C ALA B 240 -0.35 -25.38 19.75
N ASN B 241 -1.68 -25.36 19.59
CA ASN B 241 -2.60 -25.21 20.71
C ASN B 241 -2.25 -23.99 21.58
N VAL B 242 -1.96 -22.85 20.98
CA VAL B 242 -1.55 -21.68 21.71
C VAL B 242 -2.69 -21.26 22.64
N LEU B 243 -2.37 -20.82 23.88
CA LEU B 243 -3.41 -20.57 24.85
C LEU B 243 -3.75 -19.10 25.08
N SER B 244 -3.03 -18.15 24.45
CA SER B 244 -3.43 -16.77 24.49
C SER B 244 -3.14 -16.07 23.17
N VAL B 245 -3.95 -15.06 22.89
CA VAL B 245 -3.80 -14.19 21.74
C VAL B 245 -3.94 -12.75 22.25
N MET B 246 -3.16 -11.82 21.67
CA MET B 246 -3.29 -10.40 21.95
C MET B 246 -3.61 -9.68 20.63
N ASN B 247 -4.49 -8.69 20.70
CA ASN B 247 -4.96 -7.99 19.51
C ASN B 247 -4.02 -6.87 19.03
N SER B 248 -4.17 -6.55 17.75
CA SER B 248 -3.58 -5.38 17.09
C SER B 248 -4.22 -4.08 17.58
N TYR B 249 -3.40 -3.03 17.67
CA TYR B 249 -3.88 -1.69 17.98
C TYR B 249 -4.59 -1.04 16.80
N SER B 250 -4.36 -1.53 15.59
CA SER B 250 -4.80 -0.81 14.41
C SER B 250 -6.25 -1.14 14.07
N GLU B 251 -6.83 -0.25 13.23
CA GLU B 251 -8.03 -0.56 12.49
C GLU B 251 -7.66 -1.32 11.23
N ILE B 252 -8.58 -2.22 10.87
CA ILE B 252 -8.62 -2.77 9.53
C ILE B 252 -9.82 -2.17 8.83
N ASP B 253 -9.56 -1.26 7.90
CA ASP B 253 -10.60 -0.77 7.01
C ASP B 253 -11.77 -0.17 7.78
N GLY B 254 -11.48 0.64 8.82
CA GLY B 254 -12.51 1.34 9.56
C GLY B 254 -12.90 0.70 10.89
N VAL B 255 -12.44 -0.52 11.15
CA VAL B 255 -12.84 -1.24 12.35
C VAL B 255 -11.61 -1.53 13.20
N PRO B 256 -11.45 -0.88 14.36
CA PRO B 256 -10.36 -1.22 15.27
C PRO B 256 -10.42 -2.68 15.71
N CYS B 257 -9.27 -3.33 15.70
CA CYS B 257 -9.25 -4.76 16.00
C CYS B 257 -9.77 -5.06 17.41
N ALA B 258 -9.55 -4.16 18.36
CA ALA B 258 -10.02 -4.38 19.75
C ALA B 258 -11.54 -4.33 19.84
N ALA B 259 -12.21 -3.81 18.80
CA ALA B 259 -13.66 -3.74 18.79
C ALA B 259 -14.26 -4.67 17.74
N ASN B 260 -13.50 -5.63 17.21
CA ASN B 260 -13.92 -6.38 16.04
C ASN B 260 -14.26 -7.83 16.43
N ARG B 261 -15.57 -8.10 16.66
CA ARG B 261 -16.01 -9.43 17.03
C ARG B 261 -15.85 -10.41 15.89
N LYS B 262 -15.94 -9.90 14.64
CA LYS B 262 -15.73 -10.78 13.51
C LYS B 262 -14.32 -11.37 13.53
N LEU B 263 -13.34 -10.63 14.04
CA LEU B 263 -11.96 -11.08 14.11
C LEU B 263 -11.70 -11.87 15.41
N LEU B 264 -11.92 -11.25 16.58
CA LEU B 264 -11.49 -11.83 17.83
C LEU B 264 -12.36 -13.00 18.30
N THR B 265 -13.57 -13.13 17.76
CA THR B 265 -14.47 -14.21 18.08
C THR B 265 -14.77 -15.07 16.85
N ASP B 266 -15.34 -14.49 15.80
CA ASP B 266 -15.84 -15.33 14.72
C ASP B 266 -14.74 -16.12 14.02
N ILE B 267 -13.58 -15.49 13.75
CA ILE B 267 -12.49 -16.23 13.15
C ILE B 267 -11.79 -17.07 14.22
N LEU B 268 -11.34 -16.39 15.28
CA LEU B 268 -10.42 -17.02 16.23
C LEU B 268 -11.08 -18.17 16.99
N ARG B 269 -12.27 -17.92 17.56
N ARG B 269 -12.27 -17.93 17.55
CA ARG B 269 -12.98 -18.89 18.39
CA ARG B 269 -12.95 -18.95 18.35
C ARG B 269 -13.88 -19.80 17.56
C ARG B 269 -13.86 -19.83 17.51
N LYS B 270 -14.79 -19.23 16.75
CA LYS B 270 -15.78 -20.03 16.05
C LYS B 270 -15.13 -20.83 14.93
N ASP B 271 -14.44 -20.17 14.01
CA ASP B 271 -13.88 -20.89 12.88
C ASP B 271 -12.73 -21.81 13.31
N TRP B 272 -11.81 -21.29 14.16
CA TRP B 272 -10.57 -22.03 14.41
C TRP B 272 -10.55 -22.84 15.69
N GLY B 273 -11.49 -22.57 16.58
CA GLY B 273 -11.65 -23.39 17.78
C GLY B 273 -10.68 -23.00 18.89
N PHE B 274 -10.18 -21.77 18.89
CA PHE B 274 -9.33 -21.30 19.99
C PHE B 274 -10.07 -21.41 21.33
N GLU B 275 -9.40 -21.96 22.36
CA GLU B 275 -10.07 -22.16 23.65
C GLU B 275 -9.41 -21.38 24.80
N GLY B 276 -8.40 -20.58 24.54
CA GLY B 276 -7.72 -19.86 25.59
C GLY B 276 -8.27 -18.46 25.83
N ILE B 277 -7.40 -17.56 26.30
CA ILE B 277 -7.84 -16.21 26.64
C ILE B 277 -7.27 -15.24 25.64
N VAL B 278 -8.10 -14.23 25.31
CA VAL B 278 -7.61 -13.08 24.59
C VAL B 278 -7.28 -11.99 25.61
N VAL B 279 -6.03 -11.55 25.58
CA VAL B 279 -5.61 -10.45 26.46
C VAL B 279 -5.48 -9.19 25.62
N SER B 280 -5.90 -8.05 26.17
CA SER B 280 -5.80 -6.83 25.42
C SER B 280 -4.33 -6.48 25.20
N ASN B 281 -4.04 -5.88 24.05
CA ASN B 281 -2.83 -5.07 23.92
C ASN B 281 -2.88 -3.98 24.98
N TYR B 282 -1.70 -3.50 25.47
CA TYR B 282 -1.74 -2.61 26.62
C TYR B 282 -2.50 -1.34 26.28
N PHE B 283 -3.50 -1.02 27.11
CA PHE B 283 -4.36 0.15 26.95
C PHE B 283 -5.25 0.07 25.70
N ALA B 284 -5.29 -1.07 24.99
CA ALA B 284 -6.06 -1.12 23.75
C ALA B 284 -7.55 -0.86 23.95
N VAL B 285 -8.12 -1.16 25.12
CA VAL B 285 -9.54 -0.91 25.35
C VAL B 285 -9.77 0.60 25.43
N LYS B 286 -9.03 1.28 26.32
CA LYS B 286 -9.21 2.71 26.48
C LYS B 286 -9.00 3.46 25.17
N VAL B 287 -8.04 3.04 24.34
CA VAL B 287 -7.77 3.85 23.17
C VAL B 287 -8.81 3.66 22.05
N LEU B 288 -9.80 2.79 22.24
CA LEU B 288 -11.00 2.81 21.42
C LEU B 288 -11.67 4.18 21.54
N GLU B 289 -11.64 4.76 22.74
CA GLU B 289 -12.07 6.14 22.94
C GLU B 289 -10.98 7.13 22.50
N ASP B 290 -9.82 7.10 23.15
CA ASP B 290 -8.88 8.20 23.09
C ASP B 290 -8.28 8.36 21.70
N TYR B 291 -7.98 7.25 21.00
CA TYR B 291 -7.23 7.31 19.76
C TYR B 291 -8.13 7.11 18.55
N HIS B 292 -8.92 6.01 18.52
CA HIS B 292 -9.75 5.73 17.35
C HIS B 292 -11.04 6.56 17.31
N ARG B 293 -11.47 7.05 18.48
CA ARG B 293 -12.64 7.93 18.60
C ARG B 293 -13.92 7.21 18.17
N ILE B 294 -14.08 5.92 18.52
CA ILE B 294 -15.34 5.24 18.27
C ILE B 294 -16.09 4.90 19.57
N ALA B 295 -15.51 5.16 20.72
CA ALA B 295 -16.19 4.97 21.99
C ALA B 295 -16.25 6.29 22.72
N ARG B 296 -17.44 6.66 23.23
CA ARG B 296 -17.66 7.97 23.78
C ARG B 296 -17.18 8.05 25.23
N ASP B 297 -17.00 6.91 25.88
CA ASP B 297 -16.58 6.89 27.28
C ASP B 297 -16.01 5.53 27.57
N LYS B 298 -15.48 5.35 28.79
CA LYS B 298 -14.83 4.09 29.15
C LYS B 298 -15.81 2.92 29.16
N SER B 299 -17.08 3.15 29.55
CA SER B 299 -18.11 2.12 29.49
C SER B 299 -18.32 1.56 28.09
N GLU B 300 -18.44 2.47 27.13
CA GLU B 300 -18.63 2.03 25.75
C GLU B 300 -17.41 1.28 25.25
N ALA B 301 -16.21 1.78 25.59
CA ALA B 301 -15.00 1.06 25.19
C ALA B 301 -15.02 -0.37 25.77
N ALA B 302 -15.37 -0.50 27.06
CA ALA B 302 -15.43 -1.82 27.70
C ALA B 302 -16.40 -2.74 26.96
N ARG B 303 -17.58 -2.20 26.64
N ARG B 303 -17.60 -2.22 26.64
CA ARG B 303 -18.61 -3.01 26.01
CA ARG B 303 -18.62 -3.03 26.03
C ARG B 303 -18.12 -3.49 24.64
C ARG B 303 -18.13 -3.49 24.64
N LEU B 304 -17.54 -2.57 23.87
CA LEU B 304 -17.05 -2.94 22.53
C LEU B 304 -15.99 -4.04 22.61
N ALA B 305 -15.06 -3.91 23.55
CA ALA B 305 -13.98 -4.88 23.68
C ALA B 305 -14.49 -6.24 24.18
N LEU B 306 -15.42 -6.23 25.14
CA LEU B 306 -15.93 -7.50 25.68
C LEU B 306 -16.72 -8.20 24.58
N GLU B 307 -17.61 -7.44 23.90
CA GLU B 307 -18.35 -8.05 22.78
C GLU B 307 -17.41 -8.59 21.71
N ALA B 308 -16.28 -7.92 21.49
CA ALA B 308 -15.37 -8.37 20.46
C ALA B 308 -14.75 -9.69 20.84
N GLY B 309 -14.51 -9.89 22.15
CA GLY B 309 -13.94 -11.12 22.65
C GLY B 309 -12.63 -10.93 23.44
N ILE B 310 -12.34 -9.70 23.90
CA ILE B 310 -11.25 -9.50 24.83
C ILE B 310 -11.68 -9.96 26.22
N ASP B 311 -10.90 -10.88 26.79
CA ASP B 311 -11.22 -11.44 28.09
C ASP B 311 -10.56 -10.66 29.22
N VAL B 312 -9.29 -10.26 29.03
CA VAL B 312 -8.57 -9.57 30.10
C VAL B 312 -8.05 -8.22 29.62
N GLU B 313 -8.40 -7.16 30.35
CA GLU B 313 -7.86 -5.83 30.08
C GLU B 313 -6.50 -5.68 30.76
N LEU B 314 -5.48 -5.41 29.94
CA LEU B 314 -4.10 -5.17 30.37
C LEU B 314 -3.71 -3.74 30.01
N PRO B 315 -2.70 -3.14 30.69
CA PRO B 315 -1.94 -3.75 31.80
C PRO B 315 -2.52 -3.53 33.20
N LYS B 316 -3.59 -2.72 33.25
CA LYS B 316 -4.30 -2.43 34.48
C LYS B 316 -5.77 -2.23 34.16
N THR B 317 -6.63 -2.65 35.08
CA THR B 317 -8.05 -2.33 34.96
C THR B 317 -8.21 -0.82 34.77
N GLU B 318 -8.99 -0.46 33.76
CA GLU B 318 -9.18 0.94 33.40
C GLU B 318 -10.60 1.17 32.90
N CYS B 319 -11.03 0.39 31.88
CA CYS B 319 -12.41 0.45 31.40
C CYS B 319 -13.25 -0.72 31.91
N TYR B 320 -12.63 -1.88 32.16
CA TYR B 320 -13.41 -3.09 32.44
C TYR B 320 -14.07 -3.09 33.81
N GLN B 321 -13.68 -2.20 34.71
CA GLN B 321 -14.46 -2.09 35.94
C GLN B 321 -15.89 -1.64 35.65
N TYR B 322 -16.11 -0.90 34.54
CA TYR B 322 -17.45 -0.44 34.19
C TYR B 322 -18.33 -1.54 33.63
N LEU B 323 -17.79 -2.75 33.42
CA LEU B 323 -18.63 -3.89 33.07
C LEU B 323 -19.65 -4.17 34.19
N LYS B 324 -19.28 -3.91 35.45
CA LYS B 324 -20.21 -4.10 36.54
C LYS B 324 -21.41 -3.19 36.37
N ASP B 325 -21.13 -1.92 36.13
CA ASP B 325 -22.15 -0.91 35.93
C ASP B 325 -23.05 -1.26 34.73
N LEU B 326 -22.43 -1.73 33.63
CA LEU B 326 -23.19 -2.03 32.43
C LEU B 326 -24.20 -3.15 32.70
N VAL B 327 -23.81 -4.17 33.49
CA VAL B 327 -24.75 -5.21 33.82
C VAL B 327 -25.83 -4.64 34.74
N GLU B 328 -25.41 -3.94 35.78
CA GLU B 328 -26.36 -3.43 36.78
C GLU B 328 -27.39 -2.54 36.13
N LYS B 329 -26.99 -1.79 35.10
CA LYS B 329 -27.88 -0.88 34.38
C LYS B 329 -28.62 -1.56 33.24
N GLY B 330 -28.46 -2.88 33.08
CA GLY B 330 -29.20 -3.61 32.05
C GLY B 330 -28.79 -3.27 30.63
N ILE B 331 -27.52 -2.90 30.41
CA ILE B 331 -27.03 -2.56 29.09
C ILE B 331 -26.42 -3.78 28.40
N ILE B 332 -25.73 -4.64 29.15
CA ILE B 332 -25.20 -5.92 28.71
C ILE B 332 -25.69 -7.02 29.65
N SER B 333 -25.69 -8.25 29.15
CA SER B 333 -26.11 -9.39 29.92
C SER B 333 -24.93 -9.92 30.74
N GLU B 334 -25.19 -10.30 31.97
CA GLU B 334 -24.17 -10.96 32.77
C GLU B 334 -23.71 -12.27 32.12
N ALA B 335 -24.51 -12.89 31.26
CA ALA B 335 -24.07 -14.10 30.56
C ALA B 335 -22.78 -13.86 29.76
N LEU B 336 -22.63 -12.67 29.20
CA LEU B 336 -21.48 -12.34 28.39
C LEU B 336 -20.24 -12.19 29.26
N ILE B 337 -20.37 -11.62 30.47
CA ILE B 337 -19.32 -11.63 31.47
C ILE B 337 -18.97 -13.08 31.85
N ASP B 338 -19.98 -13.92 32.10
CA ASP B 338 -19.74 -15.28 32.47
C ASP B 338 -18.91 -16.01 31.42
N GLU B 339 -19.15 -15.74 30.14
CA GLU B 339 -18.42 -16.40 29.08
C GLU B 339 -16.91 -16.11 29.20
N ALA B 340 -16.57 -14.85 29.42
CA ALA B 340 -15.19 -14.40 29.56
C ALA B 340 -14.56 -14.98 30.84
N VAL B 341 -15.28 -14.86 31.96
CA VAL B 341 -14.77 -15.35 33.23
C VAL B 341 -14.48 -16.85 33.13
N THR B 342 -15.36 -17.60 32.48
CA THR B 342 -15.18 -19.02 32.28
C THR B 342 -13.84 -19.32 31.63
N ARG B 343 -13.51 -18.58 30.57
CA ARG B 343 -12.23 -18.78 29.88
C ARG B 343 -11.03 -18.56 30.81
N VAL B 344 -11.06 -17.50 31.59
CA VAL B 344 -10.02 -17.15 32.54
C VAL B 344 -9.91 -18.21 33.65
N LEU B 345 -11.03 -18.59 34.26
CA LEU B 345 -10.97 -19.62 35.31
C LEU B 345 -10.46 -20.93 34.77
N ARG B 346 -10.93 -21.36 33.60
CA ARG B 346 -10.49 -22.64 33.06
C ARG B 346 -8.96 -22.69 32.98
N LEU B 347 -8.37 -21.63 32.43
CA LEU B 347 -6.93 -21.59 32.25
C LEU B 347 -6.23 -21.58 33.60
N LYS B 348 -6.80 -20.85 34.60
CA LYS B 348 -6.21 -20.89 35.92
C LYS B 348 -6.23 -22.29 36.51
N PHE B 349 -7.30 -23.05 36.35
CA PHE B 349 -7.32 -24.44 36.77
C PHE B 349 -6.27 -25.25 36.03
N MET B 350 -6.21 -25.10 34.70
CA MET B 350 -5.29 -25.87 33.87
C MET B 350 -3.82 -25.62 34.26
N LEU B 351 -3.49 -24.42 34.75
CA LEU B 351 -2.16 -24.07 35.18
C LEU B 351 -1.84 -24.67 36.56
N GLY B 352 -2.85 -25.27 37.21
CA GLY B 352 -2.61 -25.88 38.52
C GLY B 352 -2.63 -24.91 39.68
N LEU B 353 -3.12 -23.69 39.47
CA LEU B 353 -2.95 -22.63 40.46
C LEU B 353 -3.81 -22.87 41.71
N PHE B 354 -4.91 -23.63 41.57
CA PHE B 354 -5.75 -23.88 42.72
C PHE B 354 -5.18 -25.02 43.58
N GLU B 355 -4.26 -25.78 43.02
CA GLU B 355 -3.54 -26.81 43.78
C GLU B 355 -2.25 -26.25 44.37
N ASN B 356 -1.53 -25.45 43.58
CA ASN B 356 -0.30 -24.87 44.08
C ASN B 356 0.07 -23.60 43.34
N PRO B 357 -0.16 -22.43 43.95
CA PRO B 357 0.17 -21.17 43.31
C PRO B 357 1.54 -20.64 43.69
N TYR B 358 2.33 -21.42 44.46
CA TYR B 358 3.57 -20.90 45.02
C TYR B 358 4.79 -21.53 44.36
N VAL B 359 5.93 -20.82 44.46
CA VAL B 359 7.20 -21.34 43.96
C VAL B 359 8.18 -21.39 45.13
N GLU B 360 9.20 -22.23 45.02
CA GLU B 360 10.29 -22.26 45.99
C GLU B 360 11.29 -21.15 45.68
N VAL B 361 11.32 -20.17 46.58
CA VAL B 361 12.16 -19.03 46.40
C VAL B 361 13.63 -19.47 46.35
N GLU B 362 14.00 -20.51 47.11
CA GLU B 362 15.40 -20.95 47.13
C GLU B 362 15.80 -21.48 45.74
N LYS B 363 14.85 -21.76 44.85
CA LYS B 363 15.17 -22.30 43.54
C LYS B 363 14.98 -21.24 42.46
N ALA B 364 14.68 -20.00 42.84
CA ALA B 364 14.25 -19.03 41.87
C ALA B 364 15.42 -18.33 41.16
N LYS B 365 16.67 -18.76 41.40
CA LYS B 365 17.81 -18.21 40.69
C LYS B 365 17.80 -18.67 39.23
N ILE B 366 17.65 -17.68 38.33
CA ILE B 366 17.57 -18.00 36.90
C ILE B 366 18.97 -18.29 36.38
N GLU B 367 19.08 -19.38 35.60
CA GLU B 367 20.33 -19.81 35.00
C GLU B 367 20.61 -19.05 33.70
N SER B 368 21.90 -18.82 33.43
CA SER B 368 22.31 -18.24 32.16
C SER B 368 22.05 -19.24 31.04
N HIS B 369 21.55 -18.73 29.88
CA HIS B 369 21.45 -19.52 28.66
C HIS B 369 22.31 -18.89 27.57
N ARG B 370 23.47 -18.35 27.98
CA ARG B 370 24.39 -17.76 27.00
C ARG B 370 24.75 -18.79 25.93
N ASP B 371 24.81 -20.07 26.28
CA ASP B 371 25.12 -21.10 25.30
C ASP B 371 24.09 -21.12 24.14
N ILE B 372 22.80 -21.18 24.48
CA ILE B 372 21.75 -21.19 23.45
C ILE B 372 21.82 -19.86 22.69
N ALA B 373 21.98 -18.75 23.39
CA ALA B 373 22.06 -17.43 22.76
C ALA B 373 23.18 -17.39 21.72
N LEU B 374 24.35 -17.96 22.08
CA LEU B 374 25.48 -17.97 21.15
C LEU B 374 25.22 -18.84 19.92
N GLU B 375 24.52 -19.97 20.10
CA GLU B 375 24.20 -20.82 18.97
C GLU B 375 23.28 -20.04 18.01
N ILE B 376 22.29 -19.36 18.55
CA ILE B 376 21.40 -18.57 17.70
C ILE B 376 22.20 -17.46 17.01
N ALA B 377 23.05 -16.73 17.76
CA ALA B 377 23.84 -15.64 17.19
C ALA B 377 24.72 -16.17 16.07
N ARG B 378 25.36 -17.33 16.28
CA ARG B 378 26.24 -17.89 15.27
C ARG B 378 25.50 -18.36 14.01
N LYS B 379 24.25 -18.82 14.14
CA LYS B 379 23.50 -19.32 13.02
C LYS B 379 22.66 -18.21 12.35
N SER B 380 22.54 -17.06 13.01
CA SER B 380 21.66 -16.00 12.51
C SER B 380 22.33 -14.99 11.62
N ILE B 381 23.65 -14.81 11.76
CA ILE B 381 24.34 -13.79 11.01
C ILE B 381 24.33 -14.16 9.55
N ILE B 382 24.08 -13.18 8.69
CA ILE B 382 23.97 -13.44 7.26
C ILE B 382 25.14 -12.80 6.52
N LEU B 383 25.79 -13.60 5.67
CA LEU B 383 26.82 -13.07 4.78
C LEU B 383 26.10 -12.60 3.53
N LEU B 384 25.92 -11.28 3.40
CA LEU B 384 25.20 -10.74 2.25
C LEU B 384 26.08 -10.65 1.03
N LYS B 385 27.37 -10.31 1.25
CA LYS B 385 28.28 -10.14 0.14
C LYS B 385 29.66 -10.54 0.61
N ASN B 386 30.44 -11.13 -0.30
CA ASN B 386 31.81 -11.47 0.03
C ASN B 386 32.58 -11.67 -1.28
N ASP B 387 33.52 -10.76 -1.57
CA ASP B 387 34.31 -10.88 -2.78
C ASP B 387 35.53 -11.77 -2.55
N GLY B 388 35.68 -12.33 -1.35
CA GLY B 388 36.79 -13.21 -1.01
C GLY B 388 37.63 -12.68 0.15
N ILE B 389 37.40 -11.44 0.57
CA ILE B 389 38.07 -10.88 1.74
C ILE B 389 37.86 -11.74 2.98
N LEU B 390 36.64 -12.32 3.16
CA LEU B 390 36.35 -13.07 4.36
C LEU B 390 36.47 -14.57 4.05
N PRO B 391 36.93 -15.40 4.98
CA PRO B 391 37.38 -14.98 6.32
C PRO B 391 38.77 -14.31 6.27
N LEU B 392 39.00 -13.46 7.26
CA LEU B 392 40.27 -12.73 7.38
C LEU B 392 41.31 -13.65 8.02
N GLN B 393 42.59 -13.36 7.74
CA GLN B 393 43.67 -13.98 8.51
C GLN B 393 43.93 -13.18 9.80
N LYS B 394 44.31 -13.89 10.85
CA LYS B 394 44.49 -13.29 12.18
C LYS B 394 45.68 -12.33 12.23
N ASN B 395 46.61 -12.41 11.28
CA ASN B 395 47.82 -11.61 11.34
C ASN B 395 47.60 -10.27 10.62
N LYS B 396 46.40 -10.00 10.09
CA LYS B 396 46.13 -8.72 9.45
C LYS B 396 45.81 -7.66 10.50
N LYS B 397 46.34 -6.46 10.27
CA LYS B 397 46.08 -5.34 11.16
C LYS B 397 44.72 -4.74 10.83
N VAL B 398 43.88 -4.62 11.85
CA VAL B 398 42.50 -4.18 11.64
C VAL B 398 42.32 -2.74 12.12
N ALA B 399 41.63 -1.92 11.31
CA ALA B 399 41.02 -0.68 11.75
C ALA B 399 39.54 -0.94 12.04
N LEU B 400 39.20 -0.97 13.33
CA LEU B 400 37.85 -1.24 13.78
C LEU B 400 37.17 0.11 14.01
N ILE B 401 36.11 0.36 13.22
CA ILE B 401 35.55 1.69 13.10
C ILE B 401 34.03 1.58 13.25
N GLY B 402 33.43 2.59 13.88
CA GLY B 402 32.00 2.84 13.80
C GLY B 402 31.33 2.82 15.17
N PRO B 403 30.10 3.40 15.29
CA PRO B 403 29.46 3.49 16.61
C PRO B 403 29.06 2.16 17.20
N ASN B 404 28.81 1.16 16.35
CA ASN B 404 28.32 -0.11 16.88
C ASN B 404 29.49 -1.07 17.17
N ALA B 405 30.73 -0.62 16.92
CA ALA B 405 31.92 -1.45 17.18
C ALA B 405 32.22 -1.50 18.66
N GLY B 406 31.95 -0.38 19.35
CA GLY B 406 32.33 -0.24 20.73
C GLY B 406 31.17 -0.26 21.73
N GLU B 407 29.92 -0.34 21.26
CA GLU B 407 28.78 0.09 22.06
C GLU B 407 27.80 -1.04 22.38
N VAL B 408 27.91 -1.63 23.60
CA VAL B 408 27.20 -2.82 24.03
C VAL B 408 25.69 -2.58 24.04
N ARG B 409 25.27 -1.35 24.41
CA ARG B 409 23.85 -1.04 24.49
C ARG B 409 23.19 -1.24 23.12
N ASN B 410 23.92 -0.93 22.05
CA ASN B 410 23.32 -0.96 20.72
C ASN B 410 23.26 -2.37 20.14
N LEU B 411 23.75 -3.39 20.89
CA LEU B 411 23.52 -4.77 20.52
C LEU B 411 22.16 -5.25 20.99
N LEU B 412 21.43 -4.43 21.75
CA LEU B 412 20.21 -4.91 22.39
C LEU B 412 18.98 -4.54 21.57
N GLY B 413 17.97 -5.40 21.64
CA GLY B 413 16.71 -5.15 20.95
C GLY B 413 15.65 -4.55 21.88
N ASP B 414 14.51 -4.17 21.30
CA ASP B 414 13.53 -3.33 21.98
C ASP B 414 12.78 -4.02 23.12
N TYR B 415 12.77 -5.37 23.20
CA TYR B 415 12.17 -6.08 24.34
C TYR B 415 13.22 -6.86 25.12
N MET B 416 14.50 -6.47 24.96
CA MET B 416 15.49 -6.95 25.89
C MET B 416 15.47 -6.05 27.12
N TYR B 417 15.50 -6.65 28.32
CA TYR B 417 15.23 -5.89 29.56
C TYR B 417 16.16 -4.68 29.68
N LEU B 418 17.43 -4.87 29.35
CA LEU B 418 18.38 -3.78 29.61
C LEU B 418 18.29 -2.67 28.57
N ALA B 419 17.64 -2.91 27.43
CA ALA B 419 17.18 -1.82 26.61
C ALA B 419 15.85 -1.33 27.18
N VAL B 459 32.02 -6.23 21.66
CA VAL B 459 32.56 -6.47 20.28
C VAL B 459 34.06 -6.17 20.14
N LEU B 460 34.41 -4.95 20.54
CA LEU B 460 35.81 -4.58 20.65
C LEU B 460 36.44 -5.61 21.60
N ASP B 461 35.70 -6.03 22.62
CA ASP B 461 36.13 -7.02 23.56
C ASP B 461 36.40 -8.36 22.87
N ALA B 462 35.54 -8.71 21.92
CA ALA B 462 35.71 -9.97 21.22
C ALA B 462 36.97 -9.94 20.37
N PHE B 463 37.30 -8.80 19.74
CA PHE B 463 38.51 -8.68 18.97
C PHE B 463 39.74 -8.81 19.87
N LYS B 464 39.67 -8.21 21.06
CA LYS B 464 40.74 -8.29 22.04
C LYS B 464 40.94 -9.74 22.48
N GLU B 465 39.85 -10.43 22.81
CA GLU B 465 39.93 -11.80 23.29
C GLU B 465 40.50 -12.74 22.22
N GLU B 466 40.24 -12.45 20.94
CA GLU B 466 40.68 -13.31 19.85
C GLU B 466 42.17 -13.10 19.59
N GLY B 467 42.73 -12.03 20.16
CA GLY B 467 44.15 -11.73 20.04
C GLY B 467 44.48 -10.93 18.78
N ILE B 468 43.52 -10.16 18.26
CA ILE B 468 43.77 -9.44 17.02
C ILE B 468 44.49 -8.13 17.33
N GLU B 469 45.40 -7.75 16.44
CA GLU B 469 46.00 -6.44 16.49
C GLU B 469 45.10 -5.45 15.77
N PHE B 470 44.58 -4.47 16.53
CA PHE B 470 43.72 -3.48 15.90
C PHE B 470 43.82 -2.13 16.61
N GLU B 471 43.44 -1.10 15.87
CA GLU B 471 43.11 0.20 16.42
C GLU B 471 41.61 0.46 16.27
N TYR B 472 41.03 1.18 17.25
CA TYR B 472 39.62 1.51 17.25
C TYR B 472 39.42 3.01 17.07
N ALA B 473 38.46 3.38 16.22
CA ALA B 473 37.98 4.76 16.09
C ALA B 473 36.46 4.71 16.01
N LYS B 474 35.77 5.50 16.83
CA LYS B 474 34.31 5.46 16.81
C LYS B 474 33.78 5.93 15.46
N GLY B 475 34.38 6.95 14.88
CA GLY B 475 33.99 7.50 13.60
C GLY B 475 32.86 8.52 13.67
N CYS B 476 31.71 8.10 14.21
CA CYS B 476 30.52 8.93 14.32
C CYS B 476 29.57 8.28 15.31
N GLU B 477 28.53 9.03 15.70
CA GLU B 477 27.48 8.52 16.55
C GLU B 477 26.45 7.81 15.69
N VAL B 478 25.51 7.10 16.30
CA VAL B 478 24.42 6.49 15.54
C VAL B 478 23.54 7.58 14.92
N THR B 479 23.28 8.67 15.65
CA THR B 479 22.40 9.71 15.11
C THR B 479 23.13 11.06 15.03
N GLY B 480 22.50 12.04 14.38
CA GLY B 480 23.06 13.39 14.31
C GLY B 480 23.94 13.57 13.07
N GLU B 481 24.62 14.71 12.96
CA GLU B 481 25.32 15.10 11.75
C GLU B 481 26.81 15.31 12.00
N ASP B 482 27.31 14.99 13.22
CA ASP B 482 28.68 15.31 13.58
C ASP B 482 29.67 14.44 12.79
N ARG B 483 30.56 15.09 12.01
CA ARG B 483 31.56 14.37 11.22
C ARG B 483 32.98 14.55 11.79
N SER B 484 33.11 15.04 13.03
CA SER B 484 34.42 15.41 13.54
C SER B 484 35.31 14.19 13.82
N GLY B 485 34.69 12.99 13.92
CA GLY B 485 35.42 11.76 14.14
C GLY B 485 35.89 11.08 12.84
N PHE B 486 35.52 11.62 11.68
CA PHE B 486 35.85 10.98 10.42
C PHE B 486 37.36 10.94 10.20
N GLU B 487 38.06 12.04 10.50
CA GLU B 487 39.48 12.11 10.13
C GLU B 487 40.26 11.01 10.85
N GLU B 488 39.99 10.79 12.13
CA GLU B 488 40.65 9.79 12.92
C GLU B 488 40.40 8.39 12.35
N ALA B 489 39.15 8.11 11.97
CA ALA B 489 38.82 6.80 11.42
C ALA B 489 39.56 6.58 10.10
N ILE B 490 39.57 7.58 9.23
CA ILE B 490 40.29 7.52 7.97
C ILE B 490 41.78 7.24 8.23
N GLU B 491 42.36 7.90 9.24
CA GLU B 491 43.79 7.80 9.46
C GLU B 491 44.14 6.39 9.94
N ILE B 492 43.30 5.78 10.80
CA ILE B 492 43.61 4.43 11.26
C ILE B 492 43.36 3.44 10.12
N ALA B 493 42.38 3.72 9.25
CA ALA B 493 42.17 2.86 8.09
C ALA B 493 43.45 2.81 7.23
N LYS B 494 44.03 4.00 6.98
CA LYS B 494 45.15 4.15 6.07
C LYS B 494 46.35 3.34 6.57
N LYS B 495 46.46 3.20 7.88
CA LYS B 495 47.55 2.48 8.53
C LYS B 495 47.28 0.99 8.70
N SER B 496 46.11 0.50 8.26
CA SER B 496 45.73 -0.88 8.53
C SER B 496 45.79 -1.70 7.24
N ASP B 497 45.57 -3.02 7.39
CA ASP B 497 45.41 -3.93 6.27
C ASP B 497 43.93 -4.01 5.82
N VAL B 498 43.00 -3.84 6.75
CA VAL B 498 41.56 -3.98 6.46
C VAL B 498 40.79 -3.11 7.46
N ALA B 499 39.77 -2.40 6.96
CA ALA B 499 38.87 -1.63 7.80
C ALA B 499 37.59 -2.45 8.01
N ILE B 500 37.20 -2.61 9.28
CA ILE B 500 35.97 -3.30 9.65
C ILE B 500 35.06 -2.22 10.24
N VAL B 501 33.98 -1.90 9.51
CA VAL B 501 33.15 -0.77 9.85
C VAL B 501 31.81 -1.30 10.37
N VAL B 502 31.51 -0.98 11.62
CA VAL B 502 30.40 -1.56 12.35
C VAL B 502 29.40 -0.47 12.63
N VAL B 503 28.26 -0.51 11.89
CA VAL B 503 27.30 0.58 11.93
C VAL B 503 25.93 -0.02 12.21
N GLY B 504 24.94 0.85 12.47
CA GLY B 504 23.57 0.37 12.52
C GLY B 504 22.71 1.15 13.50
N ASP B 505 21.89 0.42 14.26
CA ASP B 505 20.82 1.01 15.02
C ASP B 505 21.17 1.14 16.50
N LYS B 506 20.39 2.00 17.16
CA LYS B 506 20.09 1.89 18.58
C LYS B 506 18.59 1.60 18.72
N SER B 507 18.26 0.42 19.27
CA SER B 507 16.88 -0.01 19.36
C SER B 507 16.28 0.30 20.72
N GLY B 508 15.02 0.78 20.69
CA GLY B 508 14.23 1.00 21.88
C GLY B 508 13.02 1.87 21.58
N LEU B 509 12.44 2.49 22.63
CA LEU B 509 11.15 3.12 22.47
C LEU B 509 11.24 4.63 22.57
N THR B 510 12.45 5.18 22.74
CA THR B 510 12.61 6.60 22.99
C THR B 510 13.15 7.31 21.73
N LEU B 511 13.13 8.66 21.73
CA LEU B 511 13.44 9.41 20.53
C LEU B 511 14.88 9.21 20.04
N ASP B 512 15.81 8.89 20.94
CA ASP B 512 17.20 8.68 20.60
C ASP B 512 17.44 7.33 19.90
N CYS B 513 16.39 6.50 19.84
CA CYS B 513 16.46 5.22 19.18
C CYS B 513 16.05 5.37 17.72
N THR B 514 16.69 4.57 16.87
CA THR B 514 16.47 4.60 15.42
C THR B 514 15.57 3.47 14.91
N THR B 515 15.37 2.43 15.71
CA THR B 515 14.46 1.33 15.40
C THR B 515 13.88 0.86 16.73
N GLY B 516 12.91 -0.05 16.61
CA GLY B 516 12.12 -0.48 17.75
C GLY B 516 10.72 0.11 17.70
N GLN B 517 9.88 -0.43 18.56
CA GLN B 517 8.52 0.04 18.72
C GLN B 517 8.49 1.56 18.85
N SER B 518 7.73 2.21 17.96
CA SER B 518 7.48 3.65 17.90
C SER B 518 8.53 4.41 17.10
N ARG B 519 9.55 3.71 16.60
CA ARG B 519 10.64 4.34 15.86
C ARG B 519 10.65 3.82 14.42
N ASP B 520 9.86 4.47 13.59
CA ASP B 520 9.66 4.08 12.21
C ASP B 520 10.56 4.94 11.33
N MET B 521 11.16 4.32 10.29
CA MET B 521 12.16 5.01 9.48
C MET B 521 11.63 5.07 8.05
N ALA B 522 11.27 6.27 7.59
CA ALA B 522 10.63 6.42 6.29
C ALA B 522 11.56 6.04 5.13
N ASN B 523 12.82 6.51 5.15
CA ASN B 523 13.62 6.51 3.95
C ASN B 523 14.72 5.47 3.95
N LEU B 524 14.82 4.67 5.02
CA LEU B 524 15.65 3.49 5.06
C LEU B 524 17.14 3.81 4.84
N LYS B 525 17.59 5.02 5.20
CA LYS B 525 19.02 5.30 5.14
C LYS B 525 19.62 4.91 6.50
N LEU B 526 20.85 4.36 6.49
CA LEU B 526 21.51 4.12 7.78
C LEU B 526 21.46 5.40 8.62
N PRO B 527 21.26 5.29 9.94
CA PRO B 527 21.03 6.50 10.74
C PRO B 527 22.25 7.41 10.75
N GLY B 528 21.96 8.71 10.95
CA GLY B 528 23.00 9.72 11.12
C GLY B 528 23.84 9.87 9.86
N VAL B 529 25.16 9.98 10.06
CA VAL B 529 26.08 10.11 8.94
C VAL B 529 26.88 8.79 8.82
N GLN B 530 26.28 7.67 9.25
CA GLN B 530 26.97 6.39 9.15
C GLN B 530 27.26 5.99 7.71
N GLU B 531 26.35 6.28 6.76
CA GLU B 531 26.60 5.91 5.38
C GLU B 531 27.84 6.66 4.89
N GLU B 532 27.88 7.97 5.20
CA GLU B 532 28.99 8.84 4.80
C GLU B 532 30.29 8.33 5.40
N LEU B 533 30.25 7.83 6.64
CA LEU B 533 31.43 7.27 7.28
C LEU B 533 31.97 6.09 6.48
N VAL B 534 31.08 5.17 6.09
CA VAL B 534 31.47 4.01 5.33
C VAL B 534 32.13 4.45 4.04
N LEU B 535 31.52 5.43 3.35
CA LEU B 535 32.03 5.81 2.05
C LEU B 535 33.39 6.53 2.19
N GLU B 536 33.57 7.29 3.28
CA GLU B 536 34.84 7.97 3.49
C GLU B 536 35.94 6.96 3.74
N VAL B 537 35.65 5.91 4.53
CA VAL B 537 36.60 4.85 4.79
C VAL B 537 36.91 4.13 3.50
N ALA B 538 35.89 3.84 2.67
CA ALA B 538 36.15 3.11 1.43
C ALA B 538 37.08 3.89 0.50
N LYS B 539 37.02 5.24 0.58
CA LYS B 539 37.79 6.10 -0.31
C LYS B 539 39.29 5.97 -0.06
N THR B 540 39.69 5.40 1.08
CA THR B 540 41.09 5.15 1.36
C THR B 540 41.69 4.07 0.45
N GLY B 541 40.82 3.27 -0.18
CA GLY B 541 41.27 2.20 -1.04
C GLY B 541 41.55 0.93 -0.28
N LYS B 542 41.48 0.95 1.07
CA LYS B 542 41.68 -0.25 1.85
C LYS B 542 40.51 -1.21 1.70
N PRO B 543 40.71 -2.53 1.90
CA PRO B 543 39.59 -3.48 1.92
C PRO B 543 38.65 -3.10 3.07
N VAL B 544 37.33 -3.21 2.83
CA VAL B 544 36.33 -2.85 3.83
C VAL B 544 35.39 -4.04 4.04
N VAL B 545 35.25 -4.44 5.29
CA VAL B 545 34.20 -5.33 5.75
C VAL B 545 33.17 -4.49 6.48
N LEU B 546 31.93 -4.49 5.98
CA LEU B 546 30.83 -3.73 6.59
C LEU B 546 29.99 -4.69 7.42
N VAL B 547 29.81 -4.36 8.71
CA VAL B 547 29.04 -5.13 9.65
C VAL B 547 27.86 -4.26 10.05
N LEU B 548 26.64 -4.73 9.72
CA LEU B 548 25.42 -4.01 10.07
C LEU B 548 24.82 -4.63 11.32
N ILE B 549 24.77 -3.87 12.41
CA ILE B 549 24.13 -4.34 13.62
C ILE B 549 22.82 -3.53 13.72
N THR B 550 21.75 -4.13 13.22
CA THR B 550 20.50 -3.41 12.96
C THR B 550 19.29 -4.28 13.28
N GLY B 551 18.15 -3.60 13.37
CA GLY B 551 16.87 -4.24 13.63
C GLY B 551 16.02 -4.36 12.37
N ARG B 552 16.37 -3.61 11.32
CA ARG B 552 15.61 -3.61 10.09
C ARG B 552 16.55 -3.69 8.89
N PRO B 553 16.05 -4.09 7.71
CA PRO B 553 16.72 -3.82 6.46
C PRO B 553 16.96 -2.31 6.31
N TYR B 554 18.16 -1.91 5.89
CA TYR B 554 18.48 -0.60 5.38
C TYR B 554 18.79 -0.70 3.89
N SER B 555 18.58 0.42 3.20
CA SER B 555 19.05 0.60 1.83
C SER B 555 20.59 0.60 1.81
N LEU B 556 21.15 -0.37 1.10
CA LEU B 556 22.61 -0.48 0.96
C LEU B 556 23.03 -0.15 -0.46
N LYS B 557 22.17 0.47 -1.23
CA LYS B 557 22.44 0.74 -2.63
C LYS B 557 23.67 1.62 -2.82
N ASN B 558 23.93 2.56 -1.90
CA ASN B 558 25.05 3.48 -2.08
C ASN B 558 26.36 2.98 -1.47
N VAL B 559 26.36 1.84 -0.79
CA VAL B 559 27.57 1.31 -0.21
C VAL B 559 27.94 -0.06 -0.77
N VAL B 560 26.98 -0.83 -1.28
CA VAL B 560 27.20 -2.24 -1.53
C VAL B 560 28.38 -2.43 -2.49
N ASP B 561 28.47 -1.57 -3.49
CA ASP B 561 29.45 -1.77 -4.55
C ASP B 561 30.77 -1.10 -4.17
N LYS B 562 30.87 -0.56 -2.94
CA LYS B 562 32.04 0.18 -2.52
C LYS B 562 32.76 -0.56 -1.40
N VAL B 563 32.19 -1.70 -0.95
CA VAL B 563 32.79 -2.46 0.14
C VAL B 563 33.00 -3.90 -0.33
N ASN B 564 33.88 -4.63 0.37
CA ASN B 564 34.32 -5.93 -0.12
C ASN B 564 33.46 -7.08 0.44
N ALA B 565 32.96 -6.92 1.67
CA ALA B 565 32.07 -7.90 2.27
C ALA B 565 31.07 -7.19 3.17
N ILE B 566 29.90 -7.80 3.32
CA ILE B 566 28.83 -7.27 4.19
C ILE B 566 28.27 -8.41 5.02
N LEU B 567 28.25 -8.22 6.34
CA LEU B 567 27.58 -9.09 7.31
C LEU B 567 26.38 -8.35 7.90
N GLN B 568 25.20 -9.00 7.81
CA GLN B 568 24.02 -8.55 8.51
C GLN B 568 23.97 -9.26 9.85
N VAL B 569 24.00 -8.48 10.93
CA VAL B 569 23.91 -9.02 12.30
C VAL B 569 22.64 -8.41 12.92
N TRP B 570 21.54 -9.12 12.82
CA TRP B 570 20.35 -8.67 13.54
C TRP B 570 20.64 -8.62 15.02
N LEU B 571 20.20 -7.53 15.67
CA LEU B 571 20.44 -7.22 17.07
C LEU B 571 20.65 -8.50 17.88
N PRO B 572 21.92 -8.82 18.24
CA PRO B 572 22.23 -10.15 18.76
C PRO B 572 22.17 -10.36 20.27
N GLY B 573 21.91 -9.30 21.01
CA GLY B 573 21.85 -9.36 22.45
C GLY B 573 23.20 -9.74 23.02
N GLU B 574 23.19 -10.41 24.18
CA GLU B 574 24.42 -10.59 24.95
C GLU B 574 25.46 -11.48 24.25
N ALA B 575 25.12 -12.34 23.26
CA ALA B 575 26.05 -13.20 22.49
C ALA B 575 26.74 -12.60 21.23
N GLY B 576 26.44 -11.33 20.98
CA GLY B 576 26.70 -10.73 19.68
C GLY B 576 28.16 -10.66 19.31
N GLY B 577 28.95 -10.05 20.21
CA GLY B 577 30.34 -9.80 19.89
C GLY B 577 31.08 -11.05 19.42
N ARG B 578 30.99 -12.09 20.21
CA ARG B 578 31.72 -13.33 20.00
C ARG B 578 31.39 -13.91 18.62
N ALA B 579 30.10 -13.97 18.29
CA ALA B 579 29.68 -14.58 17.04
C ALA B 579 30.24 -13.85 15.82
N ILE B 580 30.23 -12.51 15.86
CA ILE B 580 30.72 -11.70 14.78
C ILE B 580 32.19 -12.02 14.51
N VAL B 581 32.99 -12.04 15.58
CA VAL B 581 34.43 -12.24 15.41
C VAL B 581 34.68 -13.68 14.98
N ASP B 582 33.94 -14.63 15.53
CA ASP B 582 34.01 -16.03 15.11
C ASP B 582 33.81 -16.12 13.60
N ILE B 583 32.79 -15.42 13.08
CA ILE B 583 32.54 -15.45 11.66
C ILE B 583 33.63 -14.76 10.84
N ILE B 584 34.04 -13.57 11.26
CA ILE B 584 35.03 -12.81 10.52
C ILE B 584 36.30 -13.66 10.30
N TYR B 585 36.69 -14.45 11.30
CA TYR B 585 37.93 -15.20 11.20
C TYR B 585 37.72 -16.65 10.78
N GLY B 586 36.46 -17.01 10.44
CA GLY B 586 36.18 -18.33 9.92
C GLY B 586 36.14 -19.44 10.96
N LYS B 587 36.12 -19.11 12.27
CA LYS B 587 35.94 -20.13 13.29
C LYS B 587 34.53 -20.68 13.19
N VAL B 588 33.61 -19.81 12.74
CA VAL B 588 32.27 -20.21 12.39
C VAL B 588 32.05 -19.84 10.93
N ASN B 589 31.42 -20.75 10.18
CA ASN B 589 31.10 -20.52 8.78
C ASN B 589 29.70 -19.91 8.76
N PRO B 590 29.50 -18.69 8.25
CA PRO B 590 28.16 -18.06 8.30
C PRO B 590 27.19 -18.94 7.55
N SER B 591 25.95 -19.01 8.10
CA SER B 591 24.93 -19.88 7.58
C SER B 591 23.53 -19.27 7.67
N GLY B 592 23.40 -18.03 8.11
CA GLY B 592 22.08 -17.40 8.17
C GLY B 592 21.54 -17.13 6.77
N LYS B 593 20.20 -17.04 6.64
CA LYS B 593 19.56 -16.67 5.37
C LYS B 593 18.55 -15.57 5.68
N LEU B 594 18.39 -14.60 4.78
CA LEU B 594 17.45 -13.51 5.00
C LEU B 594 16.02 -14.03 5.16
N PRO B 595 15.33 -13.59 6.24
CA PRO B 595 13.91 -13.88 6.38
C PRO B 595 13.01 -12.76 5.86
N ILE B 596 13.64 -11.72 5.31
CA ILE B 596 12.97 -10.55 4.79
C ILE B 596 13.86 -9.97 3.68
N SER B 597 13.21 -9.52 2.59
CA SER B 597 13.86 -8.89 1.46
C SER B 597 14.48 -7.55 1.85
N PHE B 598 15.67 -7.25 1.28
CA PHE B 598 16.33 -5.96 1.48
C PHE B 598 16.03 -5.05 0.31
N PRO B 599 15.18 -4.02 0.47
CA PRO B 599 14.88 -3.12 -0.64
C PRO B 599 16.12 -2.33 -1.06
N ARG B 600 16.14 -1.95 -2.36
CA ARG B 600 17.13 -1.02 -2.85
C ARG B 600 16.93 0.37 -2.26
N SER B 601 15.66 0.73 -2.02
CA SER B 601 15.28 2.06 -1.58
C SER B 601 13.89 1.98 -0.96
N ALA B 602 13.48 3.00 -0.19
CA ALA B 602 12.17 3.01 0.41
C ALA B 602 11.08 3.10 -0.65
N GLY B 603 11.37 3.80 -1.78
CA GLY B 603 10.38 4.00 -2.82
C GLY B 603 10.01 2.69 -3.54
N GLN B 604 10.81 1.65 -3.33
CA GLN B 604 10.56 0.32 -3.87
C GLN B 604 9.59 -0.51 -3.00
N ILE B 605 9.24 -0.01 -1.80
CA ILE B 605 8.48 -0.83 -0.87
C ILE B 605 7.07 -1.00 -1.39
N PRO B 606 6.47 -2.21 -1.36
CA PRO B 606 7.09 -3.45 -0.87
C PRO B 606 7.79 -4.30 -1.91
N VAL B 607 8.77 -5.04 -1.44
CA VAL B 607 9.41 -6.10 -2.21
C VAL B 607 9.33 -7.39 -1.38
N PHE B 608 8.94 -8.49 -2.03
CA PHE B 608 8.79 -9.75 -1.34
C PHE B 608 8.81 -10.87 -2.35
N HIS B 609 9.18 -12.09 -1.94
CA HIS B 609 9.50 -13.11 -2.92
C HIS B 609 8.25 -13.73 -3.57
N TYR B 610 7.11 -13.66 -2.90
CA TYR B 610 5.93 -14.41 -3.32
C TYR B 610 4.90 -13.53 -4.04
N VAL B 611 5.40 -12.56 -4.79
CA VAL B 611 4.57 -11.73 -5.66
C VAL B 611 3.78 -12.62 -6.62
N LYS B 612 2.60 -12.15 -7.00
CA LYS B 612 1.81 -12.68 -8.11
C LYS B 612 2.53 -12.36 -9.41
N PRO B 613 2.11 -12.91 -10.56
CA PRO B 613 2.82 -12.61 -11.81
C PRO B 613 2.90 -11.13 -12.17
N SER B 614 1.89 -10.36 -11.76
CA SER B 614 1.87 -8.93 -11.96
C SER B 614 2.60 -8.15 -10.86
N GLY B 615 2.95 -8.82 -9.75
CA GLY B 615 3.70 -8.14 -8.70
C GLY B 615 5.21 -8.16 -8.97
N GLY B 616 5.91 -7.26 -8.27
CA GLY B 616 7.38 -7.29 -8.34
C GLY B 616 7.94 -6.75 -9.64
N ARG B 617 7.10 -6.08 -10.45
CA ARG B 617 7.54 -5.46 -11.68
C ARG B 617 6.56 -4.33 -12.02
N SER B 618 7.01 -3.42 -12.88
CA SER B 618 6.21 -2.40 -13.53
C SER B 618 6.04 -2.80 -14.98
N HIS B 619 4.79 -2.93 -15.47
CA HIS B 619 4.61 -3.31 -16.87
C HIS B 619 4.52 -2.03 -17.72
N TRP B 620 5.20 -1.96 -18.88
CA TRP B 620 5.85 -3.03 -19.60
C TRP B 620 7.36 -2.84 -19.73
N HIS B 621 7.97 -1.92 -19.01
CA HIS B 621 9.41 -1.73 -19.06
C HIS B 621 10.14 -2.47 -17.93
N GLY B 622 9.40 -3.11 -17.02
CA GLY B 622 9.96 -3.94 -15.97
C GLY B 622 10.34 -3.21 -14.70
N ASP B 623 11.19 -2.19 -14.88
CA ASP B 623 11.72 -1.42 -13.78
C ASP B 623 11.02 -0.08 -13.67
N TYR B 624 11.22 0.54 -12.50
CA TYR B 624 10.93 1.97 -12.38
C TYR B 624 11.87 2.77 -13.29
N VAL B 625 11.50 4.03 -13.52
CA VAL B 625 12.37 4.97 -14.23
C VAL B 625 13.74 5.05 -13.57
N ASP B 626 13.75 5.02 -12.23
CA ASP B 626 14.90 5.39 -11.41
C ASP B 626 15.47 4.24 -10.59
N GLU B 627 14.92 3.03 -10.74
CA GLU B 627 15.24 1.97 -9.77
C GLU B 627 14.80 0.63 -10.34
N SER B 628 15.60 -0.42 -10.10
CA SER B 628 15.15 -1.77 -10.36
C SER B 628 13.91 -2.05 -9.50
N THR B 629 13.03 -2.95 -9.97
CA THR B 629 11.96 -3.47 -9.13
C THR B 629 12.39 -4.67 -8.29
N LYS B 630 13.59 -5.17 -8.49
CA LYS B 630 14.09 -6.29 -7.71
C LYS B 630 14.69 -5.78 -6.41
N PRO B 631 14.55 -6.52 -5.30
CA PRO B 631 15.22 -6.13 -4.06
C PRO B 631 16.74 -6.24 -4.26
N LEU B 632 17.50 -5.55 -3.43
CA LEU B 632 18.95 -5.65 -3.49
C LEU B 632 19.41 -7.05 -3.08
N PHE B 633 18.83 -7.55 -1.98
CA PHE B 633 19.07 -8.91 -1.57
C PHE B 633 17.71 -9.58 -1.38
N PRO B 634 17.50 -10.76 -1.98
CA PRO B 634 16.20 -11.42 -1.90
C PRO B 634 16.00 -12.28 -0.66
N PHE B 635 14.73 -12.63 -0.43
CA PHE B 635 14.38 -13.55 0.63
C PHE B 635 15.20 -14.84 0.48
N GLY B 636 15.70 -15.33 1.62
CA GLY B 636 16.44 -16.59 1.63
C GLY B 636 17.92 -16.44 1.27
N HIS B 637 18.34 -15.22 0.98
CA HIS B 637 19.74 -14.95 0.61
C HIS B 637 20.70 -15.13 1.79
N GLY B 638 21.81 -15.81 1.54
CA GLY B 638 22.88 -15.87 2.52
C GLY B 638 24.03 -16.72 2.00
N LEU B 639 25.24 -16.17 1.97
CA LEU B 639 26.38 -16.87 1.41
C LEU B 639 27.09 -17.65 2.50
N SER B 640 28.12 -18.38 2.05
CA SER B 640 28.91 -19.27 2.91
C SER B 640 30.39 -19.13 2.53
N TYR B 641 31.27 -19.59 3.42
CA TYR B 641 32.68 -19.71 3.08
C TYR B 641 32.96 -21.00 2.30
N THR B 642 31.92 -21.81 2.03
CA THR B 642 32.04 -22.97 1.17
C THR B 642 30.98 -22.83 0.07
N LYS B 643 30.95 -23.82 -0.83
CA LYS B 643 30.04 -23.87 -1.96
C LYS B 643 29.27 -25.18 -1.84
N PHE B 644 27.97 -25.12 -2.11
CA PHE B 644 27.09 -26.27 -2.10
C PHE B 644 26.59 -26.56 -3.50
N GLU B 645 26.63 -27.85 -3.88
CA GLU B 645 26.22 -28.25 -5.22
C GLU B 645 24.97 -29.13 -5.09
N TYR B 646 23.92 -28.74 -5.82
CA TYR B 646 22.65 -29.44 -5.74
C TYR B 646 22.52 -30.33 -6.99
N SER B 647 21.99 -31.53 -6.85
CA SER B 647 21.80 -32.40 -7.99
C SER B 647 20.63 -33.35 -7.76
N ASN B 648 20.25 -34.07 -8.82
CA ASN B 648 19.42 -35.25 -8.66
C ASN B 648 18.07 -34.95 -7.98
N LEU B 649 17.33 -34.00 -8.55
CA LEU B 649 15.97 -33.72 -8.10
C LEU B 649 15.08 -34.89 -8.45
N ARG B 650 14.34 -35.39 -7.46
CA ARG B 650 13.34 -36.42 -7.68
C ARG B 650 12.02 -35.91 -7.10
N ILE B 651 10.95 -36.18 -7.82
CA ILE B 651 9.60 -35.78 -7.42
C ILE B 651 8.72 -36.99 -7.69
N GLU B 652 8.19 -37.60 -6.62
CA GLU B 652 7.39 -38.81 -6.80
C GLU B 652 6.20 -38.79 -5.85
N PRO B 653 5.01 -39.21 -6.33
CA PRO B 653 4.75 -39.45 -7.74
C PRO B 653 4.57 -38.16 -8.55
N LYS B 654 4.47 -38.31 -9.88
CA LYS B 654 4.33 -37.18 -10.76
C LYS B 654 2.89 -36.70 -10.89
N GLU B 655 1.93 -37.57 -10.59
CA GLU B 655 0.52 -37.23 -10.53
C GLU B 655 -0.02 -37.62 -9.16
N VAL B 656 -0.72 -36.70 -8.48
CA VAL B 656 -1.32 -37.02 -7.19
C VAL B 656 -2.72 -36.46 -7.17
N PRO B 657 -3.63 -37.07 -6.39
CA PRO B 657 -4.97 -36.53 -6.26
C PRO B 657 -4.95 -35.38 -5.27
N PRO B 658 -6.05 -34.64 -5.15
CA PRO B 658 -6.03 -33.38 -4.41
C PRO B 658 -5.85 -33.41 -2.90
N ALA B 659 -5.84 -34.62 -2.31
CA ALA B 659 -5.42 -34.77 -0.92
C ALA B 659 -4.29 -35.79 -0.80
N GLY B 660 -3.51 -35.95 -1.88
CA GLY B 660 -2.36 -36.83 -1.87
C GLY B 660 -1.12 -36.16 -1.31
N GLU B 661 0.01 -36.83 -1.50
CA GLU B 661 1.30 -36.38 -1.00
C GLU B 661 2.37 -36.66 -2.05
N VAL B 662 3.28 -35.70 -2.24
CA VAL B 662 4.47 -35.91 -3.06
C VAL B 662 5.71 -35.88 -2.16
N VAL B 663 6.74 -36.63 -2.59
CA VAL B 663 8.03 -36.66 -1.91
C VAL B 663 9.08 -36.10 -2.86
N ILE B 664 9.73 -35.02 -2.42
CA ILE B 664 10.71 -34.29 -3.20
C ILE B 664 12.07 -34.55 -2.57
N LYS B 665 13.02 -35.04 -3.39
CA LYS B 665 14.38 -35.26 -2.89
C LYS B 665 15.40 -34.51 -3.73
N VAL B 666 16.40 -33.97 -3.05
CA VAL B 666 17.58 -33.41 -3.72
C VAL B 666 18.82 -33.91 -2.99
N ASP B 667 19.91 -34.00 -3.74
CA ASP B 667 21.24 -34.22 -3.18
C ASP B 667 21.99 -32.89 -3.11
N VAL B 668 22.64 -32.65 -1.96
CA VAL B 668 23.45 -31.47 -1.75
C VAL B 668 24.82 -31.92 -1.27
N GLU B 669 25.85 -31.37 -1.93
CA GLU B 669 27.24 -31.71 -1.64
C GLU B 669 27.99 -30.43 -1.34
N ASN B 670 28.73 -30.44 -0.24
CA ASN B 670 29.70 -29.39 0.04
C ASN B 670 30.94 -29.65 -0.82
N ILE B 671 31.09 -28.86 -1.87
CA ILE B 671 32.19 -29.07 -2.82
C ILE B 671 33.34 -28.11 -2.57
N GLY B 672 33.26 -27.30 -1.50
CA GLY B 672 34.33 -26.39 -1.13
C GLY B 672 35.28 -27.01 -0.12
N ASP B 673 35.97 -26.14 0.65
CA ASP B 673 37.11 -26.54 1.47
C ASP B 673 36.82 -26.31 2.95
N ARG B 674 35.61 -25.86 3.32
CA ARG B 674 35.27 -25.62 4.72
C ARG B 674 33.95 -26.31 5.04
N ASP B 675 33.85 -26.91 6.22
CA ASP B 675 32.59 -27.42 6.72
C ASP B 675 31.58 -26.27 6.80
N GLY B 676 30.29 -26.55 6.59
CA GLY B 676 29.31 -25.48 6.74
C GLY B 676 27.88 -26.01 6.67
N ASP B 677 26.95 -25.20 7.18
CA ASP B 677 25.53 -25.51 7.09
C ASP B 677 24.95 -24.75 5.91
N GLU B 678 24.09 -25.45 5.14
CA GLU B 678 23.31 -24.87 4.07
C GLU B 678 21.86 -24.92 4.51
N VAL B 679 21.08 -23.89 4.18
CA VAL B 679 19.63 -23.98 4.36
C VAL B 679 19.00 -24.18 2.99
N VAL B 680 18.63 -25.43 2.76
CA VAL B 680 17.98 -25.84 1.53
C VAL B 680 16.53 -25.36 1.57
N GLN B 681 16.09 -24.70 0.51
CA GLN B 681 14.78 -24.06 0.47
C GLN B 681 13.94 -24.62 -0.67
N LEU B 682 12.67 -24.94 -0.37
CA LEU B 682 11.68 -25.45 -1.29
C LEU B 682 10.66 -24.35 -1.57
N TYR B 683 10.55 -23.98 -2.85
CA TYR B 683 9.56 -23.02 -3.31
C TYR B 683 8.58 -23.77 -4.21
N ILE B 684 7.31 -23.36 -4.16
CA ILE B 684 6.28 -23.90 -5.02
C ILE B 684 5.67 -22.76 -5.81
N GLY B 685 5.39 -23.03 -7.08
CA GLY B 685 4.72 -22.09 -7.94
C GLY B 685 3.45 -22.71 -8.53
N ARG B 686 2.49 -21.87 -8.90
CA ARG B 686 1.27 -22.36 -9.51
C ARG B 686 0.81 -21.33 -10.51
N GLU B 687 0.48 -21.81 -11.70
CA GLU B 687 -0.24 -21.03 -12.69
C GLU B 687 -1.54 -21.75 -13.06
N PHE B 688 -2.47 -21.01 -13.69
CA PHE B 688 -3.74 -21.56 -14.16
C PHE B 688 -4.50 -22.21 -13.02
N ALA B 689 -4.49 -21.54 -11.85
CA ALA B 689 -5.53 -21.69 -10.86
C ALA B 689 -6.68 -20.76 -11.25
N SER B 690 -7.77 -20.78 -10.48
CA SER B 690 -8.90 -19.92 -10.78
C SER B 690 -8.72 -18.49 -10.27
N VAL B 691 -7.69 -18.31 -9.46
CA VAL B 691 -7.24 -17.02 -8.95
C VAL B 691 -5.73 -16.94 -9.24
N THR B 692 -5.14 -15.75 -9.14
CA THR B 692 -3.71 -15.63 -9.36
C THR B 692 -3.01 -16.21 -8.15
N ARG B 693 -1.80 -16.74 -8.39
CA ARG B 693 -1.03 -17.34 -7.35
C ARG B 693 0.41 -16.85 -7.43
N PRO B 694 1.19 -16.90 -6.33
CA PRO B 694 2.63 -16.56 -6.41
C PRO B 694 3.33 -17.37 -7.48
N VAL B 695 4.24 -16.68 -8.18
CA VAL B 695 5.16 -17.32 -9.09
C VAL B 695 6.02 -18.34 -8.32
N LYS B 696 6.42 -17.96 -7.12
CA LYS B 696 7.13 -18.85 -6.22
C LYS B 696 6.82 -18.42 -4.79
N GLU B 697 6.71 -19.42 -3.92
CA GLU B 697 6.43 -19.15 -2.52
C GLU B 697 7.06 -20.25 -1.66
N LEU B 698 7.68 -19.85 -0.55
CA LEU B 698 8.32 -20.83 0.32
C LEU B 698 7.30 -21.81 0.89
N LYS B 699 7.59 -23.12 0.80
CA LYS B 699 6.74 -24.19 1.32
C LYS B 699 7.54 -25.23 2.12
N GLY B 700 8.85 -25.06 2.26
CA GLY B 700 9.62 -25.99 3.06
C GLY B 700 11.07 -25.57 3.10
N PHE B 701 11.80 -26.14 4.07
CA PHE B 701 13.22 -25.81 4.19
C PHE B 701 13.88 -26.78 5.17
N LYS B 702 15.20 -26.89 5.05
CA LYS B 702 15.96 -27.65 6.01
C LYS B 702 17.39 -27.13 6.11
N ARG B 703 17.80 -26.83 7.34
CA ARG B 703 19.18 -26.59 7.65
C ARG B 703 19.92 -27.92 7.67
N VAL B 704 20.99 -28.02 6.87
CA VAL B 704 21.73 -29.28 6.69
C VAL B 704 23.20 -29.00 6.92
N SER B 705 23.84 -29.78 7.82
CA SER B 705 25.28 -29.68 8.08
C SER B 705 26.03 -30.58 7.12
N LEU B 706 27.04 -30.02 6.45
CA LEU B 706 27.86 -30.77 5.52
C LEU B 706 29.33 -30.46 5.78
N LYS B 707 30.10 -31.52 6.08
CA LYS B 707 31.54 -31.40 6.07
C LYS B 707 32.00 -31.15 4.65
N ALA B 708 33.22 -30.58 4.49
CA ALA B 708 33.78 -30.43 3.17
C ALA B 708 33.75 -31.79 2.49
N LYS B 709 33.30 -31.83 1.25
CA LYS B 709 33.19 -33.03 0.41
C LYS B 709 32.12 -34.02 0.90
N GLU B 710 31.28 -33.66 1.89
CA GLU B 710 30.18 -34.52 2.27
C GLU B 710 28.97 -34.25 1.38
N LYS B 711 28.24 -35.33 1.01
CA LYS B 711 26.98 -35.26 0.28
C LYS B 711 25.87 -35.92 1.10
N LYS B 712 24.72 -35.25 1.17
CA LYS B 712 23.50 -35.81 1.76
C LYS B 712 22.31 -35.63 0.81
N THR B 713 21.27 -36.44 1.07
CA THR B 713 19.97 -36.30 0.44
C THR B 713 19.03 -35.56 1.39
N VAL B 714 18.41 -34.49 0.91
CA VAL B 714 17.40 -33.76 1.66
C VAL B 714 16.05 -34.15 1.06
N VAL B 715 15.10 -34.49 1.94
CA VAL B 715 13.79 -34.98 1.59
C VAL B 715 12.71 -34.06 2.15
N PHE B 716 11.79 -33.67 1.27
CA PHE B 716 10.61 -32.91 1.67
C PHE B 716 9.36 -33.74 1.35
N ARG B 717 8.53 -33.97 2.37
CA ARG B 717 7.24 -34.60 2.19
C ARG B 717 6.17 -33.50 2.19
N LEU B 718 5.48 -33.37 1.05
CA LEU B 718 4.56 -32.29 0.76
C LEU B 718 3.15 -32.87 0.55
N HIS B 719 2.30 -32.71 1.56
CA HIS B 719 0.86 -33.04 1.48
C HIS B 719 0.15 -31.93 0.70
N MET B 720 -0.82 -32.27 -0.14
CA MET B 720 -1.54 -31.27 -0.93
C MET B 720 -2.27 -30.28 -0.03
N ASP B 721 -2.65 -30.68 1.18
CA ASP B 721 -3.24 -29.73 2.13
C ASP B 721 -2.40 -28.46 2.27
N VAL B 722 -1.07 -28.61 2.25
CA VAL B 722 -0.14 -27.51 2.45
C VAL B 722 -0.23 -26.46 1.34
N LEU B 723 -0.73 -26.86 0.17
CA LEU B 723 -0.81 -25.99 -0.99
C LEU B 723 -2.15 -25.29 -1.13
N ALA B 724 -3.09 -25.52 -0.21
CA ALA B 724 -4.43 -24.97 -0.37
C ALA B 724 -4.41 -23.46 -0.39
N TYR B 725 -5.31 -22.88 -1.22
CA TYR B 725 -5.46 -21.43 -1.35
C TYR B 725 -6.93 -21.07 -1.50
N TYR B 726 -7.27 -19.80 -1.31
CA TYR B 726 -8.67 -19.37 -1.38
C TYR B 726 -9.06 -19.02 -2.81
N ASN B 727 -10.23 -19.53 -3.21
CA ASN B 727 -10.72 -19.33 -4.56
C ASN B 727 -11.58 -18.06 -4.64
N ARG B 728 -12.26 -17.88 -5.79
CA ARG B 728 -13.04 -16.68 -6.01
C ARG B 728 -14.18 -16.50 -5.02
N ASP B 729 -14.66 -17.62 -4.45
CA ASP B 729 -15.76 -17.61 -3.52
C ASP B 729 -15.29 -17.69 -2.07
N MET B 730 -13.98 -17.52 -1.84
CA MET B 730 -13.40 -17.55 -0.53
C MET B 730 -13.47 -18.92 0.08
N LYS B 731 -13.44 -19.95 -0.76
CA LYS B 731 -13.32 -21.33 -0.30
C LYS B 731 -11.86 -21.76 -0.40
N LEU B 732 -11.41 -22.52 0.62
CA LEU B 732 -10.08 -23.06 0.58
C LEU B 732 -10.07 -24.31 -0.30
N VAL B 733 -9.24 -24.32 -1.35
CA VAL B 733 -9.28 -25.37 -2.35
C VAL B 733 -7.90 -25.86 -2.72
N VAL B 734 -7.88 -27.07 -3.30
CA VAL B 734 -6.79 -27.52 -4.13
C VAL B 734 -7.41 -27.85 -5.48
N GLU B 735 -6.97 -27.18 -6.55
CA GLU B 735 -7.51 -27.41 -7.89
C GLU B 735 -6.53 -28.25 -8.68
N PRO B 736 -7.05 -29.12 -9.57
CA PRO B 736 -6.16 -29.85 -10.47
C PRO B 736 -5.36 -28.89 -11.33
N GLY B 737 -4.18 -29.37 -11.76
CA GLY B 737 -3.22 -28.59 -12.51
C GLY B 737 -1.81 -28.91 -12.09
N GLU B 738 -0.87 -28.10 -12.57
CA GLU B 738 0.55 -28.36 -12.35
C GLU B 738 1.08 -27.46 -11.24
N PHE B 739 1.88 -28.01 -10.34
CA PHE B 739 2.64 -27.24 -9.38
C PHE B 739 4.12 -27.31 -9.74
N LYS B 740 4.79 -26.15 -9.74
CA LYS B 740 6.21 -26.09 -10.01
C LYS B 740 6.98 -26.23 -8.71
N VAL B 741 8.02 -27.08 -8.74
CA VAL B 741 8.90 -27.32 -7.62
C VAL B 741 10.24 -26.66 -7.92
N MET B 742 10.70 -25.82 -6.98
CA MET B 742 11.96 -25.08 -7.14
C MET B 742 12.74 -25.23 -5.85
N VAL B 743 13.95 -25.82 -5.93
CA VAL B 743 14.76 -26.05 -4.76
C VAL B 743 16.07 -25.27 -4.94
N GLY B 744 16.47 -24.52 -3.92
CA GLY B 744 17.67 -23.71 -4.04
C GLY B 744 18.19 -23.14 -2.72
N SER B 745 19.17 -22.27 -2.85
CA SER B 745 19.98 -21.73 -1.77
C SER B 745 19.43 -20.36 -1.35
N SER B 746 18.57 -19.76 -2.19
CA SER B 746 17.77 -18.58 -1.83
C SER B 746 16.54 -18.59 -2.75
N SER B 747 15.64 -17.62 -2.57
CA SER B 747 14.48 -17.51 -3.44
C SER B 747 14.87 -17.15 -4.87
N GLU B 748 16.07 -16.58 -5.07
CA GLU B 748 16.57 -16.29 -6.41
C GLU B 748 17.56 -17.32 -6.90
N ASP B 749 18.38 -17.86 -5.98
CA ASP B 749 19.39 -18.85 -6.33
C ASP B 749 18.77 -20.25 -6.35
N ILE B 750 17.84 -20.44 -7.30
CA ILE B 750 17.15 -21.70 -7.53
C ILE B 750 18.13 -22.60 -8.30
N ARG B 751 18.30 -23.80 -7.77
CA ARG B 751 19.28 -24.74 -8.32
C ARG B 751 18.62 -25.78 -9.24
N LEU B 752 17.45 -26.32 -8.84
CA LEU B 752 16.82 -27.42 -9.55
C LEU B 752 15.32 -27.15 -9.62
N THR B 753 14.73 -27.40 -10.79
N THR B 753 14.70 -27.27 -10.80
CA THR B 753 13.30 -27.22 -10.96
CA THR B 753 13.24 -27.16 -10.88
C THR B 753 12.71 -28.48 -11.59
C THR B 753 12.63 -28.29 -11.69
N GLY B 754 11.43 -28.67 -11.25
CA GLY B 754 10.62 -29.68 -11.91
C GLY B 754 9.16 -29.41 -11.55
N SER B 755 8.30 -30.39 -11.81
CA SER B 755 6.87 -30.17 -11.54
C SER B 755 6.17 -31.49 -11.34
N PHE B 756 5.02 -31.42 -10.68
CA PHE B 756 4.07 -32.52 -10.61
C PHE B 756 2.68 -31.96 -10.87
N SER B 757 1.70 -32.86 -11.08
CA SER B 757 0.33 -32.48 -11.33
C SER B 757 -0.59 -33.06 -10.27
N VAL B 758 -1.57 -32.23 -9.91
CA VAL B 758 -2.75 -32.67 -9.19
C VAL B 758 -3.78 -33.04 -10.26
N VAL B 759 -4.32 -34.27 -10.10
N VAL B 759 -4.32 -34.27 -10.10
CA VAL B 759 -5.29 -34.83 -11.03
CA VAL B 759 -5.27 -34.84 -11.04
C VAL B 759 -6.54 -35.22 -10.25
C VAL B 759 -6.53 -35.24 -10.26
N GLY B 760 -7.69 -34.82 -10.78
CA GLY B 760 -8.98 -35.13 -10.16
C GLY B 760 -9.81 -33.87 -10.01
N GLU B 761 -11.00 -34.01 -9.44
CA GLU B 761 -11.91 -32.89 -9.31
C GLU B 761 -11.40 -31.93 -8.23
N LYS B 762 -11.64 -30.64 -8.42
CA LYS B 762 -11.34 -29.65 -7.41
C LYS B 762 -11.83 -30.14 -6.05
N ARG B 763 -11.02 -29.88 -5.04
CA ARG B 763 -11.27 -30.25 -3.68
C ARG B 763 -11.45 -29.00 -2.82
N GLU B 764 -12.58 -28.94 -2.12
CA GLU B 764 -12.70 -27.98 -1.03
C GLU B 764 -12.08 -28.62 0.20
N VAL B 765 -11.11 -27.89 0.77
CA VAL B 765 -10.37 -28.35 1.91
C VAL B 765 -11.16 -27.96 3.14
N VAL B 766 -11.78 -28.93 3.80
CA VAL B 766 -12.61 -28.61 4.95
C VAL B 766 -12.03 -29.26 6.20
N GLY B 767 -12.30 -28.60 7.32
CA GLY B 767 -11.88 -29.05 8.65
C GLY B 767 -10.36 -29.01 8.80
N MET B 768 -9.82 -29.90 9.61
CA MET B 768 -8.40 -29.88 9.89
C MET B 768 -7.66 -30.31 8.63
N ARG B 769 -6.47 -29.68 8.46
CA ARG B 769 -5.62 -29.96 7.31
C ARG B 769 -4.18 -29.74 7.74
N LYS B 770 -3.24 -30.34 7.01
CA LYS B 770 -1.84 -30.11 7.27
C LYS B 770 -1.40 -28.71 6.85
N PHE B 771 -0.50 -28.10 7.64
CA PHE B 771 0.04 -26.78 7.38
C PHE B 771 1.46 -26.79 6.80
N PHE B 772 2.26 -27.78 7.18
CA PHE B 772 3.70 -27.75 6.91
C PHE B 772 4.18 -28.98 6.15
N THR B 773 5.23 -28.77 5.36
CA THR B 773 6.00 -29.87 4.80
C THR B 773 6.86 -30.45 5.92
N GLU B 774 7.17 -31.74 5.79
CA GLU B 774 8.15 -32.37 6.70
C GLU B 774 9.46 -32.49 5.94
N ALA B 775 10.57 -32.23 6.62
CA ALA B 775 11.89 -32.31 5.99
C ALA B 775 12.77 -33.26 6.77
N CYS B 776 13.58 -34.03 6.07
CA CYS B 776 14.58 -34.84 6.75
C CYS B 776 15.78 -35.07 5.83
N GLU B 777 16.78 -35.76 6.35
CA GLU B 777 17.98 -36.10 5.60
C GLU B 777 18.12 -37.61 5.51
N GLU B 778 18.63 -38.12 4.37
CA GLU B 778 18.91 -39.53 4.12
C GLU B 778 20.37 -39.66 3.71
O1 XYP C . 3.36 8.90 25.37
C1 XYP C . 2.88 7.65 25.75
C2 XYP C . 1.78 7.24 24.77
C3 XYP C . 1.28 5.85 25.16
C4 XYP C . 2.46 4.87 25.11
C5 XYP C . 3.62 5.38 26.00
O2 XYP C . 0.68 8.15 24.75
O3 XYP C . 0.26 5.44 24.25
O4 XYP C . 1.95 3.63 25.59
O5 XYP C . 3.97 6.73 25.68
H1 XYP C . 2.52 7.70 26.66
H2 XYP C . 2.16 7.20 23.87
H3 XYP C . 0.91 5.88 26.07
H4 XYP C . 2.78 4.78 24.19
H51 XYP C . 4.40 4.80 25.85
H52 XYP C . 3.35 5.32 26.93
C1 XYP C . 2.57 2.45 25.13
C2 XYP C . 2.75 1.48 26.30
C3 XYP C . 3.20 0.14 25.78
C4 XYP C . 2.46 -0.44 24.58
C5 XYP C . 2.31 0.69 23.55
O2 XYP C . 3.73 1.99 27.23
O3 XYP C . 3.13 -0.80 26.83
O4 XYP C . 3.11 -1.59 23.99
O5 XYP C . 1.72 1.88 24.11
H1 XYP C . 3.46 2.68 24.75
H2 XYP C . 1.89 1.38 26.75
H3 XYP C . 4.16 0.23 25.53
H4 XYP C . 1.56 -0.69 24.88
H51 XYP C . 3.19 0.91 23.17
H52 XYP C . 1.73 0.37 22.81
C1 XYP C . 2.54 -2.86 24.07
C2 XYP C . 2.95 -3.76 22.88
C3 XYP C . 2.82 -5.27 23.16
C4 XYP C . 3.37 -5.57 24.53
C5 XYP C . 2.64 -4.69 25.54
O2 XYP C . 2.20 -3.49 21.69
O3 XYP C . 3.52 -6.01 22.15
O4 XYP C . 3.27 -6.96 24.82
O5 XYP C . 3.01 -3.31 25.33
H1 XYP C . 1.56 -2.77 24.09
H2 XYP C . 3.89 -3.59 22.67
H3 XYP C . 1.86 -5.52 23.14
H4 XYP C . 4.33 -5.33 24.55
H51 XYP C . 2.89 -4.97 26.46
H52 XYP C . 1.66 -4.79 25.43
O1 XYP D . -7.55 4.00 -23.17
C1 XYP D . -6.29 3.41 -23.02
C2 XYP D . -6.15 2.84 -21.64
C3 XYP D . -4.80 2.24 -21.52
C4 XYP D . -4.41 1.30 -22.65
C5 XYP D . -4.88 1.74 -24.00
O2 XYP D . -6.28 3.92 -20.72
O3 XYP D . -4.68 1.55 -20.26
O4 XYP D . -2.98 1.24 -22.90
O5 XYP D . -6.19 2.32 -23.97
H1 XYP D . -5.58 4.08 -23.20
H2 XYP D . -6.83 2.16 -21.46
H3 XYP D . -4.14 2.99 -21.51
H4 XYP D . -4.75 0.39 -22.47
H51 XYP D . -4.26 2.39 -24.38
H52 XYP D . -4.91 0.97 -24.61
HO3 XYP D . -5.09 0.84 -20.30
C1 XYP D . -2.42 0.04 -23.43
C2 XYP D . -1.68 0.27 -24.74
C3 XYP D . -0.86 -0.86 -25.31
C4 XYP D . 0.03 -1.43 -24.19
C5 XYP D . -0.82 -1.73 -22.95
O2 XYP D . -2.63 0.63 -25.73
O3 XYP D . -0.12 -0.37 -26.45
O4 XYP D . 0.64 -2.70 -24.51
O5 XYP D . -1.50 -0.54 -22.48
H1 XYP D . -3.16 -0.60 -23.60
H2 XYP D . -1.08 1.05 -24.61
H3 XYP D . -1.48 -1.56 -25.62
H4 XYP D . 0.72 -0.77 -23.96
H51 XYP D . -0.23 -2.06 -22.22
H52 XYP D . -1.48 -2.43 -23.15
C1 XYP D . 2.03 -2.78 -24.31
C2 XYP D . 2.27 -4.29 -24.29
C3 XYP D . 3.76 -4.51 -24.17
C4 XYP D . 4.48 -3.79 -25.32
C5 XYP D . 4.17 -2.30 -25.26
O2 XYP D . 1.61 -4.86 -23.15
O3 XYP D . 4.08 -5.90 -24.12
O4 XYP D . 5.90 -4.03 -25.17
O5 XYP D . 2.75 -2.05 -25.34
H1 XYP D . 2.24 -2.41 -23.43
H2 XYP D . 1.93 -4.69 -25.12
H3 XYP D . 4.06 -4.11 -23.32
H4 XYP D . 4.17 -4.16 -26.19
H51 XYP D . 4.51 -1.93 -24.43
H52 XYP D . 4.61 -1.85 -26.01
C1 XYP D . 6.67 -3.74 -26.29
C2 XYP D . 7.47 -2.46 -26.02
C3 XYP D . 8.54 -2.20 -27.09
C4 XYP D . 9.38 -3.46 -27.33
C5 XYP D . 8.43 -4.60 -27.65
O2 XYP D . 6.60 -1.34 -26.08
O3 XYP D . 9.35 -1.10 -26.70
O4 XYP D . 10.25 -3.31 -28.46
O5 XYP D . 7.54 -4.85 -26.54
H1 XYP D . 6.08 -3.58 -27.07
H2 XYP D . 7.89 -2.51 -25.13
H3 XYP D . 8.08 -1.97 -27.93
H4 XYP D . 9.90 -3.68 -26.53
H51 XYP D . 8.94 -5.42 -27.83
H52 XYP D . 7.90 -4.38 -28.45
C1 MPD E . -13.76 -8.88 -6.00
C2 MPD E . -14.34 -7.56 -5.57
O2 MPD E . -15.59 -7.29 -6.26
CM MPD E . -13.39 -6.45 -5.98
C3 MPD E . -14.59 -7.54 -4.05
C4 MPD E . -14.64 -6.14 -3.50
O4 MPD E . -15.92 -5.62 -3.84
C5 MPD E . -14.37 -5.86 -2.05
H11 MPD E . -13.67 -9.47 -5.23
H12 MPD E . -12.88 -8.73 -6.40
H13 MPD E . -14.35 -9.30 -6.64
HM1 MPD E . -12.64 -6.41 -5.35
HM2 MPD E . -13.86 -5.59 -5.99
HM3 MPD E . -13.05 -6.64 -6.87
H31 MPD E . -13.87 -8.04 -3.61
H32 MPD E . -15.44 -7.99 -3.86
H4 MPD E . -13.98 -5.58 -3.99
HO4 MPD E . -16.55 -6.18 -3.55
H51 MPD E . -15.19 -5.55 -1.62
H52 MPD E . -13.68 -5.19 -1.97
H53 MPD E . -14.08 -6.69 -1.62
C1 MPD F . -12.74 -9.62 10.04
C2 MPD F . -12.45 -8.36 9.24
O2 MPD F . -11.05 -8.09 9.44
CM MPD F . -13.14 -7.15 9.76
C3 MPD F . -12.71 -8.53 7.74
C4 MPD F . -11.65 -9.40 7.17
O4 MPD F . -11.88 -10.71 7.74
C5 MPD F . -11.56 -9.45 5.68
H11 MPD F . -13.46 -10.12 9.60
H12 MPD F . -13.03 -9.37 10.94
H13 MPD F . -11.94 -10.16 10.10
HM1 MPD F . -13.71 -6.77 9.06
HM2 MPD F . -12.49 -6.48 10.03
HM3 MPD F . -13.70 -7.39 10.52
H31 MPD F . -12.69 -7.65 7.30
H32 MPD F . -13.59 -8.93 7.59
H4 MPD F . -10.76 -9.09 7.51
HO4 MPD F . -12.58 -11.04 7.42
H51 MPD F . -11.78 -10.34 5.36
H52 MPD F . -10.65 -9.24 5.41
H53 MPD F . -12.17 -8.80 5.29
#